data_1AU0
# 
_entry.id   1AU0 
# 
_audit_conform.dict_name       mmcif_pdbx.dic 
_audit_conform.dict_version    5.397 
_audit_conform.dict_location   http://mmcif.pdb.org/dictionaries/ascii/mmcif_pdbx.dic 
# 
loop_
_database_2.database_id 
_database_2.database_code 
_database_2.pdbx_database_accession 
_database_2.pdbx_DOI 
PDB   1AU0         pdb_00001au0 10.2210/pdb1au0/pdb 
WWPDB D_1000171256 ?            ?                   
# 
loop_
_pdbx_audit_revision_history.ordinal 
_pdbx_audit_revision_history.data_content_type 
_pdbx_audit_revision_history.major_revision 
_pdbx_audit_revision_history.minor_revision 
_pdbx_audit_revision_history.revision_date 
1 'Structure model' 1 0 1998-10-14 
2 'Structure model' 1 1 2008-03-03 
3 'Structure model' 1 2 2011-07-13 
4 'Structure model' 1 3 2018-03-07 
5 'Structure model' 1 4 2023-08-02 
6 'Structure model' 1 5 2024-10-30 
# 
_pdbx_audit_revision_details.ordinal             1 
_pdbx_audit_revision_details.revision_ordinal    1 
_pdbx_audit_revision_details.data_content_type   'Structure model' 
_pdbx_audit_revision_details.provider            repository 
_pdbx_audit_revision_details.type                'Initial release' 
_pdbx_audit_revision_details.description         ? 
_pdbx_audit_revision_details.details             ? 
# 
loop_
_pdbx_audit_revision_group.ordinal 
_pdbx_audit_revision_group.revision_ordinal 
_pdbx_audit_revision_group.data_content_type 
_pdbx_audit_revision_group.group 
1 2 'Structure model' 'Version format compliance' 
2 3 'Structure model' 'Version format compliance' 
3 4 'Structure model' 'Data collection'           
4 4 'Structure model' Other                       
5 5 'Structure model' 'Database references'       
6 5 'Structure model' 'Derived calculations'      
7 5 'Structure model' 'Refinement description'    
8 6 'Structure model' 'Data collection'           
9 6 'Structure model' 'Structure summary'         
# 
loop_
_pdbx_audit_revision_category.ordinal 
_pdbx_audit_revision_category.revision_ordinal 
_pdbx_audit_revision_category.data_content_type 
_pdbx_audit_revision_category.category 
1  4 'Structure model' diffrn_source                 
2  4 'Structure model' pdbx_database_status          
3  5 'Structure model' database_2                    
4  5 'Structure model' pdbx_initial_refinement_model 
5  5 'Structure model' struct_conn                   
6  5 'Structure model' struct_site                   
7  6 'Structure model' chem_comp_atom                
8  6 'Structure model' chem_comp_bond                
9  6 'Structure model' pdbx_entry_details            
10 6 'Structure model' pdbx_modification_feature     
# 
loop_
_pdbx_audit_revision_item.ordinal 
_pdbx_audit_revision_item.revision_ordinal 
_pdbx_audit_revision_item.data_content_type 
_pdbx_audit_revision_item.item 
1  4 'Structure model' '_diffrn_source.source'               
2  4 'Structure model' '_pdbx_database_status.process_site'  
3  5 'Structure model' '_database_2.pdbx_DOI'                
4  5 'Structure model' '_database_2.pdbx_database_accession' 
5  5 'Structure model' '_struct_conn.pdbx_leaving_atom_flag' 
6  5 'Structure model' '_struct_conn.ptnr1_auth_comp_id'     
7  5 'Structure model' '_struct_conn.ptnr1_auth_seq_id'      
8  5 'Structure model' '_struct_conn.ptnr1_label_asym_id'    
9  5 'Structure model' '_struct_conn.ptnr1_label_atom_id'    
10 5 'Structure model' '_struct_conn.ptnr1_label_comp_id'    
11 5 'Structure model' '_struct_conn.ptnr1_label_seq_id'     
12 5 'Structure model' '_struct_conn.ptnr2_auth_comp_id'     
13 5 'Structure model' '_struct_conn.ptnr2_auth_seq_id'      
14 5 'Structure model' '_struct_conn.ptnr2_label_asym_id'    
15 5 'Structure model' '_struct_conn.ptnr2_label_atom_id'    
16 5 'Structure model' '_struct_conn.ptnr2_label_comp_id'    
17 5 'Structure model' '_struct_conn.ptnr2_label_seq_id'     
18 5 'Structure model' '_struct_site.pdbx_auth_asym_id'      
19 5 'Structure model' '_struct_site.pdbx_auth_comp_id'      
20 5 'Structure model' '_struct_site.pdbx_auth_seq_id'       
# 
_pdbx_database_status.status_code                     REL 
_pdbx_database_status.entry_id                        1AU0 
_pdbx_database_status.recvd_initial_deposition_date   1997-09-09 
_pdbx_database_status.deposit_site                    ? 
_pdbx_database_status.process_site                    BNL 
_pdbx_database_status.SG_entry                        . 
_pdbx_database_status.pdb_format_compatible           Y 
_pdbx_database_status.status_code_mr                  ? 
_pdbx_database_status.status_code_sf                  ? 
_pdbx_database_status.status_code_cs                  ? 
_pdbx_database_status.methods_development_category    ? 
_pdbx_database_status.status_code_nmr_data            ? 
# 
loop_
_audit_author.name 
_audit_author.pdbx_ordinal 
'Zhao, B.'           1 
'Smith, W.W.'        2 
'Janson, C.A.'       3 
'Abdel-Meguid, S.S.' 4 
# 
_citation.id                        primary 
_citation.title                     'Structure and Design of Potent and Selective Cathepsin K Inhibitors' 
_citation.journal_abbrev            J.Am.Chem.Soc. 
_citation.journal_volume            119 
_citation.page_first                11351 
_citation.page_last                 11352 
_citation.year                      1997 
_citation.journal_id_ASTM           JACSAT 
_citation.country                   US 
_citation.journal_id_ISSN           0002-7863 
_citation.journal_id_CSD            0004 
_citation.book_publisher            ? 
_citation.pdbx_database_id_PubMed   -1 
_citation.pdbx_database_id_DOI      ? 
# 
loop_
_citation_author.citation_id 
_citation_author.name 
_citation_author.ordinal 
_citation_author.identifier_ORCID 
primary 'Yamashita, D.S.'  1  ? 
primary 'Smith, W.W.'      2  ? 
primary 'Zhao, B.'         3  ? 
primary 'Janson, C.A.'     4  ? 
primary 'Tomaszek, T.A.'   5  ? 
primary 'Bossard, M.J.'    6  ? 
primary 'Levy, M.A.'       7  ? 
primary 'Oh, H.-J.'        8  ? 
primary 'Carr, T.J.'       9  ? 
primary 'Thompson, S.K.'   10 ? 
primary 'Ijames, C.F.'     11 ? 
primary 'Carr, S.A.'       12 ? 
primary 'Mcqueney, M.'     13 ? 
primary 
;D'Alessio, K.J.
;
14 ? 
primary 'Amegadzie, B.Y.'  15 ? 
primary 'Hanning, C.R.'    16 ? 
primary 'Abdel-Meguid, S.' 17 ? 
primary 'Desjarlais, R.L.' 18 ? 
primary 'Gleason, J.G.'    19 ? 
primary 'Veber, D.F.'      20 ? 
# 
loop_
_entity.id 
_entity.type 
_entity.src_method 
_entity.pdbx_description 
_entity.formula_weight 
_entity.pdbx_number_of_molecules 
_entity.pdbx_ec 
_entity.pdbx_mutation 
_entity.pdbx_fragment 
_entity.details 
1 polymer     man 'CATHEPSIN K'                                                      23523.480 1  3.4.22.38 ? ? 
'INHIBITOR COVALENTLY BOUND TO ACTIVE SITE CYS 25' 
2 non-polymer syn '1,3-BIS[[N-[(PHENYLMETHOXY)CARBONYL]-L-LEUCYL]AMINO]-2-PROPANONE' 582.688   1  ?         ? ? ? 
3 water       nat water                                                              18.015    65 ?         ? ? ? 
# 
_entity_poly.entity_id                      1 
_entity_poly.type                           'polypeptide(L)' 
_entity_poly.nstd_linkage                   no 
_entity_poly.nstd_monomer                   no 
_entity_poly.pdbx_seq_one_letter_code       
;APDSVDYRKKGYVTPVKNQGQCGSCWAFSSVGALEGQLKKKTGKLLNLSPQNLVDCVSENDGCGGGYMTNAFQYVQKNRG
IDSEDAYPYVGQEESCMYNPTGKAAKCRGYREIPEGNEKALKRAVARVGPVSVAIDASLTSFQFYSKGVYYDESCNSDNL
NHAVLAVGYGIQKGNKHWIIKNSWGENWGNKGYILMARNKNNACGIANLASFPKM
;
_entity_poly.pdbx_seq_one_letter_code_can   
;APDSVDYRKKGYVTPVKNQGQCGSCWAFSSVGALEGQLKKKTGKLLNLSPQNLVDCVSENDGCGGGYMTNAFQYVQKNRG
IDSEDAYPYVGQEESCMYNPTGKAAKCRGYREIPEGNEKALKRAVARVGPVSVAIDASLTSFQFYSKGVYYDESCNSDNL
NHAVLAVGYGIQKGNKHWIIKNSWGENWGNKGYILMARNKNNACGIANLASFPKM
;
_entity_poly.pdbx_strand_id                 A 
_entity_poly.pdbx_target_identifier         ? 
# 
loop_
_pdbx_entity_nonpoly.entity_id 
_pdbx_entity_nonpoly.name 
_pdbx_entity_nonpoly.comp_id 
2 '1,3-BIS[[N-[(PHENYLMETHOXY)CARBONYL]-L-LEUCYL]AMINO]-2-PROPANONE' SDK 
3 water                                                              HOH 
# 
loop_
_entity_poly_seq.entity_id 
_entity_poly_seq.num 
_entity_poly_seq.mon_id 
_entity_poly_seq.hetero 
1 1   ALA n 
1 2   PRO n 
1 3   ASP n 
1 4   SER n 
1 5   VAL n 
1 6   ASP n 
1 7   TYR n 
1 8   ARG n 
1 9   LYS n 
1 10  LYS n 
1 11  GLY n 
1 12  TYR n 
1 13  VAL n 
1 14  THR n 
1 15  PRO n 
1 16  VAL n 
1 17  LYS n 
1 18  ASN n 
1 19  GLN n 
1 20  GLY n 
1 21  GLN n 
1 22  CYS n 
1 23  GLY n 
1 24  SER n 
1 25  CYS n 
1 26  TRP n 
1 27  ALA n 
1 28  PHE n 
1 29  SER n 
1 30  SER n 
1 31  VAL n 
1 32  GLY n 
1 33  ALA n 
1 34  LEU n 
1 35  GLU n 
1 36  GLY n 
1 37  GLN n 
1 38  LEU n 
1 39  LYS n 
1 40  LYS n 
1 41  LYS n 
1 42  THR n 
1 43  GLY n 
1 44  LYS n 
1 45  LEU n 
1 46  LEU n 
1 47  ASN n 
1 48  LEU n 
1 49  SER n 
1 50  PRO n 
1 51  GLN n 
1 52  ASN n 
1 53  LEU n 
1 54  VAL n 
1 55  ASP n 
1 56  CYS n 
1 57  VAL n 
1 58  SER n 
1 59  GLU n 
1 60  ASN n 
1 61  ASP n 
1 62  GLY n 
1 63  CYS n 
1 64  GLY n 
1 65  GLY n 
1 66  GLY n 
1 67  TYR n 
1 68  MET n 
1 69  THR n 
1 70  ASN n 
1 71  ALA n 
1 72  PHE n 
1 73  GLN n 
1 74  TYR n 
1 75  VAL n 
1 76  GLN n 
1 77  LYS n 
1 78  ASN n 
1 79  ARG n 
1 80  GLY n 
1 81  ILE n 
1 82  ASP n 
1 83  SER n 
1 84  GLU n 
1 85  ASP n 
1 86  ALA n 
1 87  TYR n 
1 88  PRO n 
1 89  TYR n 
1 90  VAL n 
1 91  GLY n 
1 92  GLN n 
1 93  GLU n 
1 94  GLU n 
1 95  SER n 
1 96  CYS n 
1 97  MET n 
1 98  TYR n 
1 99  ASN n 
1 100 PRO n 
1 101 THR n 
1 102 GLY n 
1 103 LYS n 
1 104 ALA n 
1 105 ALA n 
1 106 LYS n 
1 107 CYS n 
1 108 ARG n 
1 109 GLY n 
1 110 TYR n 
1 111 ARG n 
1 112 GLU n 
1 113 ILE n 
1 114 PRO n 
1 115 GLU n 
1 116 GLY n 
1 117 ASN n 
1 118 GLU n 
1 119 LYS n 
1 120 ALA n 
1 121 LEU n 
1 122 LYS n 
1 123 ARG n 
1 124 ALA n 
1 125 VAL n 
1 126 ALA n 
1 127 ARG n 
1 128 VAL n 
1 129 GLY n 
1 130 PRO n 
1 131 VAL n 
1 132 SER n 
1 133 VAL n 
1 134 ALA n 
1 135 ILE n 
1 136 ASP n 
1 137 ALA n 
1 138 SER n 
1 139 LEU n 
1 140 THR n 
1 141 SER n 
1 142 PHE n 
1 143 GLN n 
1 144 PHE n 
1 145 TYR n 
1 146 SER n 
1 147 LYS n 
1 148 GLY n 
1 149 VAL n 
1 150 TYR n 
1 151 TYR n 
1 152 ASP n 
1 153 GLU n 
1 154 SER n 
1 155 CYS n 
1 156 ASN n 
1 157 SER n 
1 158 ASP n 
1 159 ASN n 
1 160 LEU n 
1 161 ASN n 
1 162 HIS n 
1 163 ALA n 
1 164 VAL n 
1 165 LEU n 
1 166 ALA n 
1 167 VAL n 
1 168 GLY n 
1 169 TYR n 
1 170 GLY n 
1 171 ILE n 
1 172 GLN n 
1 173 LYS n 
1 174 GLY n 
1 175 ASN n 
1 176 LYS n 
1 177 HIS n 
1 178 TRP n 
1 179 ILE n 
1 180 ILE n 
1 181 LYS n 
1 182 ASN n 
1 183 SER n 
1 184 TRP n 
1 185 GLY n 
1 186 GLU n 
1 187 ASN n 
1 188 TRP n 
1 189 GLY n 
1 190 ASN n 
1 191 LYS n 
1 192 GLY n 
1 193 TYR n 
1 194 ILE n 
1 195 LEU n 
1 196 MET n 
1 197 ALA n 
1 198 ARG n 
1 199 ASN n 
1 200 LYS n 
1 201 ASN n 
1 202 ASN n 
1 203 ALA n 
1 204 CYS n 
1 205 GLY n 
1 206 ILE n 
1 207 ALA n 
1 208 ASN n 
1 209 LEU n 
1 210 ALA n 
1 211 SER n 
1 212 PHE n 
1 213 PRO n 
1 214 LYS n 
1 215 MET n 
# 
_entity_src_gen.entity_id                          1 
_entity_src_gen.pdbx_src_id                        1 
_entity_src_gen.pdbx_alt_source_flag               sample 
_entity_src_gen.pdbx_seq_type                      ? 
_entity_src_gen.pdbx_beg_seq_num                   ? 
_entity_src_gen.pdbx_end_seq_num                   ? 
_entity_src_gen.gene_src_common_name               human 
_entity_src_gen.gene_src_genus                     Homo 
_entity_src_gen.pdbx_gene_src_gene                 ? 
_entity_src_gen.gene_src_species                   ? 
_entity_src_gen.gene_src_strain                    ? 
_entity_src_gen.gene_src_tissue                    ? 
_entity_src_gen.gene_src_tissue_fraction           ? 
_entity_src_gen.gene_src_details                   ? 
_entity_src_gen.pdbx_gene_src_fragment             ? 
_entity_src_gen.pdbx_gene_src_scientific_name      'Homo sapiens' 
_entity_src_gen.pdbx_gene_src_ncbi_taxonomy_id     9606 
_entity_src_gen.pdbx_gene_src_variant              ? 
_entity_src_gen.pdbx_gene_src_cell_line            SF9 
_entity_src_gen.pdbx_gene_src_atcc                 ? 
_entity_src_gen.pdbx_gene_src_organ                ? 
_entity_src_gen.pdbx_gene_src_organelle            ? 
_entity_src_gen.pdbx_gene_src_cell                 OSTEOCLAST 
_entity_src_gen.pdbx_gene_src_cellular_location    ? 
_entity_src_gen.host_org_common_name               'fall armyworm' 
_entity_src_gen.pdbx_host_org_scientific_name      'Spodoptera frugiperda' 
_entity_src_gen.pdbx_host_org_ncbi_taxonomy_id     7108 
_entity_src_gen.host_org_genus                     Spodoptera 
_entity_src_gen.pdbx_host_org_gene                 ? 
_entity_src_gen.pdbx_host_org_organ                ? 
_entity_src_gen.host_org_species                   ? 
_entity_src_gen.pdbx_host_org_tissue               ? 
_entity_src_gen.pdbx_host_org_tissue_fraction      ? 
_entity_src_gen.pdbx_host_org_strain               ? 
_entity_src_gen.pdbx_host_org_variant              ? 
_entity_src_gen.pdbx_host_org_cell_line            SF9 
_entity_src_gen.pdbx_host_org_atcc                 ? 
_entity_src_gen.pdbx_host_org_culture_collection   ? 
_entity_src_gen.pdbx_host_org_cell                 ? 
_entity_src_gen.pdbx_host_org_organelle            ? 
_entity_src_gen.pdbx_host_org_cellular_location    ? 
_entity_src_gen.pdbx_host_org_vector_type          ? 
_entity_src_gen.pdbx_host_org_vector               BACULOVIRUS 
_entity_src_gen.host_org_details                   ? 
_entity_src_gen.expression_system_id               ? 
_entity_src_gen.plasmid_name                       ? 
_entity_src_gen.plasmid_details                    ? 
_entity_src_gen.pdbx_description                   ? 
# 
loop_
_chem_comp.id 
_chem_comp.type 
_chem_comp.mon_nstd_flag 
_chem_comp.name 
_chem_comp.pdbx_synonyms 
_chem_comp.formula 
_chem_comp.formula_weight 
ALA 'L-peptide linking' y ALANINE                                                            ?                                   
'C3 H7 N O2'     89.093  
ARG 'L-peptide linking' y ARGININE                                                           ?                                   
'C6 H15 N4 O2 1' 175.209 
ASN 'L-peptide linking' y ASPARAGINE                                                         ?                                   
'C4 H8 N2 O3'    132.118 
ASP 'L-peptide linking' y 'ASPARTIC ACID'                                                    ?                                   
'C4 H7 N O4'     133.103 
CYS 'L-peptide linking' y CYSTEINE                                                           ?                                   
'C3 H7 N O2 S'   121.158 
GLN 'L-peptide linking' y GLUTAMINE                                                          ?                                   
'C5 H10 N2 O3'   146.144 
GLU 'L-peptide linking' y 'GLUTAMIC ACID'                                                    ?                                   
'C5 H9 N O4'     147.129 
GLY 'peptide linking'   y GLYCINE                                                            ?                                   
'C2 H5 N O2'     75.067  
HIS 'L-peptide linking' y HISTIDINE                                                          ?                                   
'C6 H10 N3 O2 1' 156.162 
HOH non-polymer         . WATER                                                              ?                                   
'H2 O'           18.015  
ILE 'L-peptide linking' y ISOLEUCINE                                                         ?                                   
'C6 H13 N O2'    131.173 
LEU 'L-peptide linking' y LEUCINE                                                            ?                                   
'C6 H13 N O2'    131.173 
LYS 'L-peptide linking' y LYSINE                                                             ?                                   
'C6 H15 N2 O2 1' 147.195 
MET 'L-peptide linking' y METHIONINE                                                         ?                                   
'C5 H11 N O2 S'  149.211 
PHE 'L-peptide linking' y PHENYLALANINE                                                      ?                                   
'C9 H11 N O2'    165.189 
PRO 'L-peptide linking' y PROLINE                                                            ?                                   
'C5 H9 N O2'     115.130 
SDK non-polymer         . '1,3-BIS[[N-[(PHENYLMETHOXY)CARBONYL]-L-LEUCYL]AMINO]-2-PROPANONE' 'SYMMETRIC DIACYLAMINOETHYL KETONE' 
'C31 H42 N4 O7'  582.688 
SER 'L-peptide linking' y SERINE                                                             ?                                   
'C3 H7 N O3'     105.093 
THR 'L-peptide linking' y THREONINE                                                          ?                                   
'C4 H9 N O3'     119.119 
TRP 'L-peptide linking' y TRYPTOPHAN                                                         ?                                   
'C11 H12 N2 O2'  204.225 
TYR 'L-peptide linking' y TYROSINE                                                           ?                                   
'C9 H11 N O3'    181.189 
VAL 'L-peptide linking' y VALINE                                                             ?                                   
'C5 H11 N O2'    117.146 
# 
loop_
_pdbx_poly_seq_scheme.asym_id 
_pdbx_poly_seq_scheme.entity_id 
_pdbx_poly_seq_scheme.seq_id 
_pdbx_poly_seq_scheme.mon_id 
_pdbx_poly_seq_scheme.ndb_seq_num 
_pdbx_poly_seq_scheme.pdb_seq_num 
_pdbx_poly_seq_scheme.auth_seq_num 
_pdbx_poly_seq_scheme.pdb_mon_id 
_pdbx_poly_seq_scheme.auth_mon_id 
_pdbx_poly_seq_scheme.pdb_strand_id 
_pdbx_poly_seq_scheme.pdb_ins_code 
_pdbx_poly_seq_scheme.hetero 
A 1 1   ALA 1   1   1   ALA ALA A . n 
A 1 2   PRO 2   2   2   PRO PRO A . n 
A 1 3   ASP 3   3   3   ASP ASP A . n 
A 1 4   SER 4   4   4   SER SER A . n 
A 1 5   VAL 5   5   5   VAL VAL A . n 
A 1 6   ASP 6   6   6   ASP ASP A . n 
A 1 7   TYR 7   7   7   TYR TYR A . n 
A 1 8   ARG 8   8   8   ARG ARG A . n 
A 1 9   LYS 9   9   9   LYS LYS A . n 
A 1 10  LYS 10  10  10  LYS LYS A . n 
A 1 11  GLY 11  11  11  GLY GLY A . n 
A 1 12  TYR 12  12  12  TYR TYR A . n 
A 1 13  VAL 13  13  13  VAL VAL A . n 
A 1 14  THR 14  14  14  THR THR A . n 
A 1 15  PRO 15  15  15  PRO PRO A . n 
A 1 16  VAL 16  16  16  VAL VAL A . n 
A 1 17  LYS 17  17  17  LYS LYS A . n 
A 1 18  ASN 18  18  18  ASN ASN A . n 
A 1 19  GLN 19  19  19  GLN GLN A . n 
A 1 20  GLY 20  20  20  GLY GLY A . n 
A 1 21  GLN 21  21  21  GLN GLN A . n 
A 1 22  CYS 22  22  22  CYS CYS A . n 
A 1 23  GLY 23  23  23  GLY GLY A . n 
A 1 24  SER 24  24  24  SER SER A . n 
A 1 25  CYS 25  25  25  CYS CYS A . n 
A 1 26  TRP 26  26  26  TRP TRP A . n 
A 1 27  ALA 27  27  27  ALA ALA A . n 
A 1 28  PHE 28  28  28  PHE PHE A . n 
A 1 29  SER 29  29  29  SER SER A . n 
A 1 30  SER 30  30  30  SER SER A . n 
A 1 31  VAL 31  31  31  VAL VAL A . n 
A 1 32  GLY 32  32  32  GLY GLY A . n 
A 1 33  ALA 33  33  33  ALA ALA A . n 
A 1 34  LEU 34  34  34  LEU LEU A . n 
A 1 35  GLU 35  35  35  GLU GLU A . n 
A 1 36  GLY 36  36  36  GLY GLY A . n 
A 1 37  GLN 37  37  37  GLN GLN A . n 
A 1 38  LEU 38  38  38  LEU LEU A . n 
A 1 39  LYS 39  39  39  LYS LYS A . n 
A 1 40  LYS 40  40  40  LYS LYS A . n 
A 1 41  LYS 41  41  41  LYS LYS A . n 
A 1 42  THR 42  42  42  THR THR A . n 
A 1 43  GLY 43  43  43  GLY GLY A . n 
A 1 44  LYS 44  44  44  LYS LYS A . n 
A 1 45  LEU 45  45  45  LEU LEU A . n 
A 1 46  LEU 46  46  46  LEU LEU A . n 
A 1 47  ASN 47  47  47  ASN ASN A . n 
A 1 48  LEU 48  48  48  LEU LEU A . n 
A 1 49  SER 49  49  49  SER SER A . n 
A 1 50  PRO 50  50  50  PRO PRO A . n 
A 1 51  GLN 51  51  51  GLN GLN A . n 
A 1 52  ASN 52  52  52  ASN ASN A . n 
A 1 53  LEU 53  53  53  LEU LEU A . n 
A 1 54  VAL 54  54  54  VAL VAL A . n 
A 1 55  ASP 55  55  55  ASP ASP A . n 
A 1 56  CYS 56  56  56  CYS CYS A . n 
A 1 57  VAL 57  57  57  VAL VAL A . n 
A 1 58  SER 58  58  58  SER SER A . n 
A 1 59  GLU 59  59  59  GLU GLU A . n 
A 1 60  ASN 60  60  60  ASN ASN A . n 
A 1 61  ASP 61  61  61  ASP ASP A . n 
A 1 62  GLY 62  62  62  GLY GLY A . n 
A 1 63  CYS 63  63  63  CYS CYS A . n 
A 1 64  GLY 64  64  64  GLY GLY A . n 
A 1 65  GLY 65  65  65  GLY GLY A . n 
A 1 66  GLY 66  66  66  GLY GLY A . n 
A 1 67  TYR 67  67  67  TYR TYR A . n 
A 1 68  MET 68  68  68  MET MET A . n 
A 1 69  THR 69  69  69  THR THR A . n 
A 1 70  ASN 70  70  70  ASN ASN A . n 
A 1 71  ALA 71  71  71  ALA ALA A . n 
A 1 72  PHE 72  72  72  PHE PHE A . n 
A 1 73  GLN 73  73  73  GLN GLN A . n 
A 1 74  TYR 74  74  74  TYR TYR A . n 
A 1 75  VAL 75  75  75  VAL VAL A . n 
A 1 76  GLN 76  76  76  GLN GLN A . n 
A 1 77  LYS 77  77  77  LYS LYS A . n 
A 1 78  ASN 78  78  78  ASN ASN A . n 
A 1 79  ARG 79  79  79  ARG ARG A . n 
A 1 80  GLY 80  80  80  GLY GLY A . n 
A 1 81  ILE 81  81  81  ILE ILE A . n 
A 1 82  ASP 82  82  82  ASP ASP A . n 
A 1 83  SER 83  83  83  SER SER A . n 
A 1 84  GLU 84  84  84  GLU GLU A . n 
A 1 85  ASP 85  85  85  ASP ASP A . n 
A 1 86  ALA 86  86  86  ALA ALA A . n 
A 1 87  TYR 87  87  87  TYR TYR A . n 
A 1 88  PRO 88  88  88  PRO PRO A . n 
A 1 89  TYR 89  89  89  TYR TYR A . n 
A 1 90  VAL 90  90  90  VAL VAL A . n 
A 1 91  GLY 91  91  91  GLY GLY A . n 
A 1 92  GLN 92  92  92  GLN GLN A . n 
A 1 93  GLU 93  93  93  GLU GLU A . n 
A 1 94  GLU 94  94  94  GLU GLU A . n 
A 1 95  SER 95  95  95  SER SER A . n 
A 1 96  CYS 96  96  96  CYS CYS A . n 
A 1 97  MET 97  97  97  MET MET A . n 
A 1 98  TYR 98  98  98  TYR TYR A . n 
A 1 99  ASN 99  99  99  ASN ASN A . n 
A 1 100 PRO 100 100 100 PRO PRO A . n 
A 1 101 THR 101 101 101 THR THR A . n 
A 1 102 GLY 102 102 102 GLY GLY A . n 
A 1 103 LYS 103 103 103 LYS LYS A . n 
A 1 104 ALA 104 104 104 ALA ALA A . n 
A 1 105 ALA 105 105 105 ALA ALA A . n 
A 1 106 LYS 106 106 106 LYS LYS A . n 
A 1 107 CYS 107 107 107 CYS CYS A . n 
A 1 108 ARG 108 108 108 ARG ARG A . n 
A 1 109 GLY 109 109 109 GLY GLY A . n 
A 1 110 TYR 110 110 110 TYR TYR A . n 
A 1 111 ARG 111 111 111 ARG ARG A . n 
A 1 112 GLU 112 112 112 GLU GLU A . n 
A 1 113 ILE 113 113 113 ILE ILE A . n 
A 1 114 PRO 114 114 114 PRO PRO A . n 
A 1 115 GLU 115 115 115 GLU GLU A . n 
A 1 116 GLY 116 116 116 GLY GLY A . n 
A 1 117 ASN 117 117 117 ASN ASN A . n 
A 1 118 GLU 118 118 118 GLU GLU A . n 
A 1 119 LYS 119 119 119 LYS LYS A . n 
A 1 120 ALA 120 120 120 ALA ALA A . n 
A 1 121 LEU 121 121 121 LEU LEU A . n 
A 1 122 LYS 122 122 122 LYS LYS A . n 
A 1 123 ARG 123 123 123 ARG ARG A . n 
A 1 124 ALA 124 124 124 ALA ALA A . n 
A 1 125 VAL 125 125 125 VAL VAL A . n 
A 1 126 ALA 126 126 126 ALA ALA A . n 
A 1 127 ARG 127 127 127 ARG ARG A . n 
A 1 128 VAL 128 128 128 VAL VAL A . n 
A 1 129 GLY 129 129 129 GLY GLY A . n 
A 1 130 PRO 130 130 130 PRO PRO A . n 
A 1 131 VAL 131 131 131 VAL VAL A . n 
A 1 132 SER 132 132 132 SER SER A . n 
A 1 133 VAL 133 133 133 VAL VAL A . n 
A 1 134 ALA 134 134 134 ALA ALA A . n 
A 1 135 ILE 135 135 135 ILE ILE A . n 
A 1 136 ASP 136 136 136 ASP ASP A . n 
A 1 137 ALA 137 137 137 ALA ALA A . n 
A 1 138 SER 138 138 138 SER SER A . n 
A 1 139 LEU 139 139 139 LEU LEU A . n 
A 1 140 THR 140 140 140 THR THR A . n 
A 1 141 SER 141 141 141 SER SER A . n 
A 1 142 PHE 142 142 142 PHE PHE A . n 
A 1 143 GLN 143 143 143 GLN GLN A . n 
A 1 144 PHE 144 144 144 PHE PHE A . n 
A 1 145 TYR 145 145 145 TYR TYR A . n 
A 1 146 SER 146 146 146 SER SER A . n 
A 1 147 LYS 147 147 147 LYS LYS A . n 
A 1 148 GLY 148 148 148 GLY GLY A . n 
A 1 149 VAL 149 149 149 VAL VAL A . n 
A 1 150 TYR 150 150 150 TYR TYR A . n 
A 1 151 TYR 151 151 151 TYR TYR A . n 
A 1 152 ASP 152 152 152 ASP ASP A . n 
A 1 153 GLU 153 153 153 GLU GLU A . n 
A 1 154 SER 154 154 154 SER SER A . n 
A 1 155 CYS 155 155 155 CYS CYS A . n 
A 1 156 ASN 156 156 156 ASN ASN A . n 
A 1 157 SER 157 157 157 SER SER A . n 
A 1 158 ASP 158 158 158 ASP ASP A . n 
A 1 159 ASN 159 159 159 ASN ASN A . n 
A 1 160 LEU 160 160 160 LEU LEU A . n 
A 1 161 ASN 161 161 161 ASN ASN A . n 
A 1 162 HIS 162 162 162 HIS HIS A . n 
A 1 163 ALA 163 163 163 ALA ALA A . n 
A 1 164 VAL 164 164 164 VAL VAL A . n 
A 1 165 LEU 165 165 165 LEU LEU A . n 
A 1 166 ALA 166 166 166 ALA ALA A . n 
A 1 167 VAL 167 167 167 VAL VAL A . n 
A 1 168 GLY 168 168 168 GLY GLY A . n 
A 1 169 TYR 169 169 169 TYR TYR A . n 
A 1 170 GLY 170 170 170 GLY GLY A . n 
A 1 171 ILE 171 171 171 ILE ILE A . n 
A 1 172 GLN 172 172 172 GLN GLN A . n 
A 1 173 LYS 173 173 173 LYS LYS A . n 
A 1 174 GLY 174 174 174 GLY GLY A . n 
A 1 175 ASN 175 175 175 ASN ASN A . n 
A 1 176 LYS 176 176 176 LYS LYS A . n 
A 1 177 HIS 177 177 177 HIS HIS A . n 
A 1 178 TRP 178 178 178 TRP TRP A . n 
A 1 179 ILE 179 179 179 ILE ILE A . n 
A 1 180 ILE 180 180 180 ILE ILE A . n 
A 1 181 LYS 181 181 181 LYS LYS A . n 
A 1 182 ASN 182 182 182 ASN ASN A . n 
A 1 183 SER 183 183 183 SER SER A . n 
A 1 184 TRP 184 184 184 TRP TRP A . n 
A 1 185 GLY 185 185 185 GLY GLY A . n 
A 1 186 GLU 186 186 186 GLU GLU A . n 
A 1 187 ASN 187 187 187 ASN ASN A . n 
A 1 188 TRP 188 188 188 TRP TRP A . n 
A 1 189 GLY 189 189 189 GLY GLY A . n 
A 1 190 ASN 190 190 190 ASN ASN A . n 
A 1 191 LYS 191 191 191 LYS LYS A . n 
A 1 192 GLY 192 192 192 GLY GLY A . n 
A 1 193 TYR 193 193 193 TYR TYR A . n 
A 1 194 ILE 194 194 194 ILE ILE A . n 
A 1 195 LEU 195 195 195 LEU LEU A . n 
A 1 196 MET 196 196 196 MET MET A . n 
A 1 197 ALA 197 197 197 ALA ALA A . n 
A 1 198 ARG 198 198 198 ARG ARG A . n 
A 1 199 ASN 199 199 199 ASN ASN A . n 
A 1 200 LYS 200 200 200 LYS LYS A . n 
A 1 201 ASN 201 201 201 ASN ASN A . n 
A 1 202 ASN 202 202 202 ASN ASN A . n 
A 1 203 ALA 203 203 203 ALA ALA A . n 
A 1 204 CYS 204 204 204 CYS CYS A . n 
A 1 205 GLY 205 205 205 GLY GLY A . n 
A 1 206 ILE 206 206 206 ILE ILE A . n 
A 1 207 ALA 207 207 207 ALA ALA A . n 
A 1 208 ASN 208 208 208 ASN ASN A . n 
A 1 209 LEU 209 209 209 LEU LEU A . n 
A 1 210 ALA 210 210 210 ALA ALA A . n 
A 1 211 SER 211 211 211 SER SER A . n 
A 1 212 PHE 212 212 212 PHE PHE A . n 
A 1 213 PRO 213 213 213 PRO PRO A . n 
A 1 214 LYS 214 214 214 LYS LYS A . n 
A 1 215 MET 215 215 215 MET MET A . n 
# 
loop_
_pdbx_nonpoly_scheme.asym_id 
_pdbx_nonpoly_scheme.entity_id 
_pdbx_nonpoly_scheme.mon_id 
_pdbx_nonpoly_scheme.ndb_seq_num 
_pdbx_nonpoly_scheme.pdb_seq_num 
_pdbx_nonpoly_scheme.auth_seq_num 
_pdbx_nonpoly_scheme.pdb_mon_id 
_pdbx_nonpoly_scheme.auth_mon_id 
_pdbx_nonpoly_scheme.pdb_strand_id 
_pdbx_nonpoly_scheme.pdb_ins_code 
B 2 SDK 1  300 300 SDK SDK A . 
C 3 HOH 1  301 301 HOH HOH A . 
C 3 HOH 2  302 302 HOH HOH A . 
C 3 HOH 3  303 303 HOH HOH A . 
C 3 HOH 4  304 304 HOH HOH A . 
C 3 HOH 5  305 305 HOH HOH A . 
C 3 HOH 6  306 306 HOH HOH A . 
C 3 HOH 7  307 307 HOH HOH A . 
C 3 HOH 8  308 308 HOH HOH A . 
C 3 HOH 9  309 309 HOH HOH A . 
C 3 HOH 10 310 310 HOH HOH A . 
C 3 HOH 11 311 311 HOH HOH A . 
C 3 HOH 12 312 312 HOH HOH A . 
C 3 HOH 13 313 313 HOH HOH A . 
C 3 HOH 14 314 314 HOH HOH A . 
C 3 HOH 15 315 315 HOH HOH A . 
C 3 HOH 16 316 316 HOH HOH A . 
C 3 HOH 17 317 317 HOH HOH A . 
C 3 HOH 18 318 318 HOH HOH A . 
C 3 HOH 19 319 319 HOH HOH A . 
C 3 HOH 20 320 320 HOH HOH A . 
C 3 HOH 21 321 321 HOH HOH A . 
C 3 HOH 22 322 322 HOH HOH A . 
C 3 HOH 23 323 323 HOH HOH A . 
C 3 HOH 24 324 324 HOH HOH A . 
C 3 HOH 25 325 325 HOH HOH A . 
C 3 HOH 26 326 326 HOH HOH A . 
C 3 HOH 27 327 327 HOH HOH A . 
C 3 HOH 28 328 328 HOH HOH A . 
C 3 HOH 29 329 329 HOH HOH A . 
C 3 HOH 30 330 330 HOH HOH A . 
C 3 HOH 31 331 331 HOH HOH A . 
C 3 HOH 32 332 332 HOH HOH A . 
C 3 HOH 33 333 333 HOH HOH A . 
C 3 HOH 34 334 334 HOH HOH A . 
C 3 HOH 35 335 335 HOH HOH A . 
C 3 HOH 36 336 336 HOH HOH A . 
C 3 HOH 37 337 337 HOH HOH A . 
C 3 HOH 38 338 338 HOH HOH A . 
C 3 HOH 39 339 339 HOH HOH A . 
C 3 HOH 40 340 340 HOH HOH A . 
C 3 HOH 41 341 341 HOH HOH A . 
C 3 HOH 42 342 342 HOH HOH A . 
C 3 HOH 43 343 343 HOH HOH A . 
C 3 HOH 44 344 344 HOH HOH A . 
C 3 HOH 45 345 345 HOH HOH A . 
C 3 HOH 46 346 346 HOH HOH A . 
C 3 HOH 47 347 347 HOH HOH A . 
C 3 HOH 48 348 348 HOH HOH A . 
C 3 HOH 49 349 349 HOH HOH A . 
C 3 HOH 50 350 350 HOH HOH A . 
C 3 HOH 51 351 351 HOH HOH A . 
C 3 HOH 52 352 352 HOH HOH A . 
C 3 HOH 53 353 353 HOH HOH A . 
C 3 HOH 54 354 354 HOH HOH A . 
C 3 HOH 55 355 355 HOH HOH A . 
C 3 HOH 56 356 356 HOH HOH A . 
C 3 HOH 57 357 357 HOH HOH A . 
C 3 HOH 58 358 358 HOH HOH A . 
C 3 HOH 59 359 359 HOH HOH A . 
C 3 HOH 60 360 360 HOH HOH A . 
C 3 HOH 61 361 361 HOH HOH A . 
C 3 HOH 62 362 362 HOH HOH A . 
C 3 HOH 63 363 363 HOH HOH A . 
C 3 HOH 64 364 364 HOH HOH A . 
C 3 HOH 65 365 365 HOH HOH A . 
# 
loop_
_software.name 
_software.classification 
_software.version 
_software.citation_id 
_software.pdbx_ordinal 
XENGEN 'data collection' .   ? 1 
XENGEN 'data reduction'  .   ? 2 
X-PLOR 'model building'  3.1 ? 3 
X-PLOR refinement        3.1 ? 4 
XENGEN 'data scaling'    .   ? 5 
X-PLOR phasing           3.1 ? 6 
# 
_cell.entry_id           1AU0 
_cell.length_a           57.750 
_cell.length_b           57.750 
_cell.length_c           131.120 
_cell.angle_alpha        90.00 
_cell.angle_beta         90.00 
_cell.angle_gamma        90.00 
_cell.Z_PDB              8 
_cell.pdbx_unique_axis   ? 
# 
_symmetry.entry_id                         1AU0 
_symmetry.space_group_name_H-M             'P 43 21 2' 
_symmetry.pdbx_full_space_group_name_H-M   ? 
_symmetry.cell_setting                     ? 
_symmetry.Int_Tables_number                96 
# 
_exptl.entry_id          1AU0 
_exptl.method            'X-RAY DIFFRACTION' 
_exptl.crystals_number   1 
# 
_exptl_crystal.id                    1 
_exptl_crystal.density_meas          ? 
_exptl_crystal.density_Matthews      2.33 
_exptl_crystal.density_percent_sol   47 
_exptl_crystal.description           ? 
# 
_exptl_crystal_grow.crystal_id      1 
_exptl_crystal_grow.method          ? 
_exptl_crystal_grow.temp            ? 
_exptl_crystal_grow.temp_details    ? 
_exptl_crystal_grow.pH              4.2 
_exptl_crystal_grow.pdbx_pH_range   ? 
_exptl_crystal_grow.pdbx_details    '10% ISOPROPANOL,0.1M NAPO4-CITRATE, PH4.2' 
# 
_diffrn.id                     1 
_diffrn.ambient_temp           293 
_diffrn.ambient_temp_details   ? 
_diffrn.crystal_id             1 
# 
_diffrn_detector.diffrn_id              1 
_diffrn_detector.detector               'AREA DETECTOR' 
_diffrn_detector.type                   SIEMENS 
_diffrn_detector.pdbx_collection_date   1996-12 
_diffrn_detector.details                COLLIMATOR 
# 
_diffrn_radiation.diffrn_id                        1 
_diffrn_radiation.wavelength_id                    1 
_diffrn_radiation.pdbx_monochromatic_or_laue_m_l   M 
_diffrn_radiation.monochromator                    'GRAPHITE(002)' 
_diffrn_radiation.pdbx_diffrn_protocol             ? 
_diffrn_radiation.pdbx_scattering_type             x-ray 
# 
_diffrn_radiation_wavelength.id           1 
_diffrn_radiation_wavelength.wavelength   1.5418 
_diffrn_radiation_wavelength.wt           1.0 
# 
_diffrn_source.diffrn_id                   1 
_diffrn_source.source                      'ROTATING ANODE' 
_diffrn_source.type                        SIEMENS 
_diffrn_source.pdbx_synchrotron_site       ? 
_diffrn_source.pdbx_synchrotron_beamline   ? 
_diffrn_source.pdbx_wavelength             1.5418 
_diffrn_source.pdbx_wavelength_list        ? 
# 
_reflns.entry_id                     1AU0 
_reflns.observed_criterion_sigma_I   2 
_reflns.observed_criterion_sigma_F   ? 
_reflns.d_resolution_low             25. 
_reflns.d_resolution_high            2.6 
_reflns.number_obs                   36083 
_reflns.number_all                   ? 
_reflns.percent_possible_obs         98 
_reflns.pdbx_Rmerge_I_obs            0.089 
_reflns.pdbx_Rsym_value              0.089 
_reflns.pdbx_netI_over_sigmaI        13 
_reflns.B_iso_Wilson_estimate        35.4 
_reflns.pdbx_redundancy              5.0 
_reflns.pdbx_diffrn_id               1 
_reflns.pdbx_ordinal                 1 
# 
_reflns_shell.d_res_high             2.60 
_reflns_shell.d_res_low              2.95 
_reflns_shell.percent_possible_all   96 
_reflns_shell.Rmerge_I_obs           0.27 
_reflns_shell.pdbx_Rsym_value        0.27 
_reflns_shell.meanI_over_sigI_obs    3.6 
_reflns_shell.pdbx_redundancy        4.2 
_reflns_shell.pdbx_diffrn_id         ? 
_reflns_shell.pdbx_ordinal           1 
# 
_refine.entry_id                                 1AU0 
_refine.ls_number_reflns_obs                     6155 
_refine.ls_number_reflns_all                     ? 
_refine.pdbx_ls_sigma_I                          ? 
_refine.pdbx_ls_sigma_F                          2 
_refine.pdbx_data_cutoff_high_absF               1000000 
_refine.pdbx_data_cutoff_low_absF                0.001 
_refine.pdbx_data_cutoff_high_rms_absF           ? 
_refine.ls_d_res_low                             8 
_refine.ls_d_res_high                            2.6 
_refine.ls_percent_reflns_obs                    87.5 
_refine.ls_R_factor_obs                          0.217 
_refine.ls_R_factor_all                          ? 
_refine.ls_R_factor_R_work                       0.217 
_refine.ls_R_factor_R_free                       0.365 
_refine.ls_R_factor_R_free_error                 0.014 
_refine.ls_R_factor_R_free_error_details         ? 
_refine.ls_percent_reflns_R_free                 10.8 
_refine.ls_number_reflns_R_free                  663 
_refine.ls_number_parameters                     ? 
_refine.ls_number_restraints                     ? 
_refine.occupancy_min                            ? 
_refine.occupancy_max                            ? 
_refine.B_iso_mean                               15.0 
_refine.aniso_B[1][1]                            0 
_refine.aniso_B[2][2]                            0 
_refine.aniso_B[3][3]                            0 
_refine.aniso_B[1][2]                            0 
_refine.aniso_B[1][3]                            0 
_refine.aniso_B[2][3]                            0 
_refine.solvent_model_details                    ? 
_refine.solvent_model_param_ksol                 ? 
_refine.solvent_model_param_bsol                 ? 
_refine.pdbx_ls_cross_valid_method               THROUGHOUT 
_refine.details                                  ? 
_refine.pdbx_starting_model                      1ATK 
_refine.pdbx_method_to_determine_struct          MR 
_refine.pdbx_isotropic_thermal_model             OVERALL 
_refine.pdbx_stereochemistry_target_values       ? 
_refine.pdbx_stereochem_target_val_spec_case     ? 
_refine.pdbx_R_Free_selection_details            RANDOM 
_refine.pdbx_overall_ESU_R                       ? 
_refine.pdbx_overall_ESU_R_Free                  ? 
_refine.overall_SU_ML                            ? 
_refine.overall_SU_B                             ? 
_refine.pdbx_refine_id                           'X-RAY DIFFRACTION' 
_refine.pdbx_diffrn_id                           1 
_refine.pdbx_TLS_residual_ADP_flag               ? 
_refine.correlation_coeff_Fo_to_Fc               ? 
_refine.correlation_coeff_Fo_to_Fc_free          ? 
_refine.pdbx_solvent_vdw_probe_radii             ? 
_refine.pdbx_solvent_ion_probe_radii             ? 
_refine.pdbx_solvent_shrinkage_radii             ? 
_refine.pdbx_overall_phase_error                 ? 
_refine.overall_SU_R_Cruickshank_DPI             ? 
_refine.pdbx_overall_SU_R_free_Cruickshank_DPI   ? 
_refine.pdbx_overall_SU_R_Blow_DPI               ? 
_refine.pdbx_overall_SU_R_free_Blow_DPI          ? 
# 
_refine_analyze.entry_id                        1AU0 
_refine_analyze.Luzzati_coordinate_error_obs    0.30 
_refine_analyze.Luzzati_sigma_a_obs             0.32 
_refine_analyze.Luzzati_d_res_low_obs           8 
_refine_analyze.Luzzati_coordinate_error_free   0.57 
_refine_analyze.Luzzati_sigma_a_free            0.49 
_refine_analyze.Luzzati_d_res_low_free          ? 
_refine_analyze.number_disordered_residues      ? 
_refine_analyze.occupancy_sum_hydrogen          ? 
_refine_analyze.occupancy_sum_non_hydrogen      ? 
_refine_analyze.pdbx_refine_id                  'X-RAY DIFFRACTION' 
# 
_refine_hist.pdbx_refine_id                   'X-RAY DIFFRACTION' 
_refine_hist.cycle_id                         LAST 
_refine_hist.pdbx_number_atoms_protein        1648 
_refine_hist.pdbx_number_atoms_nucleic_acid   0 
_refine_hist.pdbx_number_atoms_ligand         42 
_refine_hist.number_atoms_solvent             65 
_refine_hist.number_atoms_total               1755 
_refine_hist.d_res_high                       2.6 
_refine_hist.d_res_low                        8 
# 
loop_
_refine_ls_restr.type 
_refine_ls_restr.dev_ideal 
_refine_ls_restr.dev_ideal_target 
_refine_ls_restr.weight 
_refine_ls_restr.number 
_refine_ls_restr.pdbx_refine_id 
_refine_ls_restr.pdbx_restraint_function 
x_bond_d                0.008 ? ? ? 'X-RAY DIFFRACTION' ? 
x_bond_d_na             ?     ? ? ? 'X-RAY DIFFRACTION' ? 
x_bond_d_prot           ?     ? ? ? 'X-RAY DIFFRACTION' ? 
x_angle_d               ?     ? ? ? 'X-RAY DIFFRACTION' ? 
x_angle_d_na            ?     ? ? ? 'X-RAY DIFFRACTION' ? 
x_angle_d_prot          ?     ? ? ? 'X-RAY DIFFRACTION' ? 
x_angle_deg             1.4   ? ? ? 'X-RAY DIFFRACTION' ? 
x_angle_deg_na          ?     ? ? ? 'X-RAY DIFFRACTION' ? 
x_angle_deg_prot        ?     ? ? ? 'X-RAY DIFFRACTION' ? 
x_dihedral_angle_d      24.2  ? ? ? 'X-RAY DIFFRACTION' ? 
x_dihedral_angle_d_na   ?     ? ? ? 'X-RAY DIFFRACTION' ? 
x_dihedral_angle_d_prot ?     ? ? ? 'X-RAY DIFFRACTION' ? 
x_improper_angle_d      1.23  ? ? ? 'X-RAY DIFFRACTION' ? 
x_improper_angle_d_na   ?     ? ? ? 'X-RAY DIFFRACTION' ? 
x_improper_angle_d_prot ?     ? ? ? 'X-RAY DIFFRACTION' ? 
x_mcbond_it             ?     ? ? ? 'X-RAY DIFFRACTION' ? 
x_mcangle_it            ?     ? ? ? 'X-RAY DIFFRACTION' ? 
x_scbond_it             ?     ? ? ? 'X-RAY DIFFRACTION' ? 
x_scangle_it            ?     ? ? ? 'X-RAY DIFFRACTION' ? 
# 
_refine_ls_shell.pdbx_total_number_of_bins_used   8 
_refine_ls_shell.d_res_high                       2.6 
_refine_ls_shell.d_res_low                        2.71 
_refine_ls_shell.number_reflns_R_work             518 
_refine_ls_shell.R_factor_R_work                  0.319 
_refine_ls_shell.percent_reflns_obs               67.5 
_refine_ls_shell.R_factor_R_free                  0.497 
_refine_ls_shell.R_factor_R_free_error            0.064 
_refine_ls_shell.percent_reflns_R_free            10.8 
_refine_ls_shell.number_reflns_R_free             61 
_refine_ls_shell.pdbx_refine_id                   'X-RAY DIFFRACTION' 
_refine_ls_shell.number_reflns_all                ? 
_refine_ls_shell.R_factor_all                     ? 
# 
loop_
_pdbx_xplor_file.serial_no 
_pdbx_xplor_file.param_file 
_pdbx_xplor_file.topol_file 
_pdbx_xplor_file.pdbx_refine_id 
1 PARHCSDX.PRO TOPHCSDX.PRO 'X-RAY DIFFRACTION' 
2 PARAM19.SOL  ?            'X-RAY DIFFRACTION' 
# 
_struct.entry_id                  1AU0 
_struct.title                     
;CRYSTAL STRUCTURE OF THE CYSTEINE PROTEASE HUMAN CATHEPSIN K IN COMPLEX WITH A COVALENT SYMMETRIC DIACYLAMINOMETHYL KETONE INHIBITOR
;
_struct.pdbx_model_details        ? 
_struct.pdbx_CASP_flag            ? 
_struct.pdbx_model_type_details   ? 
# 
_struct_keywords.entry_id        1AU0 
_struct_keywords.pdbx_keywords   HYDROLASE 
_struct_keywords.text            'HYDROLASE, SULFHYDRYL PROTEINASE' 
# 
loop_
_struct_asym.id 
_struct_asym.pdbx_blank_PDB_chainid_flag 
_struct_asym.pdbx_modified 
_struct_asym.entity_id 
_struct_asym.details 
A N N 1 ? 
B N N 2 ? 
C N N 3 ? 
# 
_struct_ref.id                         1 
_struct_ref.db_name                    UNP 
_struct_ref.db_code                    CATK_HUMAN 
_struct_ref.entity_id                  1 
_struct_ref.pdbx_db_accession          P43235 
_struct_ref.pdbx_align_begin           1 
_struct_ref.pdbx_seq_one_letter_code   
;MWGLKVLLLPVVSFALYPEEILDTHWELWKKTHRKQYNNKVDEISRRLIWEKNLKYISIHNLEASLGVHTYELAMNHLGD
MTSEEVVQKMTGLKVPLSHSRSNDTLYIPEWEGRAPDSVDYRKKGYVTPVKNQGQCGSCWAFSSVGALEGQLKKKTGKLL
NLSPQNLVDCVSENDGCGGGYMTNAFQYVQKNRGIDSEDAYPYVGQEESCMYNPTGKAAKCRGYREIPEGNEKALKRAVA
RVGPVSVAIDASLTSFQFYSKGVYYDESCNSDNLNHAVLAVGYGIQKGNKHWIIKNSWGENWGNKGYILMARNKNNACGI
ANLASFPKM
;
_struct_ref.pdbx_db_isoform            ? 
# 
_struct_ref_seq.align_id                      1 
_struct_ref_seq.ref_id                        1 
_struct_ref_seq.pdbx_PDB_id_code              1AU0 
_struct_ref_seq.pdbx_strand_id                A 
_struct_ref_seq.seq_align_beg                 1 
_struct_ref_seq.pdbx_seq_align_beg_ins_code   ? 
_struct_ref_seq.seq_align_end                 215 
_struct_ref_seq.pdbx_seq_align_end_ins_code   ? 
_struct_ref_seq.pdbx_db_accession             P43235 
_struct_ref_seq.db_align_beg                  115 
_struct_ref_seq.pdbx_db_align_beg_ins_code    ? 
_struct_ref_seq.db_align_end                  329 
_struct_ref_seq.pdbx_db_align_end_ins_code    ? 
_struct_ref_seq.pdbx_auth_seq_align_beg       1 
_struct_ref_seq.pdbx_auth_seq_align_end       215 
# 
_pdbx_struct_assembly.id                   1 
_pdbx_struct_assembly.details              author_defined_assembly 
_pdbx_struct_assembly.method_details       ? 
_pdbx_struct_assembly.oligomeric_details   monomeric 
_pdbx_struct_assembly.oligomeric_count     1 
# 
_pdbx_struct_assembly_gen.assembly_id       1 
_pdbx_struct_assembly_gen.oper_expression   1 
_pdbx_struct_assembly_gen.asym_id_list      A,B,C 
# 
_pdbx_struct_oper_list.id                   1 
_pdbx_struct_oper_list.type                 'identity operation' 
_pdbx_struct_oper_list.name                 1_555 
_pdbx_struct_oper_list.symmetry_operation   x,y,z 
_pdbx_struct_oper_list.matrix[1][1]         1.0000000000 
_pdbx_struct_oper_list.matrix[1][2]         0.0000000000 
_pdbx_struct_oper_list.matrix[1][3]         0.0000000000 
_pdbx_struct_oper_list.vector[1]            0.0000000000 
_pdbx_struct_oper_list.matrix[2][1]         0.0000000000 
_pdbx_struct_oper_list.matrix[2][2]         1.0000000000 
_pdbx_struct_oper_list.matrix[2][3]         0.0000000000 
_pdbx_struct_oper_list.vector[2]            0.0000000000 
_pdbx_struct_oper_list.matrix[3][1]         0.0000000000 
_pdbx_struct_oper_list.matrix[3][2]         0.0000000000 
_pdbx_struct_oper_list.matrix[3][3]         1.0000000000 
_pdbx_struct_oper_list.vector[3]            0.0000000000 
# 
_struct_biol.id   1 
# 
loop_
_struct_conf.conf_type_id 
_struct_conf.id 
_struct_conf.pdbx_PDB_helix_id 
_struct_conf.beg_label_comp_id 
_struct_conf.beg_label_asym_id 
_struct_conf.beg_label_seq_id 
_struct_conf.pdbx_beg_PDB_ins_code 
_struct_conf.end_label_comp_id 
_struct_conf.end_label_asym_id 
_struct_conf.end_label_seq_id 
_struct_conf.pdbx_end_PDB_ins_code 
_struct_conf.beg_auth_comp_id 
_struct_conf.beg_auth_asym_id 
_struct_conf.beg_auth_seq_id 
_struct_conf.end_auth_comp_id 
_struct_conf.end_auth_asym_id 
_struct_conf.end_auth_seq_id 
_struct_conf.pdbx_PDB_helix_class 
_struct_conf.details 
_struct_conf.pdbx_PDB_helix_length 
HELX_P HELX_P1 1 TYR A 7   ? LYS A 10  ? TYR A 7   LYS A 10  5 ? 4  
HELX_P HELX_P2 2 CYS A 25  ? THR A 42  ? CYS A 25  THR A 42  1 ? 18 
HELX_P HELX_P3 3 PRO A 50  ? CYS A 56  ? PRO A 50  CYS A 56  1 ? 7  
HELX_P HELX_P4 4 GLY A 62  ? GLY A 64  ? GLY A 62  GLY A 64  5 ? 3  
HELX_P HELX_P5 5 MET A 68  ? LYS A 77  ? MET A 68  LYS A 77  1 ? 10 
HELX_P HELX_P6 6 PRO A 100 ? GLY A 102 ? PRO A 100 GLY A 102 5 ? 3  
HELX_P HELX_P7 7 GLU A 118 ? ARG A 127 ? GLU A 118 ARG A 127 1 ? 10 
HELX_P HELX_P8 8 THR A 140 ? GLN A 143 ? THR A 140 GLN A 143 1 ? 4  
HELX_P HELX_P9 9 ALA A 203 ? GLY A 205 ? ALA A 203 GLY A 205 5 ? 3  
# 
_struct_conf_type.id          HELX_P 
_struct_conf_type.criteria    ? 
_struct_conf_type.reference   ? 
# 
loop_
_struct_conn.id 
_struct_conn.conn_type_id 
_struct_conn.pdbx_leaving_atom_flag 
_struct_conn.pdbx_PDB_id 
_struct_conn.ptnr1_label_asym_id 
_struct_conn.ptnr1_label_comp_id 
_struct_conn.ptnr1_label_seq_id 
_struct_conn.ptnr1_label_atom_id 
_struct_conn.pdbx_ptnr1_label_alt_id 
_struct_conn.pdbx_ptnr1_PDB_ins_code 
_struct_conn.pdbx_ptnr1_standard_comp_id 
_struct_conn.ptnr1_symmetry 
_struct_conn.ptnr2_label_asym_id 
_struct_conn.ptnr2_label_comp_id 
_struct_conn.ptnr2_label_seq_id 
_struct_conn.ptnr2_label_atom_id 
_struct_conn.pdbx_ptnr2_label_alt_id 
_struct_conn.pdbx_ptnr2_PDB_ins_code 
_struct_conn.ptnr1_auth_asym_id 
_struct_conn.ptnr1_auth_comp_id 
_struct_conn.ptnr1_auth_seq_id 
_struct_conn.ptnr2_auth_asym_id 
_struct_conn.ptnr2_auth_comp_id 
_struct_conn.ptnr2_auth_seq_id 
_struct_conn.ptnr2_symmetry 
_struct_conn.pdbx_ptnr3_label_atom_id 
_struct_conn.pdbx_ptnr3_label_seq_id 
_struct_conn.pdbx_ptnr3_label_comp_id 
_struct_conn.pdbx_ptnr3_label_asym_id 
_struct_conn.pdbx_ptnr3_label_alt_id 
_struct_conn.pdbx_ptnr3_PDB_ins_code 
_struct_conn.details 
_struct_conn.pdbx_dist_value 
_struct_conn.pdbx_value_order 
_struct_conn.pdbx_role 
disulf1 disulf ?    ? A CYS 22  SG ? ? ? 1_555 A CYS 63  SG  ? ? A CYS 22  A CYS 63  1_555 ? ? ? ? ? ? ? 2.035 ? ? 
disulf2 disulf ?    ? A CYS 56  SG ? ? ? 1_555 A CYS 96  SG  ? ? A CYS 56  A CYS 96  1_555 ? ? ? ? ? ? ? 2.038 ? ? 
disulf3 disulf ?    ? A CYS 155 SG ? ? ? 1_555 A CYS 204 SG  ? ? A CYS 155 A CYS 204 1_555 ? ? ? ? ? ? ? 2.030 ? ? 
covale1 covale none ? A CYS 25  SG ? ? ? 1_555 B SDK .   C21 ? ? A CYS 25  A SDK 300 1_555 ? ? ? ? ? ? ? 1.768 ? ? 
# 
loop_
_struct_conn_type.id 
_struct_conn_type.criteria 
_struct_conn_type.reference 
disulf ? ? 
covale ? ? 
# 
loop_
_pdbx_modification_feature.ordinal 
_pdbx_modification_feature.label_comp_id 
_pdbx_modification_feature.label_asym_id 
_pdbx_modification_feature.label_seq_id 
_pdbx_modification_feature.label_alt_id 
_pdbx_modification_feature.modified_residue_label_comp_id 
_pdbx_modification_feature.modified_residue_label_asym_id 
_pdbx_modification_feature.modified_residue_label_seq_id 
_pdbx_modification_feature.modified_residue_label_alt_id 
_pdbx_modification_feature.auth_comp_id 
_pdbx_modification_feature.auth_asym_id 
_pdbx_modification_feature.auth_seq_id 
_pdbx_modification_feature.PDB_ins_code 
_pdbx_modification_feature.symmetry 
_pdbx_modification_feature.modified_residue_auth_comp_id 
_pdbx_modification_feature.modified_residue_auth_asym_id 
_pdbx_modification_feature.modified_residue_auth_seq_id 
_pdbx_modification_feature.modified_residue_PDB_ins_code 
_pdbx_modification_feature.modified_residue_symmetry 
_pdbx_modification_feature.comp_id_linking_atom 
_pdbx_modification_feature.modified_residue_id_linking_atom 
_pdbx_modification_feature.modified_residue_id 
_pdbx_modification_feature.ref_pcm_id 
_pdbx_modification_feature.ref_comp_id 
_pdbx_modification_feature.type 
_pdbx_modification_feature.category 
1 SDK B .   ? CYS A 25  ? SDK A 300 ? 1_555 CYS A 25  ? 1_555 C21 SG CYS 1 SDK None 'Covalent chemical modification' 
2 CYS A 22  ? CYS A 63  ? CYS A 22  ? 1_555 CYS A 63  ? 1_555 SG  SG .   . .   None 'Disulfide bridge'               
3 CYS A 56  ? CYS A 96  ? CYS A 56  ? 1_555 CYS A 96  ? 1_555 SG  SG .   . .   None 'Disulfide bridge'               
4 CYS A 155 ? CYS A 204 ? CYS A 155 ? 1_555 CYS A 204 ? 1_555 SG  SG .   . .   None 'Disulfide bridge'               
# 
loop_
_struct_sheet.id 
_struct_sheet.type 
_struct_sheet.number_strands 
_struct_sheet.details 
A ? 2 ? 
B ? 4 ? 
# 
loop_
_struct_sheet_order.sheet_id 
_struct_sheet_order.range_id_1 
_struct_sheet_order.range_id_2 
_struct_sheet_order.offset 
_struct_sheet_order.sense 
A 1 2 ? anti-parallel 
B 1 2 ? anti-parallel 
B 2 3 ? anti-parallel 
B 3 4 ? anti-parallel 
# 
loop_
_struct_sheet_range.sheet_id 
_struct_sheet_range.id 
_struct_sheet_range.beg_label_comp_id 
_struct_sheet_range.beg_label_asym_id 
_struct_sheet_range.beg_label_seq_id 
_struct_sheet_range.pdbx_beg_PDB_ins_code 
_struct_sheet_range.end_label_comp_id 
_struct_sheet_range.end_label_asym_id 
_struct_sheet_range.end_label_seq_id 
_struct_sheet_range.pdbx_end_PDB_ins_code 
_struct_sheet_range.beg_auth_comp_id 
_struct_sheet_range.beg_auth_asym_id 
_struct_sheet_range.beg_auth_seq_id 
_struct_sheet_range.end_auth_comp_id 
_struct_sheet_range.end_auth_asym_id 
_struct_sheet_range.end_auth_seq_id 
A 1 TYR A 110 ? GLU A 112 ? TYR A 110 GLU A 112 
A 2 SER A 211 ? PRO A 213 ? SER A 211 PRO A 213 
B 1 VAL A 131 ? ILE A 135 ? VAL A 131 ILE A 135 
B 2 HIS A 162 ? ILE A 171 ? HIS A 162 ILE A 171 
B 3 LYS A 176 ? LYS A 181 ? LYS A 176 LYS A 181 
B 4 TYR A 193 ? ALA A 197 ? TYR A 193 ALA A 197 
# 
loop_
_pdbx_struct_sheet_hbond.sheet_id 
_pdbx_struct_sheet_hbond.range_id_1 
_pdbx_struct_sheet_hbond.range_id_2 
_pdbx_struct_sheet_hbond.range_1_label_atom_id 
_pdbx_struct_sheet_hbond.range_1_label_comp_id 
_pdbx_struct_sheet_hbond.range_1_label_asym_id 
_pdbx_struct_sheet_hbond.range_1_label_seq_id 
_pdbx_struct_sheet_hbond.range_1_PDB_ins_code 
_pdbx_struct_sheet_hbond.range_1_auth_atom_id 
_pdbx_struct_sheet_hbond.range_1_auth_comp_id 
_pdbx_struct_sheet_hbond.range_1_auth_asym_id 
_pdbx_struct_sheet_hbond.range_1_auth_seq_id 
_pdbx_struct_sheet_hbond.range_2_label_atom_id 
_pdbx_struct_sheet_hbond.range_2_label_comp_id 
_pdbx_struct_sheet_hbond.range_2_label_asym_id 
_pdbx_struct_sheet_hbond.range_2_label_seq_id 
_pdbx_struct_sheet_hbond.range_2_PDB_ins_code 
_pdbx_struct_sheet_hbond.range_2_auth_atom_id 
_pdbx_struct_sheet_hbond.range_2_auth_comp_id 
_pdbx_struct_sheet_hbond.range_2_auth_asym_id 
_pdbx_struct_sheet_hbond.range_2_auth_seq_id 
A 1 2 O ARG A 111 ? O ARG A 111 N PHE A 212 ? N PHE A 212 
B 1 2 O VAL A 131 ? O VAL A 131 N ALA A 166 ? N ALA A 166 
B 2 3 O LEU A 165 ? O LEU A 165 N LYS A 181 ? N LYS A 181 
B 3 4 O TRP A 178 ? O TRP A 178 N MET A 196 ? N MET A 196 
# 
_struct_site.id                   AC1 
_struct_site.pdbx_evidence_code   Software 
_struct_site.pdbx_auth_asym_id    A 
_struct_site.pdbx_auth_comp_id    SDK 
_struct_site.pdbx_auth_seq_id     300 
_struct_site.pdbx_auth_ins_code   ? 
_struct_site.pdbx_num_residues    17 
_struct_site.details              'BINDING SITE FOR RESIDUE SDK A 300' 
# 
loop_
_struct_site_gen.id 
_struct_site_gen.site_id 
_struct_site_gen.pdbx_num_res 
_struct_site_gen.label_comp_id 
_struct_site_gen.label_asym_id 
_struct_site_gen.label_seq_id 
_struct_site_gen.pdbx_auth_ins_code 
_struct_site_gen.auth_comp_id 
_struct_site_gen.auth_asym_id 
_struct_site_gen.auth_seq_id 
_struct_site_gen.label_atom_id 
_struct_site_gen.label_alt_id 
_struct_site_gen.symmetry 
_struct_site_gen.details 
1  AC1 17 ASN A 18  ? ASN A 18  . ? 1_555 ? 
2  AC1 17 GLN A 19  ? GLN A 19  . ? 1_555 ? 
3  AC1 17 GLY A 20  ? GLY A 20  . ? 1_555 ? 
4  AC1 17 GLY A 23  ? GLY A 23  . ? 1_555 ? 
5  AC1 17 SER A 24  ? SER A 24  . ? 1_555 ? 
6  AC1 17 CYS A 25  ? CYS A 25  . ? 1_555 ? 
7  AC1 17 LYS A 44  ? LYS A 44  . ? 6_566 ? 
8  AC1 17 GLY A 65  ? GLY A 65  . ? 1_555 ? 
9  AC1 17 GLY A 66  ? GLY A 66  . ? 1_555 ? 
10 AC1 17 TYR A 67  ? TYR A 67  . ? 1_555 ? 
11 AC1 17 ARG A 123 ? ARG A 123 . ? 3_554 ? 
12 AC1 17 ARG A 127 ? ARG A 127 . ? 3_554 ? 
13 AC1 17 LEU A 160 ? LEU A 160 . ? 1_555 ? 
14 AC1 17 ASN A 161 ? ASN A 161 . ? 1_555 ? 
15 AC1 17 HIS A 162 ? HIS A 162 . ? 1_555 ? 
16 AC1 17 TRP A 184 ? TRP A 184 . ? 1_555 ? 
17 AC1 17 LEU A 209 ? LEU A 209 . ? 1_555 ? 
# 
_pdbx_entry_details.entry_id                   1AU0 
_pdbx_entry_details.compound_details           ? 
_pdbx_entry_details.source_details             ? 
_pdbx_entry_details.nonpolymer_details         ? 
_pdbx_entry_details.sequence_details           ? 
_pdbx_entry_details.has_ligand_of_interest     ? 
_pdbx_entry_details.has_protein_modification   Y 
# 
loop_
_pdbx_validate_torsion.id 
_pdbx_validate_torsion.PDB_model_num 
_pdbx_validate_torsion.auth_comp_id 
_pdbx_validate_torsion.auth_asym_id 
_pdbx_validate_torsion.auth_seq_id 
_pdbx_validate_torsion.PDB_ins_code 
_pdbx_validate_torsion.label_alt_id 
_pdbx_validate_torsion.phi 
_pdbx_validate_torsion.psi 
1  1 TYR A 87  ? ? -156.92 72.39  
2  1 LEU A 139 ? ? -177.22 125.64 
3  1 SER A 146 ? ? -140.01 -30.15 
4  1 LYS A 147 ? ? -171.77 149.70 
5  1 GLU A 153 ? ? -54.32  -5.28  
6  1 ASN A 159 ? ? -107.69 77.09  
7  1 LYS A 173 ? ? -165.14 93.69  
8  1 TRP A 184 ? ? -117.67 55.97  
9  1 ASN A 199 ? ? 86.30   2.17   
10 1 ASN A 201 ? ? 48.04   84.92  
11 1 ASN A 202 ? ? 30.31   55.96  
12 1 CYS A 204 ? ? 59.28   11.26  
13 1 LEU A 209 ? ? -148.62 45.14  
# 
loop_
_chem_comp_atom.comp_id 
_chem_comp_atom.atom_id 
_chem_comp_atom.type_symbol 
_chem_comp_atom.pdbx_aromatic_flag 
_chem_comp_atom.pdbx_stereo_config 
_chem_comp_atom.pdbx_ordinal 
ALA N    N N N 1   
ALA CA   C N S 2   
ALA C    C N N 3   
ALA O    O N N 4   
ALA CB   C N N 5   
ALA OXT  O N N 6   
ALA H    H N N 7   
ALA H2   H N N 8   
ALA HA   H N N 9   
ALA HB1  H N N 10  
ALA HB2  H N N 11  
ALA HB3  H N N 12  
ALA HXT  H N N 13  
ARG N    N N N 14  
ARG CA   C N S 15  
ARG C    C N N 16  
ARG O    O N N 17  
ARG CB   C N N 18  
ARG CG   C N N 19  
ARG CD   C N N 20  
ARG NE   N N N 21  
ARG CZ   C N N 22  
ARG NH1  N N N 23  
ARG NH2  N N N 24  
ARG OXT  O N N 25  
ARG H    H N N 26  
ARG H2   H N N 27  
ARG HA   H N N 28  
ARG HB2  H N N 29  
ARG HB3  H N N 30  
ARG HG2  H N N 31  
ARG HG3  H N N 32  
ARG HD2  H N N 33  
ARG HD3  H N N 34  
ARG HE   H N N 35  
ARG HH11 H N N 36  
ARG HH12 H N N 37  
ARG HH21 H N N 38  
ARG HH22 H N N 39  
ARG HXT  H N N 40  
ASN N    N N N 41  
ASN CA   C N S 42  
ASN C    C N N 43  
ASN O    O N N 44  
ASN CB   C N N 45  
ASN CG   C N N 46  
ASN OD1  O N N 47  
ASN ND2  N N N 48  
ASN OXT  O N N 49  
ASN H    H N N 50  
ASN H2   H N N 51  
ASN HA   H N N 52  
ASN HB2  H N N 53  
ASN HB3  H N N 54  
ASN HD21 H N N 55  
ASN HD22 H N N 56  
ASN HXT  H N N 57  
ASP N    N N N 58  
ASP CA   C N S 59  
ASP C    C N N 60  
ASP O    O N N 61  
ASP CB   C N N 62  
ASP CG   C N N 63  
ASP OD1  O N N 64  
ASP OD2  O N N 65  
ASP OXT  O N N 66  
ASP H    H N N 67  
ASP H2   H N N 68  
ASP HA   H N N 69  
ASP HB2  H N N 70  
ASP HB3  H N N 71  
ASP HD2  H N N 72  
ASP HXT  H N N 73  
CYS N    N N N 74  
CYS CA   C N R 75  
CYS C    C N N 76  
CYS O    O N N 77  
CYS CB   C N N 78  
CYS SG   S N N 79  
CYS OXT  O N N 80  
CYS H    H N N 81  
CYS H2   H N N 82  
CYS HA   H N N 83  
CYS HB2  H N N 84  
CYS HB3  H N N 85  
CYS HG   H N N 86  
CYS HXT  H N N 87  
GLN N    N N N 88  
GLN CA   C N S 89  
GLN C    C N N 90  
GLN O    O N N 91  
GLN CB   C N N 92  
GLN CG   C N N 93  
GLN CD   C N N 94  
GLN OE1  O N N 95  
GLN NE2  N N N 96  
GLN OXT  O N N 97  
GLN H    H N N 98  
GLN H2   H N N 99  
GLN HA   H N N 100 
GLN HB2  H N N 101 
GLN HB3  H N N 102 
GLN HG2  H N N 103 
GLN HG3  H N N 104 
GLN HE21 H N N 105 
GLN HE22 H N N 106 
GLN HXT  H N N 107 
GLU N    N N N 108 
GLU CA   C N S 109 
GLU C    C N N 110 
GLU O    O N N 111 
GLU CB   C N N 112 
GLU CG   C N N 113 
GLU CD   C N N 114 
GLU OE1  O N N 115 
GLU OE2  O N N 116 
GLU OXT  O N N 117 
GLU H    H N N 118 
GLU H2   H N N 119 
GLU HA   H N N 120 
GLU HB2  H N N 121 
GLU HB3  H N N 122 
GLU HG2  H N N 123 
GLU HG3  H N N 124 
GLU HE2  H N N 125 
GLU HXT  H N N 126 
GLY N    N N N 127 
GLY CA   C N N 128 
GLY C    C N N 129 
GLY O    O N N 130 
GLY OXT  O N N 131 
GLY H    H N N 132 
GLY H2   H N N 133 
GLY HA2  H N N 134 
GLY HA3  H N N 135 
GLY HXT  H N N 136 
HIS N    N N N 137 
HIS CA   C N S 138 
HIS C    C N N 139 
HIS O    O N N 140 
HIS CB   C N N 141 
HIS CG   C Y N 142 
HIS ND1  N Y N 143 
HIS CD2  C Y N 144 
HIS CE1  C Y N 145 
HIS NE2  N Y N 146 
HIS OXT  O N N 147 
HIS H    H N N 148 
HIS H2   H N N 149 
HIS HA   H N N 150 
HIS HB2  H N N 151 
HIS HB3  H N N 152 
HIS HD1  H N N 153 
HIS HD2  H N N 154 
HIS HE1  H N N 155 
HIS HE2  H N N 156 
HIS HXT  H N N 157 
HOH O    O N N 158 
HOH H1   H N N 159 
HOH H2   H N N 160 
ILE N    N N N 161 
ILE CA   C N S 162 
ILE C    C N N 163 
ILE O    O N N 164 
ILE CB   C N S 165 
ILE CG1  C N N 166 
ILE CG2  C N N 167 
ILE CD1  C N N 168 
ILE OXT  O N N 169 
ILE H    H N N 170 
ILE H2   H N N 171 
ILE HA   H N N 172 
ILE HB   H N N 173 
ILE HG12 H N N 174 
ILE HG13 H N N 175 
ILE HG21 H N N 176 
ILE HG22 H N N 177 
ILE HG23 H N N 178 
ILE HD11 H N N 179 
ILE HD12 H N N 180 
ILE HD13 H N N 181 
ILE HXT  H N N 182 
LEU N    N N N 183 
LEU CA   C N S 184 
LEU C    C N N 185 
LEU O    O N N 186 
LEU CB   C N N 187 
LEU CG   C N N 188 
LEU CD1  C N N 189 
LEU CD2  C N N 190 
LEU OXT  O N N 191 
LEU H    H N N 192 
LEU H2   H N N 193 
LEU HA   H N N 194 
LEU HB2  H N N 195 
LEU HB3  H N N 196 
LEU HG   H N N 197 
LEU HD11 H N N 198 
LEU HD12 H N N 199 
LEU HD13 H N N 200 
LEU HD21 H N N 201 
LEU HD22 H N N 202 
LEU HD23 H N N 203 
LEU HXT  H N N 204 
LYS N    N N N 205 
LYS CA   C N S 206 
LYS C    C N N 207 
LYS O    O N N 208 
LYS CB   C N N 209 
LYS CG   C N N 210 
LYS CD   C N N 211 
LYS CE   C N N 212 
LYS NZ   N N N 213 
LYS OXT  O N N 214 
LYS H    H N N 215 
LYS H2   H N N 216 
LYS HA   H N N 217 
LYS HB2  H N N 218 
LYS HB3  H N N 219 
LYS HG2  H N N 220 
LYS HG3  H N N 221 
LYS HD2  H N N 222 
LYS HD3  H N N 223 
LYS HE2  H N N 224 
LYS HE3  H N N 225 
LYS HZ1  H N N 226 
LYS HZ2  H N N 227 
LYS HZ3  H N N 228 
LYS HXT  H N N 229 
MET N    N N N 230 
MET CA   C N S 231 
MET C    C N N 232 
MET O    O N N 233 
MET CB   C N N 234 
MET CG   C N N 235 
MET SD   S N N 236 
MET CE   C N N 237 
MET OXT  O N N 238 
MET H    H N N 239 
MET H2   H N N 240 
MET HA   H N N 241 
MET HB2  H N N 242 
MET HB3  H N N 243 
MET HG2  H N N 244 
MET HG3  H N N 245 
MET HE1  H N N 246 
MET HE2  H N N 247 
MET HE3  H N N 248 
MET HXT  H N N 249 
PHE N    N N N 250 
PHE CA   C N S 251 
PHE C    C N N 252 
PHE O    O N N 253 
PHE CB   C N N 254 
PHE CG   C Y N 255 
PHE CD1  C Y N 256 
PHE CD2  C Y N 257 
PHE CE1  C Y N 258 
PHE CE2  C Y N 259 
PHE CZ   C Y N 260 
PHE OXT  O N N 261 
PHE H    H N N 262 
PHE H2   H N N 263 
PHE HA   H N N 264 
PHE HB2  H N N 265 
PHE HB3  H N N 266 
PHE HD1  H N N 267 
PHE HD2  H N N 268 
PHE HE1  H N N 269 
PHE HE2  H N N 270 
PHE HZ   H N N 271 
PHE HXT  H N N 272 
PRO N    N N N 273 
PRO CA   C N S 274 
PRO C    C N N 275 
PRO O    O N N 276 
PRO CB   C N N 277 
PRO CG   C N N 278 
PRO CD   C N N 279 
PRO OXT  O N N 280 
PRO H    H N N 281 
PRO HA   H N N 282 
PRO HB2  H N N 283 
PRO HB3  H N N 284 
PRO HG2  H N N 285 
PRO HG3  H N N 286 
PRO HD2  H N N 287 
PRO HD3  H N N 288 
PRO HXT  H N N 289 
SDK C1   C Y N 290 
SDK C2   C Y N 291 
SDK C3   C Y N 292 
SDK C4   C Y N 293 
SDK C5   C Y N 294 
SDK C6   C Y N 295 
SDK C7   C N N 296 
SDK O8   O N N 297 
SDK C9   C N N 298 
SDK O10  O N N 299 
SDK C11  C N S 300 
SDK C12  C N N 301 
SDK C13  C N N 302 
SDK C14  C N N 303 
SDK C15  C N N 304 
SDK C16  C N N 305 
SDK O17  O N N 306 
SDK N18  N N N 307 
SDK C19  C N N 308 
SDK N20  N N N 309 
SDK C21  C N N 310 
SDK O22  O N N 311 
SDK C23  C Y N 312 
SDK C24  C Y N 313 
SDK C25  C Y N 314 
SDK C26  C Y N 315 
SDK C27  C Y N 316 
SDK C28  C Y N 317 
SDK C29  C N N 318 
SDK O30  O N N 319 
SDK C31  C N N 320 
SDK O32  O N N 321 
SDK C33  C N S 322 
SDK C34  C N N 323 
SDK C35  C N N 324 
SDK C36  C N N 325 
SDK C37  C N N 326 
SDK C38  C N N 327 
SDK O39  O N N 328 
SDK N40  N N N 329 
SDK C41  C N N 330 
SDK N42  N N N 331 
SDK H1   H N N 332 
SDK H2   H N N 333 
SDK H3   H N N 334 
SDK H5   H N N 335 
SDK H6   H N N 336 
SDK H71  H N N 337 
SDK H72  H N N 338 
SDK H11  H N N 339 
SDK H121 H N N 340 
SDK H122 H N N 341 
SDK H13  H N N 342 
SDK H141 H N N 343 
SDK H142 H N N 344 
SDK H143 H N N 345 
SDK H151 H N N 346 
SDK H152 H N N 347 
SDK H153 H N N 348 
SDK HN8  H N N 349 
SDK H191 H N N 350 
SDK H192 H N N 351 
SDK HN2  H N N 352 
SDK H23  H N N 353 
SDK H24  H N N 354 
SDK H25  H N N 355 
SDK H27  H N N 356 
SDK H28  H N N 357 
SDK H291 H N N 358 
SDK H292 H N N 359 
SDK H33  H N N 360 
SDK H341 H N N 361 
SDK H342 H N N 362 
SDK H35  H N N 363 
SDK H361 H N N 364 
SDK H362 H N N 365 
SDK H363 H N N 366 
SDK H371 H N N 367 
SDK H372 H N N 368 
SDK H373 H N N 369 
SDK HN4  H N N 370 
SDK H411 H N N 371 
SDK H412 H N N 372 
SDK HN   H N N 373 
SER N    N N N 374 
SER CA   C N S 375 
SER C    C N N 376 
SER O    O N N 377 
SER CB   C N N 378 
SER OG   O N N 379 
SER OXT  O N N 380 
SER H    H N N 381 
SER H2   H N N 382 
SER HA   H N N 383 
SER HB2  H N N 384 
SER HB3  H N N 385 
SER HG   H N N 386 
SER HXT  H N N 387 
THR N    N N N 388 
THR CA   C N S 389 
THR C    C N N 390 
THR O    O N N 391 
THR CB   C N R 392 
THR OG1  O N N 393 
THR CG2  C N N 394 
THR OXT  O N N 395 
THR H    H N N 396 
THR H2   H N N 397 
THR HA   H N N 398 
THR HB   H N N 399 
THR HG1  H N N 400 
THR HG21 H N N 401 
THR HG22 H N N 402 
THR HG23 H N N 403 
THR HXT  H N N 404 
TRP N    N N N 405 
TRP CA   C N S 406 
TRP C    C N N 407 
TRP O    O N N 408 
TRP CB   C N N 409 
TRP CG   C Y N 410 
TRP CD1  C Y N 411 
TRP CD2  C Y N 412 
TRP NE1  N Y N 413 
TRP CE2  C Y N 414 
TRP CE3  C Y N 415 
TRP CZ2  C Y N 416 
TRP CZ3  C Y N 417 
TRP CH2  C Y N 418 
TRP OXT  O N N 419 
TRP H    H N N 420 
TRP H2   H N N 421 
TRP HA   H N N 422 
TRP HB2  H N N 423 
TRP HB3  H N N 424 
TRP HD1  H N N 425 
TRP HE1  H N N 426 
TRP HE3  H N N 427 
TRP HZ2  H N N 428 
TRP HZ3  H N N 429 
TRP HH2  H N N 430 
TRP HXT  H N N 431 
TYR N    N N N 432 
TYR CA   C N S 433 
TYR C    C N N 434 
TYR O    O N N 435 
TYR CB   C N N 436 
TYR CG   C Y N 437 
TYR CD1  C Y N 438 
TYR CD2  C Y N 439 
TYR CE1  C Y N 440 
TYR CE2  C Y N 441 
TYR CZ   C Y N 442 
TYR OH   O N N 443 
TYR OXT  O N N 444 
TYR H    H N N 445 
TYR H2   H N N 446 
TYR HA   H N N 447 
TYR HB2  H N N 448 
TYR HB3  H N N 449 
TYR HD1  H N N 450 
TYR HD2  H N N 451 
TYR HE1  H N N 452 
TYR HE2  H N N 453 
TYR HH   H N N 454 
TYR HXT  H N N 455 
VAL N    N N N 456 
VAL CA   C N S 457 
VAL C    C N N 458 
VAL O    O N N 459 
VAL CB   C N N 460 
VAL CG1  C N N 461 
VAL CG2  C N N 462 
VAL OXT  O N N 463 
VAL H    H N N 464 
VAL H2   H N N 465 
VAL HA   H N N 466 
VAL HB   H N N 467 
VAL HG11 H N N 468 
VAL HG12 H N N 469 
VAL HG13 H N N 470 
VAL HG21 H N N 471 
VAL HG22 H N N 472 
VAL HG23 H N N 473 
VAL HXT  H N N 474 
# 
loop_
_chem_comp_bond.comp_id 
_chem_comp_bond.atom_id_1 
_chem_comp_bond.atom_id_2 
_chem_comp_bond.value_order 
_chem_comp_bond.pdbx_aromatic_flag 
_chem_comp_bond.pdbx_stereo_config 
_chem_comp_bond.pdbx_ordinal 
ALA N   CA   sing N N 1   
ALA N   H    sing N N 2   
ALA N   H2   sing N N 3   
ALA CA  C    sing N N 4   
ALA CA  CB   sing N N 5   
ALA CA  HA   sing N N 6   
ALA C   O    doub N N 7   
ALA C   OXT  sing N N 8   
ALA CB  HB1  sing N N 9   
ALA CB  HB2  sing N N 10  
ALA CB  HB3  sing N N 11  
ALA OXT HXT  sing N N 12  
ARG N   CA   sing N N 13  
ARG N   H    sing N N 14  
ARG N   H2   sing N N 15  
ARG CA  C    sing N N 16  
ARG CA  CB   sing N N 17  
ARG CA  HA   sing N N 18  
ARG C   O    doub N N 19  
ARG C   OXT  sing N N 20  
ARG CB  CG   sing N N 21  
ARG CB  HB2  sing N N 22  
ARG CB  HB3  sing N N 23  
ARG CG  CD   sing N N 24  
ARG CG  HG2  sing N N 25  
ARG CG  HG3  sing N N 26  
ARG CD  NE   sing N N 27  
ARG CD  HD2  sing N N 28  
ARG CD  HD3  sing N N 29  
ARG NE  CZ   sing N N 30  
ARG NE  HE   sing N N 31  
ARG CZ  NH1  sing N N 32  
ARG CZ  NH2  doub N N 33  
ARG NH1 HH11 sing N N 34  
ARG NH1 HH12 sing N N 35  
ARG NH2 HH21 sing N N 36  
ARG NH2 HH22 sing N N 37  
ARG OXT HXT  sing N N 38  
ASN N   CA   sing N N 39  
ASN N   H    sing N N 40  
ASN N   H2   sing N N 41  
ASN CA  C    sing N N 42  
ASN CA  CB   sing N N 43  
ASN CA  HA   sing N N 44  
ASN C   O    doub N N 45  
ASN C   OXT  sing N N 46  
ASN CB  CG   sing N N 47  
ASN CB  HB2  sing N N 48  
ASN CB  HB3  sing N N 49  
ASN CG  OD1  doub N N 50  
ASN CG  ND2  sing N N 51  
ASN ND2 HD21 sing N N 52  
ASN ND2 HD22 sing N N 53  
ASN OXT HXT  sing N N 54  
ASP N   CA   sing N N 55  
ASP N   H    sing N N 56  
ASP N   H2   sing N N 57  
ASP CA  C    sing N N 58  
ASP CA  CB   sing N N 59  
ASP CA  HA   sing N N 60  
ASP C   O    doub N N 61  
ASP C   OXT  sing N N 62  
ASP CB  CG   sing N N 63  
ASP CB  HB2  sing N N 64  
ASP CB  HB3  sing N N 65  
ASP CG  OD1  doub N N 66  
ASP CG  OD2  sing N N 67  
ASP OD2 HD2  sing N N 68  
ASP OXT HXT  sing N N 69  
CYS N   CA   sing N N 70  
CYS N   H    sing N N 71  
CYS N   H2   sing N N 72  
CYS CA  C    sing N N 73  
CYS CA  CB   sing N N 74  
CYS CA  HA   sing N N 75  
CYS C   O    doub N N 76  
CYS C   OXT  sing N N 77  
CYS CB  SG   sing N N 78  
CYS CB  HB2  sing N N 79  
CYS CB  HB3  sing N N 80  
CYS SG  HG   sing N N 81  
CYS OXT HXT  sing N N 82  
GLN N   CA   sing N N 83  
GLN N   H    sing N N 84  
GLN N   H2   sing N N 85  
GLN CA  C    sing N N 86  
GLN CA  CB   sing N N 87  
GLN CA  HA   sing N N 88  
GLN C   O    doub N N 89  
GLN C   OXT  sing N N 90  
GLN CB  CG   sing N N 91  
GLN CB  HB2  sing N N 92  
GLN CB  HB3  sing N N 93  
GLN CG  CD   sing N N 94  
GLN CG  HG2  sing N N 95  
GLN CG  HG3  sing N N 96  
GLN CD  OE1  doub N N 97  
GLN CD  NE2  sing N N 98  
GLN NE2 HE21 sing N N 99  
GLN NE2 HE22 sing N N 100 
GLN OXT HXT  sing N N 101 
GLU N   CA   sing N N 102 
GLU N   H    sing N N 103 
GLU N   H2   sing N N 104 
GLU CA  C    sing N N 105 
GLU CA  CB   sing N N 106 
GLU CA  HA   sing N N 107 
GLU C   O    doub N N 108 
GLU C   OXT  sing N N 109 
GLU CB  CG   sing N N 110 
GLU CB  HB2  sing N N 111 
GLU CB  HB3  sing N N 112 
GLU CG  CD   sing N N 113 
GLU CG  HG2  sing N N 114 
GLU CG  HG3  sing N N 115 
GLU CD  OE1  doub N N 116 
GLU CD  OE2  sing N N 117 
GLU OE2 HE2  sing N N 118 
GLU OXT HXT  sing N N 119 
GLY N   CA   sing N N 120 
GLY N   H    sing N N 121 
GLY N   H2   sing N N 122 
GLY CA  C    sing N N 123 
GLY CA  HA2  sing N N 124 
GLY CA  HA3  sing N N 125 
GLY C   O    doub N N 126 
GLY C   OXT  sing N N 127 
GLY OXT HXT  sing N N 128 
HIS N   CA   sing N N 129 
HIS N   H    sing N N 130 
HIS N   H2   sing N N 131 
HIS CA  C    sing N N 132 
HIS CA  CB   sing N N 133 
HIS CA  HA   sing N N 134 
HIS C   O    doub N N 135 
HIS C   OXT  sing N N 136 
HIS CB  CG   sing N N 137 
HIS CB  HB2  sing N N 138 
HIS CB  HB3  sing N N 139 
HIS CG  ND1  sing Y N 140 
HIS CG  CD2  doub Y N 141 
HIS ND1 CE1  doub Y N 142 
HIS ND1 HD1  sing N N 143 
HIS CD2 NE2  sing Y N 144 
HIS CD2 HD2  sing N N 145 
HIS CE1 NE2  sing Y N 146 
HIS CE1 HE1  sing N N 147 
HIS NE2 HE2  sing N N 148 
HIS OXT HXT  sing N N 149 
HOH O   H1   sing N N 150 
HOH O   H2   sing N N 151 
ILE N   CA   sing N N 152 
ILE N   H    sing N N 153 
ILE N   H2   sing N N 154 
ILE CA  C    sing N N 155 
ILE CA  CB   sing N N 156 
ILE CA  HA   sing N N 157 
ILE C   O    doub N N 158 
ILE C   OXT  sing N N 159 
ILE CB  CG1  sing N N 160 
ILE CB  CG2  sing N N 161 
ILE CB  HB   sing N N 162 
ILE CG1 CD1  sing N N 163 
ILE CG1 HG12 sing N N 164 
ILE CG1 HG13 sing N N 165 
ILE CG2 HG21 sing N N 166 
ILE CG2 HG22 sing N N 167 
ILE CG2 HG23 sing N N 168 
ILE CD1 HD11 sing N N 169 
ILE CD1 HD12 sing N N 170 
ILE CD1 HD13 sing N N 171 
ILE OXT HXT  sing N N 172 
LEU N   CA   sing N N 173 
LEU N   H    sing N N 174 
LEU N   H2   sing N N 175 
LEU CA  C    sing N N 176 
LEU CA  CB   sing N N 177 
LEU CA  HA   sing N N 178 
LEU C   O    doub N N 179 
LEU C   OXT  sing N N 180 
LEU CB  CG   sing N N 181 
LEU CB  HB2  sing N N 182 
LEU CB  HB3  sing N N 183 
LEU CG  CD1  sing N N 184 
LEU CG  CD2  sing N N 185 
LEU CG  HG   sing N N 186 
LEU CD1 HD11 sing N N 187 
LEU CD1 HD12 sing N N 188 
LEU CD1 HD13 sing N N 189 
LEU CD2 HD21 sing N N 190 
LEU CD2 HD22 sing N N 191 
LEU CD2 HD23 sing N N 192 
LEU OXT HXT  sing N N 193 
LYS N   CA   sing N N 194 
LYS N   H    sing N N 195 
LYS N   H2   sing N N 196 
LYS CA  C    sing N N 197 
LYS CA  CB   sing N N 198 
LYS CA  HA   sing N N 199 
LYS C   O    doub N N 200 
LYS C   OXT  sing N N 201 
LYS CB  CG   sing N N 202 
LYS CB  HB2  sing N N 203 
LYS CB  HB3  sing N N 204 
LYS CG  CD   sing N N 205 
LYS CG  HG2  sing N N 206 
LYS CG  HG3  sing N N 207 
LYS CD  CE   sing N N 208 
LYS CD  HD2  sing N N 209 
LYS CD  HD3  sing N N 210 
LYS CE  NZ   sing N N 211 
LYS CE  HE2  sing N N 212 
LYS CE  HE3  sing N N 213 
LYS NZ  HZ1  sing N N 214 
LYS NZ  HZ2  sing N N 215 
LYS NZ  HZ3  sing N N 216 
LYS OXT HXT  sing N N 217 
MET N   CA   sing N N 218 
MET N   H    sing N N 219 
MET N   H2   sing N N 220 
MET CA  C    sing N N 221 
MET CA  CB   sing N N 222 
MET CA  HA   sing N N 223 
MET C   O    doub N N 224 
MET C   OXT  sing N N 225 
MET CB  CG   sing N N 226 
MET CB  HB2  sing N N 227 
MET CB  HB3  sing N N 228 
MET CG  SD   sing N N 229 
MET CG  HG2  sing N N 230 
MET CG  HG3  sing N N 231 
MET SD  CE   sing N N 232 
MET CE  HE1  sing N N 233 
MET CE  HE2  sing N N 234 
MET CE  HE3  sing N N 235 
MET OXT HXT  sing N N 236 
PHE N   CA   sing N N 237 
PHE N   H    sing N N 238 
PHE N   H2   sing N N 239 
PHE CA  C    sing N N 240 
PHE CA  CB   sing N N 241 
PHE CA  HA   sing N N 242 
PHE C   O    doub N N 243 
PHE C   OXT  sing N N 244 
PHE CB  CG   sing N N 245 
PHE CB  HB2  sing N N 246 
PHE CB  HB3  sing N N 247 
PHE CG  CD1  doub Y N 248 
PHE CG  CD2  sing Y N 249 
PHE CD1 CE1  sing Y N 250 
PHE CD1 HD1  sing N N 251 
PHE CD2 CE2  doub Y N 252 
PHE CD2 HD2  sing N N 253 
PHE CE1 CZ   doub Y N 254 
PHE CE1 HE1  sing N N 255 
PHE CE2 CZ   sing Y N 256 
PHE CE2 HE2  sing N N 257 
PHE CZ  HZ   sing N N 258 
PHE OXT HXT  sing N N 259 
PRO N   CA   sing N N 260 
PRO N   CD   sing N N 261 
PRO N   H    sing N N 262 
PRO CA  C    sing N N 263 
PRO CA  CB   sing N N 264 
PRO CA  HA   sing N N 265 
PRO C   O    doub N N 266 
PRO C   OXT  sing N N 267 
PRO CB  CG   sing N N 268 
PRO CB  HB2  sing N N 269 
PRO CB  HB3  sing N N 270 
PRO CG  CD   sing N N 271 
PRO CG  HG2  sing N N 272 
PRO CG  HG3  sing N N 273 
PRO CD  HD2  sing N N 274 
PRO CD  HD3  sing N N 275 
PRO OXT HXT  sing N N 276 
SDK C1  C2   doub Y N 277 
SDK C1  C6   sing Y N 278 
SDK C1  H1   sing N N 279 
SDK C2  C3   sing Y N 280 
SDK C2  H2   sing N N 281 
SDK C3  C4   doub Y N 282 
SDK C3  H3   sing N N 283 
SDK C4  C5   sing Y N 284 
SDK C4  C7   sing N N 285 
SDK C5  C6   doub Y N 286 
SDK C5  H5   sing N N 287 
SDK C6  H6   sing N N 288 
SDK C7  O8   sing N N 289 
SDK C7  H71  sing N N 290 
SDK C7  H72  sing N N 291 
SDK O8  C9   sing N N 292 
SDK C9  O10  doub N N 293 
SDK C9  N20  sing N N 294 
SDK C11 C12  sing N N 295 
SDK C11 C16  sing N N 296 
SDK C11 N20  sing N N 297 
SDK C11 H11  sing N N 298 
SDK C12 C13  sing N N 299 
SDK C12 H121 sing N N 300 
SDK C12 H122 sing N N 301 
SDK C13 C14  sing N N 302 
SDK C13 C15  sing N N 303 
SDK C13 H13  sing N N 304 
SDK C14 H141 sing N N 305 
SDK C14 H142 sing N N 306 
SDK C14 H143 sing N N 307 
SDK C15 H151 sing N N 308 
SDK C15 H152 sing N N 309 
SDK C15 H153 sing N N 310 
SDK C16 O17  doub N N 311 
SDK C16 N18  sing N N 312 
SDK N18 C19  sing N N 313 
SDK N18 HN8  sing N N 314 
SDK C19 C21  sing N N 315 
SDK C19 H191 sing N N 316 
SDK C19 H192 sing N N 317 
SDK N20 HN2  sing N N 318 
SDK C21 O22  doub N N 319 
SDK C21 C41  sing N N 320 
SDK C23 C24  doub Y N 321 
SDK C23 C28  sing Y N 322 
SDK C23 H23  sing N N 323 
SDK C24 C25  sing Y N 324 
SDK C24 H24  sing N N 325 
SDK C25 C26  doub Y N 326 
SDK C25 H25  sing N N 327 
SDK C26 C27  sing Y N 328 
SDK C26 C29  sing N N 329 
SDK C27 C28  doub Y N 330 
SDK C27 H27  sing N N 331 
SDK C28 H28  sing N N 332 
SDK C29 O30  sing N N 333 
SDK C29 H291 sing N N 334 
SDK C29 H292 sing N N 335 
SDK O30 C31  sing N N 336 
SDK C31 O32  doub N N 337 
SDK C31 N42  sing N N 338 
SDK C33 C34  sing N N 339 
SDK C33 C38  sing N N 340 
SDK C33 N42  sing N N 341 
SDK C33 H33  sing N N 342 
SDK C34 C35  sing N N 343 
SDK C34 H341 sing N N 344 
SDK C34 H342 sing N N 345 
SDK C35 C36  sing N N 346 
SDK C35 C37  sing N N 347 
SDK C35 H35  sing N N 348 
SDK C36 H361 sing N N 349 
SDK C36 H362 sing N N 350 
SDK C36 H363 sing N N 351 
SDK C37 H371 sing N N 352 
SDK C37 H372 sing N N 353 
SDK C37 H373 sing N N 354 
SDK C38 O39  doub N N 355 
SDK C38 N40  sing N N 356 
SDK N40 C41  sing N N 357 
SDK N40 HN4  sing N N 358 
SDK C41 H411 sing N N 359 
SDK C41 H412 sing N N 360 
SDK N42 HN   sing N N 361 
SER N   CA   sing N N 362 
SER N   H    sing N N 363 
SER N   H2   sing N N 364 
SER CA  C    sing N N 365 
SER CA  CB   sing N N 366 
SER CA  HA   sing N N 367 
SER C   O    doub N N 368 
SER C   OXT  sing N N 369 
SER CB  OG   sing N N 370 
SER CB  HB2  sing N N 371 
SER CB  HB3  sing N N 372 
SER OG  HG   sing N N 373 
SER OXT HXT  sing N N 374 
THR N   CA   sing N N 375 
THR N   H    sing N N 376 
THR N   H2   sing N N 377 
THR CA  C    sing N N 378 
THR CA  CB   sing N N 379 
THR CA  HA   sing N N 380 
THR C   O    doub N N 381 
THR C   OXT  sing N N 382 
THR CB  OG1  sing N N 383 
THR CB  CG2  sing N N 384 
THR CB  HB   sing N N 385 
THR OG1 HG1  sing N N 386 
THR CG2 HG21 sing N N 387 
THR CG2 HG22 sing N N 388 
THR CG2 HG23 sing N N 389 
THR OXT HXT  sing N N 390 
TRP N   CA   sing N N 391 
TRP N   H    sing N N 392 
TRP N   H2   sing N N 393 
TRP CA  C    sing N N 394 
TRP CA  CB   sing N N 395 
TRP CA  HA   sing N N 396 
TRP C   O    doub N N 397 
TRP C   OXT  sing N N 398 
TRP CB  CG   sing N N 399 
TRP CB  HB2  sing N N 400 
TRP CB  HB3  sing N N 401 
TRP CG  CD1  doub Y N 402 
TRP CG  CD2  sing Y N 403 
TRP CD1 NE1  sing Y N 404 
TRP CD1 HD1  sing N N 405 
TRP CD2 CE2  doub Y N 406 
TRP CD2 CE3  sing Y N 407 
TRP NE1 CE2  sing Y N 408 
TRP NE1 HE1  sing N N 409 
TRP CE2 CZ2  sing Y N 410 
TRP CE3 CZ3  doub Y N 411 
TRP CE3 HE3  sing N N 412 
TRP CZ2 CH2  doub Y N 413 
TRP CZ2 HZ2  sing N N 414 
TRP CZ3 CH2  sing Y N 415 
TRP CZ3 HZ3  sing N N 416 
TRP CH2 HH2  sing N N 417 
TRP OXT HXT  sing N N 418 
TYR N   CA   sing N N 419 
TYR N   H    sing N N 420 
TYR N   H2   sing N N 421 
TYR CA  C    sing N N 422 
TYR CA  CB   sing N N 423 
TYR CA  HA   sing N N 424 
TYR C   O    doub N N 425 
TYR C   OXT  sing N N 426 
TYR CB  CG   sing N N 427 
TYR CB  HB2  sing N N 428 
TYR CB  HB3  sing N N 429 
TYR CG  CD1  doub Y N 430 
TYR CG  CD2  sing Y N 431 
TYR CD1 CE1  sing Y N 432 
TYR CD1 HD1  sing N N 433 
TYR CD2 CE2  doub Y N 434 
TYR CD2 HD2  sing N N 435 
TYR CE1 CZ   doub Y N 436 
TYR CE1 HE1  sing N N 437 
TYR CE2 CZ   sing Y N 438 
TYR CE2 HE2  sing N N 439 
TYR CZ  OH   sing N N 440 
TYR OH  HH   sing N N 441 
TYR OXT HXT  sing N N 442 
VAL N   CA   sing N N 443 
VAL N   H    sing N N 444 
VAL N   H2   sing N N 445 
VAL CA  C    sing N N 446 
VAL CA  CB   sing N N 447 
VAL CA  HA   sing N N 448 
VAL C   O    doub N N 449 
VAL C   OXT  sing N N 450 
VAL CB  CG1  sing N N 451 
VAL CB  CG2  sing N N 452 
VAL CB  HB   sing N N 453 
VAL CG1 HG11 sing N N 454 
VAL CG1 HG12 sing N N 455 
VAL CG1 HG13 sing N N 456 
VAL CG2 HG21 sing N N 457 
VAL CG2 HG22 sing N N 458 
VAL CG2 HG23 sing N N 459 
VAL OXT HXT  sing N N 460 
# 
_pdbx_initial_refinement_model.id               1 
_pdbx_initial_refinement_model.entity_id_list   ? 
_pdbx_initial_refinement_model.type             'experimental model' 
_pdbx_initial_refinement_model.source_name      PDB 
_pdbx_initial_refinement_model.accession_code   1ATK 
_pdbx_initial_refinement_model.details          ? 
# 
_atom_sites.entry_id                    1AU0 
_atom_sites.fract_transf_matrix[1][1]   0.01443925 
_atom_sites.fract_transf_matrix[1][2]   0.00949299 
_atom_sites.fract_transf_matrix[1][3]   -0.00111124 
_atom_sites.fract_transf_matrix[2][1]   0.00381382 
_atom_sites.fract_transf_matrix[2][2]   -0.00387654 
_atom_sites.fract_transf_matrix[2][3]   0.01643992 
_atom_sites.fract_transf_matrix[3][1]   0.00386016 
_atom_sites.fract_transf_matrix[3][2]   -0.00614594 
_atom_sites.fract_transf_matrix[3][3]   -0.00234471 
_atom_sites.fract_transf_vector[1]      0.063380 
_atom_sites.fract_transf_vector[2]      0.617641 
_atom_sites.fract_transf_vector[3]      0.598035 
# 
loop_
_atom_type.symbol 
C 
N 
O 
S 
# 
loop_
_atom_site.group_PDB 
_atom_site.id 
_atom_site.type_symbol 
_atom_site.label_atom_id 
_atom_site.label_alt_id 
_atom_site.label_comp_id 
_atom_site.label_asym_id 
_atom_site.label_entity_id 
_atom_site.label_seq_id 
_atom_site.pdbx_PDB_ins_code 
_atom_site.Cartn_x 
_atom_site.Cartn_y 
_atom_site.Cartn_z 
_atom_site.occupancy 
_atom_site.B_iso_or_equiv 
_atom_site.pdbx_formal_charge 
_atom_site.auth_seq_id 
_atom_site.auth_comp_id 
_atom_site.auth_asym_id 
_atom_site.auth_atom_id 
_atom_site.pdbx_PDB_model_num 
ATOM   1    N N   . ALA A 1 1   ? -6.095  -11.684 -24.759 1.00 15.00 ? 1   ALA A N   1 
ATOM   2    C CA  . ALA A 1 1   ? -6.734  -11.514 -23.422 1.00 15.00 ? 1   ALA A CA  1 
ATOM   3    C C   . ALA A 1 1   ? -6.430  -10.087 -22.954 1.00 15.00 ? 1   ALA A C   1 
ATOM   4    O O   . ALA A 1 1   ? -5.446  -9.492  -23.412 1.00 15.00 ? 1   ALA A O   1 
ATOM   5    C CB  . ALA A 1 1   ? -6.178  -12.539 -22.443 1.00 15.00 ? 1   ALA A CB  1 
ATOM   6    N N   . PRO A 1 2   ? -7.289  -9.503  -22.080 1.00 15.00 ? 2   PRO A N   1 
ATOM   7    C CA  . PRO A 1 2   ? -7.097  -8.136  -21.571 1.00 15.00 ? 2   PRO A CA  1 
ATOM   8    C C   . PRO A 1 2   ? -5.800  -7.925  -20.796 1.00 15.00 ? 2   PRO A C   1 
ATOM   9    O O   . PRO A 1 2   ? -5.420  -8.747  -19.959 1.00 15.00 ? 2   PRO A O   1 
ATOM   10   C CB  . PRO A 1 2   ? -8.319  -7.937  -20.667 1.00 15.00 ? 2   PRO A CB  1 
ATOM   11   C CG  . PRO A 1 2   ? -8.627  -9.324  -20.182 1.00 15.00 ? 2   PRO A CG  1 
ATOM   12   C CD  . PRO A 1 2   ? -8.487  -10.114 -21.468 1.00 15.00 ? 2   PRO A CD  1 
ATOM   13   N N   . ASP A 1 3   ? -5.095  -6.835  -21.091 1.00 15.00 ? 3   ASP A N   1 
ATOM   14   C CA  . ASP A 1 3   ? -3.858  -6.519  -20.384 1.00 15.00 ? 3   ASP A CA  1 
ATOM   15   C C   . ASP A 1 3   ? -4.279  -5.932  -19.045 1.00 15.00 ? 3   ASP A C   1 
ATOM   16   O O   . ASP A 1 3   ? -4.217  -4.716  -18.843 1.00 15.00 ? 3   ASP A O   1 
ATOM   17   C CB  . ASP A 1 3   ? -3.038  -5.479  -21.156 1.00 15.00 ? 3   ASP A CB  1 
ATOM   18   C CG  . ASP A 1 3   ? -2.272  -6.076  -22.332 1.00 15.00 ? 3   ASP A CG  1 
ATOM   19   O OD1 . ASP A 1 3   ? -1.621  -7.145  -22.150 1.00 15.00 ? 3   ASP A OD1 1 
ATOM   20   O OD2 . ASP A 1 3   ? -2.303  -5.453  -23.428 1.00 15.00 ? 3   ASP A OD2 1 
ATOM   21   N N   . SER A 1 4   ? -4.755  -6.773  -18.135 1.00 15.00 ? 4   SER A N   1 
ATOM   22   C CA  . SER A 1 4   ? -5.198  -6.297  -16.829 1.00 15.00 ? 4   SER A CA  1 
ATOM   23   C C   . SER A 1 4   ? -5.106  -7.353  -15.743 1.00 15.00 ? 4   SER A C   1 
ATOM   24   O O   . SER A 1 4   ? -5.176  -8.553  -16.020 1.00 15.00 ? 4   SER A O   1 
ATOM   25   C CB  . SER A 1 4   ? -6.654  -5.801  -16.904 1.00 15.00 ? 4   SER A CB  1 
ATOM   26   O OG  . SER A 1 4   ? -6.776  -4.589  -17.637 1.00 15.00 ? 4   SER A OG  1 
ATOM   27   N N   . VAL A 1 5   ? -4.952  -6.891  -14.507 1.00 15.00 ? 5   VAL A N   1 
ATOM   28   C CA  . VAL A 1 5   ? -4.890  -7.768  -13.353 1.00 15.00 ? 5   VAL A CA  1 
ATOM   29   C C   . VAL A 1 5   ? -5.512  -6.998  -12.193 1.00 15.00 ? 5   VAL A C   1 
ATOM   30   O O   . VAL A 1 5   ? -5.222  -5.820  -11.992 1.00 15.00 ? 5   VAL A O   1 
ATOM   31   C CB  . VAL A 1 5   ? -3.445  -8.221  -13.035 1.00 15.00 ? 5   VAL A CB  1 
ATOM   32   C CG1 . VAL A 1 5   ? -2.535  -7.030  -12.771 1.00 15.00 ? 5   VAL A CG1 1 
ATOM   33   C CG2 . VAL A 1 5   ? -3.455  -9.167  -11.850 1.00 15.00 ? 5   VAL A CG2 1 
ATOM   34   N N   . ASP A 1 6   ? -6.418  -7.642  -11.470 1.00 15.00 ? 6   ASP A N   1 
ATOM   35   C CA  . ASP A 1 6   ? -7.100  -7.021  -10.357 1.00 15.00 ? 6   ASP A CA  1 
ATOM   36   C C   . ASP A 1 6   ? -7.059  -8.029  -9.221  1.00 15.00 ? 6   ASP A C   1 
ATOM   37   O O   . ASP A 1 6   ? -7.826  -8.985  -9.194  1.00 15.00 ? 6   ASP A O   1 
ATOM   38   C CB  . ASP A 1 6   ? -8.545  -6.706  -10.772 1.00 15.00 ? 6   ASP A CB  1 
ATOM   39   C CG  . ASP A 1 6   ? -9.341  -5.984  -9.692  1.00 15.00 ? 6   ASP A CG  1 
ATOM   40   O OD1 . ASP A 1 6   ? -8.750  -5.266  -8.861  1.00 15.00 ? 6   ASP A OD1 1 
ATOM   41   O OD2 . ASP A 1 6   ? -10.577 -6.133  -9.687  1.00 15.00 ? 6   ASP A OD2 1 
ATOM   42   N N   . TYR A 1 7   ? -6.181  -7.804  -8.254  1.00 15.00 ? 7   TYR A N   1 
ATOM   43   C CA  . TYR A 1 7   ? -6.024  -8.722  -7.134  1.00 15.00 ? 7   TYR A CA  1 
ATOM   44   C C   . TYR A 1 7   ? -7.159  -8.814  -6.137  1.00 15.00 ? 7   TYR A C   1 
ATOM   45   O O   . TYR A 1 7   ? -7.216  -9.748  -5.329  1.00 15.00 ? 7   TYR A O   1 
ATOM   46   C CB  . TYR A 1 7   ? -4.708  -8.453  -6.419  1.00 15.00 ? 7   TYR A CB  1 
ATOM   47   C CG  . TYR A 1 7   ? -3.531  -8.901  -7.243  1.00 15.00 ? 7   TYR A CG  1 
ATOM   48   C CD1 . TYR A 1 7   ? -3.210  -10.253 -7.345  1.00 15.00 ? 7   TYR A CD1 1 
ATOM   49   C CD2 . TYR A 1 7   ? -2.771  -7.984  -7.965  1.00 15.00 ? 7   TYR A CD2 1 
ATOM   50   C CE1 . TYR A 1 7   ? -2.175  -10.684 -8.142  1.00 15.00 ? 7   TYR A CE1 1 
ATOM   51   C CE2 . TYR A 1 7   ? -1.729  -8.407  -8.765  1.00 15.00 ? 7   TYR A CE2 1 
ATOM   52   C CZ  . TYR A 1 7   ? -1.442  -9.760  -8.848  1.00 15.00 ? 7   TYR A CZ  1 
ATOM   53   O OH  . TYR A 1 7   ? -0.422  -10.199 -9.639  1.00 15.00 ? 7   TYR A OH  1 
ATOM   54   N N   . ARG A 1 8   ? -8.089  -7.873  -6.201  1.00 15.00 ? 8   ARG A N   1 
ATOM   55   C CA  . ARG A 1 8   ? -9.217  -7.882  -5.278  1.00 15.00 ? 8   ARG A CA  1 
ATOM   56   C C   . ARG A 1 8   ? -10.020 -9.159  -5.461  1.00 15.00 ? 8   ARG A C   1 
ATOM   57   O O   . ARG A 1 8   ? -10.278 -9.885  -4.496  1.00 15.00 ? 8   ARG A O   1 
ATOM   58   C CB  . ARG A 1 8   ? -10.110 -6.655  -5.497  1.00 15.00 ? 8   ARG A CB  1 
ATOM   59   C CG  . ARG A 1 8   ? -9.432  -5.329  -5.186  1.00 15.00 ? 8   ARG A CG  1 
ATOM   60   C CD  . ARG A 1 8   ? -10.304 -4.153  -5.594  1.00 15.00 ? 8   ARG A CD  1 
ATOM   61   N NE  . ARG A 1 8   ? -10.689 -4.222  -6.999  1.00 15.00 ? 8   ARG A NE  1 
ATOM   62   C CZ  . ARG A 1 8   ? -11.285 -3.238  -7.668  1.00 15.00 ? 8   ARG A CZ  1 
ATOM   63   N NH1 . ARG A 1 8   ? -11.563 -2.091  -7.063  1.00 15.00 ? 8   ARG A NH1 1 
ATOM   64   N NH2 . ARG A 1 8   ? -11.630 -3.412  -8.937  1.00 15.00 ? 8   ARG A NH2 1 
ATOM   65   N N   . LYS A 1 9   ? -10.325 -9.481  -6.715  1.00 15.00 ? 9   LYS A N   1 
ATOM   66   C CA  . LYS A 1 9   ? -11.109 -10.667 -7.021  1.00 15.00 ? 9   LYS A CA  1 
ATOM   67   C C   . LYS A 1 9   ? -10.360 -11.991 -6.973  1.00 15.00 ? 9   LYS A C   1 
ATOM   68   O O   . LYS A 1 9   ? -10.825 -12.994 -7.507  1.00 15.00 ? 9   LYS A O   1 
ATOM   69   C CB  . LYS A 1 9   ? -11.824 -10.501 -8.359  1.00 15.00 ? 9   LYS A CB  1 
ATOM   70   C CG  . LYS A 1 9   ? -10.974 -9.982  -9.474  1.00 15.00 ? 9   LYS A CG  1 
ATOM   71   C CD  . LYS A 1 9   ? -11.830 -9.756  -10.706 1.00 15.00 ? 9   LYS A CD  1 
ATOM   72   C CE  . LYS A 1 9   ? -10.979 -9.439  -11.933 1.00 15.00 ? 9   LYS A CE  1 
ATOM   73   N NZ  . LYS A 1 9   ? -11.823 -9.242  -13.155 1.00 15.00 ? 9   LYS A NZ  1 
ATOM   74   N N   . LYS A 1 10  ? -9.214  -12.010 -6.300  1.00 15.00 ? 10  LYS A N   1 
ATOM   75   C CA  . LYS A 1 10  ? -8.414  -13.226 -6.160  1.00 15.00 ? 10  LYS A CA  1 
ATOM   76   C C   . LYS A 1 10  ? -8.161  -13.592 -4.689  1.00 15.00 ? 10  LYS A C   1 
ATOM   77   O O   . LYS A 1 10  ? -7.509  -14.600 -4.403  1.00 15.00 ? 10  LYS A O   1 
ATOM   78   C CB  . LYS A 1 10  ? -7.068  -13.069 -6.877  1.00 15.00 ? 10  LYS A CB  1 
ATOM   79   C CG  . LYS A 1 10  ? -7.150  -13.003 -8.393  1.00 15.00 ? 10  LYS A CG  1 
ATOM   80   C CD  . LYS A 1 10  ? -5.762  -12.841 -8.996  1.00 15.00 ? 10  LYS A CD  1 
ATOM   81   C CE  . LYS A 1 10  ? -5.830  -12.672 -10.498 1.00 15.00 ? 10  LYS A CE  1 
ATOM   82   N NZ  . LYS A 1 10  ? -6.669  -11.510 -10.928 1.00 15.00 ? 10  LYS A NZ  1 
ATOM   83   N N   . GLY A 1 11  ? -8.657  -12.776 -3.757  1.00 15.00 ? 11  GLY A N   1 
ATOM   84   C CA  . GLY A 1 11  ? -8.451  -13.040 -2.343  1.00 15.00 ? 11  GLY A CA  1 
ATOM   85   C C   . GLY A 1 11  ? -7.097  -12.571 -1.847  1.00 15.00 ? 11  GLY A C   1 
ATOM   86   O O   . GLY A 1 11  ? -6.649  -12.967 -0.779  1.00 15.00 ? 11  GLY A O   1 
ATOM   87   N N   . TYR A 1 12  ? -6.461  -11.685 -2.609  1.00 15.00 ? 12  TYR A N   1 
ATOM   88   C CA  . TYR A 1 12  ? -5.141  -11.151 -2.269  1.00 15.00 ? 12  TYR A CA  1 
ATOM   89   C C   . TYR A 1 12  ? -5.220  -9.882  -1.449  1.00 15.00 ? 12  TYR A C   1 
ATOM   90   O O   . TYR A 1 12  ? -4.200  -9.403  -0.958  1.00 15.00 ? 12  TYR A O   1 
ATOM   91   C CB  . TYR A 1 12  ? -4.362  -10.792 -3.534  1.00 15.00 ? 12  TYR A CB  1 
ATOM   92   C CG  . TYR A 1 12  ? -3.508  -11.868 -4.176  1.00 15.00 ? 12  TYR A CG  1 
ATOM   93   C CD1 . TYR A 1 12  ? -4.089  -12.955 -4.833  1.00 15.00 ? 12  TYR A CD1 1 
ATOM   94   C CD2 . TYR A 1 12  ? -2.121  -11.721 -4.252  1.00 15.00 ? 12  TYR A CD2 1 
ATOM   95   C CE1 . TYR A 1 12  ? -3.314  -13.857 -5.564  1.00 15.00 ? 12  TYR A CE1 1 
ATOM   96   C CE2 . TYR A 1 12  ? -1.340  -12.611 -4.976  1.00 15.00 ? 12  TYR A CE2 1 
ATOM   97   C CZ  . TYR A 1 12  ? -1.945  -13.674 -5.629  1.00 15.00 ? 12  TYR A CZ  1 
ATOM   98   O OH  . TYR A 1 12  ? -1.186  -14.546 -6.360  1.00 15.00 ? 12  TYR A OH  1 
ATOM   99   N N   . VAL A 1 13  ? -6.409  -9.291  -1.358  1.00 15.00 ? 13  VAL A N   1 
ATOM   100  C CA  . VAL A 1 13  ? -6.579  -8.038  -0.631  1.00 15.00 ? 13  VAL A CA  1 
ATOM   101  C C   . VAL A 1 13  ? -7.633  -8.104  0.476   1.00 15.00 ? 13  VAL A C   1 
ATOM   102  O O   . VAL A 1 13  ? -8.632  -8.825  0.362   1.00 15.00 ? 13  VAL A O   1 
ATOM   103  C CB  . VAL A 1 13  ? -6.873  -6.875  -1.620  1.00 15.00 ? 13  VAL A CB  1 
ATOM   104  C CG1 . VAL A 1 13  ? -8.296  -6.937  -2.117  1.00 15.00 ? 13  VAL A CG1 1 
ATOM   105  C CG2 . VAL A 1 13  ? -6.572  -5.544  -0.985  1.00 15.00 ? 13  VAL A CG2 1 
ATOM   106  N N   . THR A 1 14  ? -7.357  -7.373  1.558   1.00 15.00 ? 14  THR A N   1 
ATOM   107  C CA  . THR A 1 14  ? -8.220  -7.302  2.742   1.00 15.00 ? 14  THR A CA  1 
ATOM   108  C C   . THR A 1 14  ? -9.126  -6.073  2.744   1.00 15.00 ? 14  THR A C   1 
ATOM   109  O O   . THR A 1 14  ? -8.893  -5.122  2.002   1.00 15.00 ? 14  THR A O   1 
ATOM   110  C CB  . THR A 1 14  ? -7.375  -7.267  4.023   1.00 15.00 ? 14  THR A CB  1 
ATOM   111  O OG1 . THR A 1 14  ? -6.473  -6.160  3.965   1.00 15.00 ? 14  THR A OG1 1 
ATOM   112  C CG2 . THR A 1 14  ? -6.584  -8.542  4.174   1.00 15.00 ? 14  THR A CG2 1 
ATOM   113  N N   . PRO A 1 15  ? -10.187 -6.088  3.569   1.00 15.00 ? 15  PRO A N   1 
ATOM   114  C CA  . PRO A 1 15  ? -11.107 -4.950  3.639   1.00 15.00 ? 15  PRO A CA  1 
ATOM   115  C C   . PRO A 1 15  ? -10.402 -3.607  3.815   1.00 15.00 ? 15  PRO A C   1 
ATOM   116  O O   . PRO A 1 15  ? -9.340  -3.522  4.436   1.00 15.00 ? 15  PRO A O   1 
ATOM   117  C CB  . PRO A 1 15  ? -11.993 -5.295  4.845   1.00 15.00 ? 15  PRO A CB  1 
ATOM   118  C CG  . PRO A 1 15  ? -11.224 -6.400  5.587   1.00 15.00 ? 15  PRO A CG  1 
ATOM   119  C CD  . PRO A 1 15  ? -10.647 -7.173  4.453   1.00 15.00 ? 15  PRO A CD  1 
ATOM   120  N N   . VAL A 1 16  ? -10.991 -2.562  3.234   1.00 15.00 ? 16  VAL A N   1 
ATOM   121  C CA  . VAL A 1 16  ? -10.438 -1.219  3.313   1.00 15.00 ? 16  VAL A CA  1 
ATOM   122  C C   . VAL A 1 16  ? -10.495 -0.708  4.744   1.00 15.00 ? 16  VAL A C   1 
ATOM   123  O O   . VAL A 1 16  ? -11.546 -0.751  5.387   1.00 15.00 ? 16  VAL A O   1 
ATOM   124  C CB  . VAL A 1 16  ? -11.208 -0.239  2.414   1.00 15.00 ? 16  VAL A CB  1 
ATOM   125  C CG1 . VAL A 1 16  ? -10.425 1.048   2.254   1.00 15.00 ? 16  VAL A CG1 1 
ATOM   126  C CG2 . VAL A 1 16  ? -11.482 -0.860  1.076   1.00 15.00 ? 16  VAL A CG2 1 
ATOM   127  N N   . LYS A 1 17  ? -9.360  -0.231  5.242   1.00 15.00 ? 17  LYS A N   1 
ATOM   128  C CA  . LYS A 1 17  ? -9.266  0.301   6.589   1.00 15.00 ? 17  LYS A CA  1 
ATOM   129  C C   . LYS A 1 17  ? -9.189  1.816   6.571   1.00 15.00 ? 17  LYS A C   1 
ATOM   130  O O   . LYS A 1 17  ? -8.879  2.427   5.551   1.00 15.00 ? 17  LYS A O   1 
ATOM   131  C CB  . LYS A 1 17  ? -8.032  -0.258  7.293   1.00 15.00 ? 17  LYS A CB  1 
ATOM   132  C CG  . LYS A 1 17  ? -8.309  -1.440  8.218   1.00 15.00 ? 17  LYS A CG  1 
ATOM   133  C CD  . LYS A 1 17  ? -8.703  -2.707  7.458   1.00 15.00 ? 17  LYS A CD  1 
ATOM   134  C CE  . LYS A 1 17  ? -7.495  -3.543  7.052   1.00 15.00 ? 17  LYS A CE  1 
ATOM   135  N NZ  . LYS A 1 17  ? -6.792  -4.097  8.248   1.00 15.00 ? 17  LYS A NZ  1 
ATOM   136  N N   . ASN A 1 18  ? -9.510  2.413   7.713   1.00 15.00 ? 18  ASN A N   1 
ATOM   137  C CA  . ASN A 1 18  ? -9.471  3.860   7.898   1.00 15.00 ? 18  ASN A CA  1 
ATOM   138  C C   . ASN A 1 18  ? -8.308  4.179   8.824   1.00 15.00 ? 18  ASN A C   1 
ATOM   139  O O   . ASN A 1 18  ? -8.242  3.676   9.946   1.00 15.00 ? 18  ASN A O   1 
ATOM   140  C CB  . ASN A 1 18  ? -10.768 4.361   8.529   1.00 15.00 ? 18  ASN A CB  1 
ATOM   141  C CG  . ASN A 1 18  ? -10.671 5.810   8.970   1.00 15.00 ? 18  ASN A CG  1 
ATOM   142  O OD1 . ASN A 1 18  ? -10.126 6.656   8.255   1.00 15.00 ? 18  ASN A OD1 1 
ATOM   143  N ND2 . ASN A 1 18  ? -11.147 6.095   10.172  1.00 15.00 ? 18  ASN A ND2 1 
ATOM   144  N N   . GLN A 1 19  ? -7.391  5.022   8.375   1.00 15.00 ? 19  GLN A N   1 
ATOM   145  C CA  . GLN A 1 19  ? -6.238  5.361   9.188   1.00 15.00 ? 19  GLN A CA  1 
ATOM   146  C C   . GLN A 1 19  ? -6.513  6.307   10.341  1.00 15.00 ? 19  GLN A C   1 
ATOM   147  O O   . GLN A 1 19  ? -5.708  6.394   11.275  1.00 15.00 ? 19  GLN A O   1 
ATOM   148  C CB  . GLN A 1 19  ? -5.112  5.912   8.321   1.00 15.00 ? 19  GLN A CB  1 
ATOM   149  C CG  . GLN A 1 19  ? -5.537  6.986   7.358   1.00 15.00 ? 19  GLN A CG  1 
ATOM   150  C CD  . GLN A 1 19  ? -4.361  7.656   6.716   1.00 15.00 ? 19  GLN A CD  1 
ATOM   151  O OE1 . GLN A 1 19  ? -4.377  7.974   5.526   1.00 15.00 ? 19  GLN A OE1 1 
ATOM   152  N NE2 . GLN A 1 19  ? -3.338  7.922   7.511   1.00 15.00 ? 19  GLN A NE2 1 
ATOM   153  N N   . GLY A 1 20  ? -7.631  7.026   10.274  1.00 15.00 ? 20  GLY A N   1 
ATOM   154  C CA  . GLY A 1 20  ? -7.981  7.956   11.332  1.00 15.00 ? 20  GLY A CA  1 
ATOM   155  C C   . GLY A 1 20  ? -7.161  9.233   11.291  1.00 15.00 ? 20  GLY A C   1 
ATOM   156  O O   . GLY A 1 20  ? -6.831  9.718   10.212  1.00 15.00 ? 20  GLY A O   1 
ATOM   157  N N   . GLN A 1 21  ? -6.827  9.767   12.465  1.00 15.00 ? 21  GLN A N   1 
ATOM   158  C CA  . GLN A 1 21  ? -6.051  11.007  12.575  1.00 15.00 ? 21  GLN A CA  1 
ATOM   159  C C   . GLN A 1 21  ? -4.550  10.713  12.688  1.00 15.00 ? 21  GLN A C   1 
ATOM   160  O O   . GLN A 1 21  ? -3.735  11.594  12.975  1.00 15.00 ? 21  GLN A O   1 
ATOM   161  C CB  . GLN A 1 21  ? -6.506  11.833  13.799  1.00 15.00 ? 21  GLN A CB  1 
ATOM   162  C CG  . GLN A 1 21  ? -8.012  12.083  13.923  1.00 15.00 ? 21  GLN A CG  1 
ATOM   163  C CD  . GLN A 1 21  ? -8.637  12.618  12.647  1.00 15.00 ? 21  GLN A CD  1 
ATOM   164  O OE1 . GLN A 1 21  ? -8.123  13.548  12.032  1.00 15.00 ? 21  GLN A OE1 1 
ATOM   165  N NE2 . GLN A 1 21  ? -9.746  12.015  12.232  1.00 15.00 ? 21  GLN A NE2 1 
ATOM   166  N N   . CYS A 1 22  ? -4.170  9.458   12.508  1.00 15.00 ? 22  CYS A N   1 
ATOM   167  C CA  . CYS A 1 22  ? -2.774  9.073   12.601  1.00 15.00 ? 22  CYS A CA  1 
ATOM   168  C C   . CYS A 1 22  ? -2.155  9.038   11.203  1.00 15.00 ? 22  CYS A C   1 
ATOM   169  O O   . CYS A 1 22  ? -2.790  8.607   10.243  1.00 15.00 ? 22  CYS A O   1 
ATOM   170  C CB  . CYS A 1 22  ? -2.679  7.719   13.306  1.00 15.00 ? 22  CYS A CB  1 
ATOM   171  S SG  . CYS A 1 22  ? -1.014  7.018   13.445  1.00 15.00 ? 22  CYS A SG  1 
ATOM   172  N N   . GLY A 1 23  ? -0.940  9.558   11.056  1.00 15.00 ? 23  GLY A N   1 
ATOM   173  C CA  . GLY A 1 23  ? -0.289  9.561   9.758   1.00 15.00 ? 23  GLY A CA  1 
ATOM   174  C C   . GLY A 1 23  ? 0.427   8.245   9.529   1.00 15.00 ? 23  GLY A C   1 
ATOM   175  O O   . GLY A 1 23  ? 1.631   8.213   9.293   1.00 15.00 ? 23  GLY A O   1 
ATOM   176  N N   . SER A 1 24  ? -0.340  7.162   9.576   1.00 15.00 ? 24  SER A N   1 
ATOM   177  C CA  . SER A 1 24  ? 0.173   5.812   9.405   1.00 15.00 ? 24  SER A CA  1 
ATOM   178  C C   . SER A 1 24  ? -0.222  5.196   8.063   1.00 15.00 ? 24  SER A C   1 
ATOM   179  O O   . SER A 1 24  ? -0.329  3.976   7.937   1.00 15.00 ? 24  SER A O   1 
ATOM   180  C CB  . SER A 1 24  ? -0.357  4.942   10.534  1.00 15.00 ? 24  SER A CB  1 
ATOM   181  O OG  . SER A 1 24  ? -1.773  5.009   10.546  1.00 15.00 ? 24  SER A OG  1 
ATOM   182  N N   . CYS A 1 25  ? -0.434  6.016   7.038   1.00 15.00 ? 25  CYS A N   1 
ATOM   183  C CA  . CYS A 1 25  ? -0.799  5.481   5.739   1.00 15.00 ? 25  CYS A CA  1 
ATOM   184  C C   . CYS A 1 25  ? 0.338   4.593   5.227   1.00 15.00 ? 25  CYS A C   1 
ATOM   185  O O   . CYS A 1 25  ? 0.108   3.601   4.531   1.00 15.00 ? 25  CYS A O   1 
ATOM   186  C CB  . CYS A 1 25  ? -1.160  6.600   4.753   1.00 15.00 ? 25  CYS A CB  1 
ATOM   187  S SG  . CYS A 1 25  ? 0.124   7.824   4.389   1.00 15.00 ? 25  CYS A SG  1 
ATOM   188  N N   . TRP A 1 26  ? 1.568   4.909   5.632   1.00 15.00 ? 26  TRP A N   1 
ATOM   189  C CA  . TRP A 1 26  ? 2.732   4.127   5.238   1.00 15.00 ? 26  TRP A CA  1 
ATOM   190  C C   . TRP A 1 26  ? 2.687   2.742   5.906   1.00 15.00 ? 26  TRP A C   1 
ATOM   191  O O   . TRP A 1 26  ? 3.177   1.762   5.351   1.00 15.00 ? 26  TRP A O   1 
ATOM   192  C CB  . TRP A 1 26  ? 4.029   4.860   5.609   1.00 15.00 ? 26  TRP A CB  1 
ATOM   193  C CG  . TRP A 1 26  ? 4.226   5.005   7.065   1.00 15.00 ? 26  TRP A CG  1 
ATOM   194  C CD1 . TRP A 1 26  ? 3.717   5.980   7.855   1.00 15.00 ? 26  TRP A CD1 1 
ATOM   195  C CD2 . TRP A 1 26  ? 4.906   4.087   7.936   1.00 15.00 ? 26  TRP A CD2 1 
ATOM   196  N NE1 . TRP A 1 26  ? 4.021   5.728   9.172   1.00 15.00 ? 26  TRP A NE1 1 
ATOM   197  C CE2 . TRP A 1 26  ? 4.748   4.573   9.252   1.00 15.00 ? 26  TRP A CE2 1 
ATOM   198  C CE3 . TRP A 1 26  ? 5.626   2.898   7.736   1.00 15.00 ? 26  TRP A CE3 1 
ATOM   199  C CZ2 . TRP A 1 26  ? 5.281   3.916   10.365  1.00 15.00 ? 26  TRP A CZ2 1 
ATOM   200  C CZ3 . TRP A 1 26  ? 6.157   2.244   8.842   1.00 15.00 ? 26  TRP A CZ3 1 
ATOM   201  C CH2 . TRP A 1 26  ? 5.979   2.756   10.144  1.00 15.00 ? 26  TRP A CH2 1 
ATOM   202  N N   . ALA A 1 27  ? 2.077   2.648   7.087   1.00 15.00 ? 27  ALA A N   1 
ATOM   203  C CA  . ALA A 1 27  ? 1.970   1.380   7.801   1.00 15.00 ? 27  ALA A CA  1 
ATOM   204  C C   . ALA A 1 27  ? 0.923   0.519   7.110   1.00 15.00 ? 27  ALA A C   1 
ATOM   205  O O   . ALA A 1 27  ? 1.136   -0.664  6.866   1.00 15.00 ? 27  ALA A O   1 
ATOM   206  C CB  . ALA A 1 27  ? 1.598   1.612   9.249   1.00 15.00 ? 27  ALA A CB  1 
ATOM   207  N N   . PHE A 1 28  ? -0.204  1.116   6.743   1.00 15.00 ? 28  PHE A N   1 
ATOM   208  C CA  . PHE A 1 28  ? -1.241  0.371   6.058   1.00 15.00 ? 28  PHE A CA  1 
ATOM   209  C C   . PHE A 1 28  ? -0.731  -0.156  4.721   1.00 15.00 ? 28  PHE A C   1 
ATOM   210  O O   . PHE A 1 28  ? -0.884  -1.330  4.411   1.00 15.00 ? 28  PHE A O   1 
ATOM   211  C CB  . PHE A 1 28  ? -2.487  1.235   5.872   1.00 15.00 ? 28  PHE A CB  1 
ATOM   212  C CG  . PHE A 1 28  ? -3.299  1.393   7.124   1.00 15.00 ? 28  PHE A CG  1 
ATOM   213  C CD1 . PHE A 1 28  ? -2.968  2.359   8.066   1.00 15.00 ? 28  PHE A CD1 1 
ATOM   214  C CD2 . PHE A 1 28  ? -4.362  0.545   7.386   1.00 15.00 ? 28  PHE A CD2 1 
ATOM   215  C CE1 . PHE A 1 28  ? -3.678  2.468   9.249   1.00 15.00 ? 28  PHE A CE1 1 
ATOM   216  C CE2 . PHE A 1 28  ? -5.078  0.649   8.572   1.00 15.00 ? 28  PHE A CE2 1 
ATOM   217  C CZ  . PHE A 1 28  ? -4.737  1.607   9.502   1.00 15.00 ? 28  PHE A CZ  1 
ATOM   218  N N   . SER A 1 29  ? -0.085  0.708   3.950   1.00 15.00 ? 29  SER A N   1 
ATOM   219  C CA  . SER A 1 29  ? 0.472   0.333   2.659   1.00 15.00 ? 29  SER A CA  1 
ATOM   220  C C   . SER A 1 29  ? 1.418   -0.853  2.791   1.00 15.00 ? 29  SER A C   1 
ATOM   221  O O   . SER A 1 29  ? 1.254   -1.861  2.099   1.00 15.00 ? 29  SER A O   1 
ATOM   222  C CB  . SER A 1 29  ? 1.229   1.512   2.062   1.00 15.00 ? 29  SER A CB  1 
ATOM   223  O OG  . SER A 1 29  ? 1.884   1.146   0.867   1.00 15.00 ? 29  SER A OG  1 
ATOM   224  N N   . SER A 1 30  ? 2.410   -0.728  3.672   1.00 15.00 ? 30  SER A N   1 
ATOM   225  C CA  . SER A 1 30  ? 3.396   -1.784  3.901   1.00 15.00 ? 30  SER A CA  1 
ATOM   226  C C   . SER A 1 30  ? 2.687   -3.112  4.172   1.00 15.00 ? 30  SER A C   1 
ATOM   227  O O   . SER A 1 30  ? 2.936   -4.126  3.506   1.00 15.00 ? 30  SER A O   1 
ATOM   228  C CB  . SER A 1 30  ? 4.280   -1.432  5.107   1.00 15.00 ? 30  SER A CB  1 
ATOM   229  O OG  . SER A 1 30  ? 4.972   -0.211  4.936   1.00 15.00 ? 30  SER A OG  1 
ATOM   230  N N   . VAL A 1 31  ? 1.773   -3.076  5.137   1.00 15.00 ? 31  VAL A N   1 
ATOM   231  C CA  . VAL A 1 31  ? 1.011   -4.244  5.541   1.00 15.00 ? 31  VAL A CA  1 
ATOM   232  C C   . VAL A 1 31  ? 0.186   -4.804  4.374   1.00 15.00 ? 31  VAL A C   1 
ATOM   233  O O   . VAL A 1 31  ? 0.031   -6.022  4.224   1.00 15.00 ? 31  VAL A O   1 
ATOM   234  C CB  . VAL A 1 31  ? 0.151   -3.907  6.792   1.00 15.00 ? 31  VAL A CB  1 
ATOM   235  C CG1 . VAL A 1 31  ? -1.131  -4.679  6.808   1.00 15.00 ? 31  VAL A CG1 1 
ATOM   236  C CG2 . VAL A 1 31  ? 0.931   -4.207  8.057   1.00 15.00 ? 31  VAL A CG2 1 
ATOM   237  N N   . GLY A 1 32  ? -0.275  -3.929  3.490   1.00 15.00 ? 32  GLY A N   1 
ATOM   238  C CA  . GLY A 1 32  ? -1.057  -4.372  2.354   1.00 15.00 ? 32  GLY A CA  1 
ATOM   239  C C   . GLY A 1 32  ? -0.241  -5.243  1.422   1.00 15.00 ? 32  GLY A C   1 
ATOM   240  O O   . GLY A 1 32  ? -0.745  -6.201  0.836   1.00 15.00 ? 32  GLY A O   1 
ATOM   241  N N   . ALA A 1 33  ? 1.029   -4.907  1.246   1.00 15.00 ? 33  ALA A N   1 
ATOM   242  C CA  . ALA A 1 33  ? 1.900   -5.681  0.376   1.00 15.00 ? 33  ALA A CA  1 
ATOM   243  C C   . ALA A 1 33  ? 2.218   -6.998  1.068   1.00 15.00 ? 33  ALA A C   1 
ATOM   244  O O   . ALA A 1 33  ? 2.287   -8.049  0.428   1.00 15.00 ? 33  ALA A O   1 
ATOM   245  C CB  . ALA A 1 33  ? 3.166   -4.908  0.072   1.00 15.00 ? 33  ALA A CB  1 
ATOM   246  N N   . LEU A 1 34  ? 2.390   -6.950  2.386   1.00 15.00 ? 34  LEU A N   1 
ATOM   247  C CA  . LEU A 1 34  ? 2.680   -8.144  3.170   1.00 15.00 ? 34  LEU A CA  1 
ATOM   248  C C   . LEU A 1 34  ? 1.523   -9.145  3.095   1.00 15.00 ? 34  LEU A C   1 
ATOM   249  O O   . LEU A 1 34  ? 1.731   -10.359 3.061   1.00 15.00 ? 34  LEU A O   1 
ATOM   250  C CB  . LEU A 1 34  ? 2.955   -7.763  4.620   1.00 15.00 ? 34  LEU A CB  1 
ATOM   251  C CG  . LEU A 1 34  ? 4.359   -7.235  4.896   1.00 15.00 ? 34  LEU A CG  1 
ATOM   252  C CD1 . LEU A 1 34  ? 4.466   -6.703  6.302   1.00 15.00 ? 34  LEU A CD1 1 
ATOM   253  C CD2 . LEU A 1 34  ? 5.349   -8.351  4.706   1.00 15.00 ? 34  LEU A CD2 1 
ATOM   254  N N   . GLU A 1 35  ? 0.290   -8.653  3.050   1.00 15.00 ? 35  GLU A N   1 
ATOM   255  C CA  . GLU A 1 35  ? -0.873  -9.530  2.970   1.00 15.00 ? 35  GLU A CA  1 
ATOM   256  C C   . GLU A 1 35  ? -0.969  -10.168 1.594   1.00 15.00 ? 35  GLU A C   1 
ATOM   257  O O   . GLU A 1 35  ? -1.272  -11.350 1.475   1.00 15.00 ? 35  GLU A O   1 
ATOM   258  C CB  . GLU A 1 35  ? -2.150  -8.753  3.286   1.00 15.00 ? 35  GLU A CB  1 
ATOM   259  C CG  . GLU A 1 35  ? -2.209  -8.249  4.720   1.00 15.00 ? 35  GLU A CG  1 
ATOM   260  C CD  . GLU A 1 35  ? -3.184  -7.103  4.929   1.00 15.00 ? 35  GLU A CD  1 
ATOM   261  O OE1 . GLU A 1 35  ? -3.804  -6.635  3.951   1.00 15.00 ? 35  GLU A OE1 1 
ATOM   262  O OE2 . GLU A 1 35  ? -3.315  -6.658  6.087   1.00 15.00 ? 35  GLU A OE2 1 
ATOM   263  N N   . GLY A 1 36  ? -0.672  -9.402  0.550   1.00 15.00 ? 36  GLY A N   1 
ATOM   264  C CA  . GLY A 1 36  ? -0.739  -9.931  -0.800  1.00 15.00 ? 36  GLY A CA  1 
ATOM   265  C C   . GLY A 1 36  ? 0.195   -11.107 -1.008  1.00 15.00 ? 36  GLY A C   1 
ATOM   266  O O   . GLY A 1 36  ? -0.187  -12.121 -1.591  1.00 15.00 ? 36  GLY A O   1 
ATOM   267  N N   . GLN A 1 37  ? 1.422   -10.969 -0.514  1.00 15.00 ? 37  GLN A N   1 
ATOM   268  C CA  . GLN A 1 37  ? 2.431   -12.016 -0.620  1.00 15.00 ? 37  GLN A CA  1 
ATOM   269  C C   . GLN A 1 37  ? 2.068   -13.225 0.231   1.00 15.00 ? 37  GLN A C   1 
ATOM   270  O O   . GLN A 1 37  ? 2.254   -14.375 -0.181  1.00 15.00 ? 37  GLN A O   1 
ATOM   271  C CB  . GLN A 1 37  ? 3.798   -11.465 -0.230  1.00 15.00 ? 37  GLN A CB  1 
ATOM   272  C CG  . GLN A 1 37  ? 4.333   -10.454 -1.235  1.00 15.00 ? 37  GLN A CG  1 
ATOM   273  C CD  . GLN A 1 37  ? 4.338   -11.007 -2.644  1.00 15.00 ? 37  GLN A CD  1 
ATOM   274  O OE1 . GLN A 1 37  ? 4.879   -12.078 -2.894  1.00 15.00 ? 37  GLN A OE1 1 
ATOM   275  N NE2 . GLN A 1 37  ? 3.706   -10.301 -3.564  1.00 15.00 ? 37  GLN A NE2 1 
ATOM   276  N N   . LEU A 1 38  ? 1.525   -12.969 1.415   1.00 15.00 ? 38  LEU A N   1 
ATOM   277  C CA  . LEU A 1 38  ? 1.094   -14.038 2.316   1.00 15.00 ? 38  LEU A CA  1 
ATOM   278  C C   . LEU A 1 38  ? 0.146   -14.955 1.537   1.00 15.00 ? 38  LEU A C   1 
ATOM   279  O O   . LEU A 1 38  ? 0.378   -16.157 1.412   1.00 15.00 ? 38  LEU A O   1 
ATOM   280  C CB  . LEU A 1 38  ? 0.349   -13.446 3.516   1.00 15.00 ? 38  LEU A CB  1 
ATOM   281  C CG  . LEU A 1 38  ? -0.001  -14.386 4.668   1.00 15.00 ? 38  LEU A CG  1 
ATOM   282  C CD1 . LEU A 1 38  ? 1.273   -14.770 5.405   1.00 15.00 ? 38  LEU A CD1 1 
ATOM   283  C CD2 . LEU A 1 38  ? -0.970  -13.705 5.614   1.00 15.00 ? 38  LEU A CD2 1 
ATOM   284  N N   . LYS A 1 39  ? -0.893  -14.367 0.956   1.00 15.00 ? 39  LYS A N   1 
ATOM   285  C CA  . LYS A 1 39  ? -1.867  -15.115 0.185   1.00 15.00 ? 39  LYS A CA  1 
ATOM   286  C C   . LYS A 1 39  ? -1.166  -15.882 -0.924  1.00 15.00 ? 39  LYS A C   1 
ATOM   287  O O   . LYS A 1 39  ? -1.460  -17.052 -1.152  1.00 15.00 ? 39  LYS A O   1 
ATOM   288  C CB  . LYS A 1 39  ? -2.914  -14.169 -0.400  1.00 15.00 ? 39  LYS A CB  1 
ATOM   289  C CG  . LYS A 1 39  ? -3.903  -14.812 -1.352  1.00 15.00 ? 39  LYS A CG  1 
ATOM   290  C CD  . LYS A 1 39  ? -4.706  -15.917 -0.711  1.00 15.00 ? 39  LYS A CD  1 
ATOM   291  C CE  . LYS A 1 39  ? -5.701  -16.458 -1.694  1.00 15.00 ? 39  LYS A CE  1 
ATOM   292  N NZ  . LYS A 1 39  ? -6.409  -17.639 -1.156  1.00 15.00 ? 39  LYS A NZ  1 
ATOM   293  N N   . LYS A 1 40  ? -0.204  -15.251 -1.587  1.00 15.00 ? 40  LYS A N   1 
ATOM   294  C CA  . LYS A 1 40  ? 0.518   -15.906 -2.674  1.00 15.00 ? 40  LYS A CA  1 
ATOM   295  C C   . LYS A 1 40  ? 1.200   -17.198 -2.191  1.00 15.00 ? 40  LYS A C   1 
ATOM   296  O O   . LYS A 1 40  ? 1.019   -18.277 -2.776  1.00 15.00 ? 40  LYS A O   1 
ATOM   297  C CB  . LYS A 1 40  ? 1.572   -14.953 -3.246  1.00 15.00 ? 40  LYS A CB  1 
ATOM   298  C CG  . LYS A 1 40  ? 2.178   -15.368 -4.582  1.00 15.00 ? 40  LYS A CG  1 
ATOM   299  C CD  . LYS A 1 40  ? 3.268   -14.391 -5.021  1.00 15.00 ? 40  LYS A CD  1 
ATOM   300  C CE  . LYS A 1 40  ? 3.777   -14.707 -6.423  1.00 15.00 ? 40  LYS A CE  1 
ATOM   301  N NZ  . LYS A 1 40  ? 2.718   -14.581 -7.462  1.00 15.00 ? 40  LYS A NZ  1 
ATOM   302  N N   . LYS A 1 41  ? 1.933   -17.091 -1.086  1.00 15.00 ? 41  LYS A N   1 
ATOM   303  C CA  . LYS A 1 41  ? 2.660   -18.224 -0.540  1.00 15.00 ? 41  LYS A CA  1 
ATOM   304  C C   . LYS A 1 41  ? 1.802   -19.256 0.190   1.00 15.00 ? 41  LYS A C   1 
ATOM   305  O O   . LYS A 1 41  ? 1.694   -20.397 -0.252  1.00 15.00 ? 41  LYS A O   1 
ATOM   306  C CB  . LYS A 1 41  ? 3.789   -17.727 0.366   1.00 15.00 ? 41  LYS A CB  1 
ATOM   307  C CG  . LYS A 1 41  ? 4.642   -16.618 -0.265  1.00 15.00 ? 41  LYS A CG  1 
ATOM   308  C CD  . LYS A 1 41  ? 5.129   -16.996 -1.667  1.00 15.00 ? 41  LYS A CD  1 
ATOM   309  C CE  . LYS A 1 41  ? 5.799   -15.823 -2.378  1.00 15.00 ? 41  LYS A CE  1 
ATOM   310  N NZ  . LYS A 1 41  ? 6.176   -16.159 -3.793  1.00 15.00 ? 41  LYS A NZ  1 
ATOM   311  N N   . THR A 1 42  ? 1.174   -18.870 1.299   1.00 15.00 ? 42  THR A N   1 
ATOM   312  C CA  . THR A 1 42  ? 0.363   -19.790 2.093   1.00 15.00 ? 42  THR A CA  1 
ATOM   313  C C   . THR A 1 42  ? -1.023  -20.114 1.541   1.00 15.00 ? 42  THR A C   1 
ATOM   314  O O   . THR A 1 42  ? -1.681  -21.047 2.018   1.00 15.00 ? 42  THR A O   1 
ATOM   315  C CB  . THR A 1 42  ? 0.178   -19.253 3.512   1.00 15.00 ? 42  THR A CB  1 
ATOM   316  O OG1 . THR A 1 42  ? -0.584  -18.042 3.470   1.00 15.00 ? 42  THR A OG1 1 
ATOM   317  C CG2 . THR A 1 42  ? 1.519   -18.959 4.139   1.00 15.00 ? 42  THR A CG2 1 
ATOM   318  N N   . GLY A 1 43  ? -1.489  -19.333 0.573   1.00 15.00 ? 43  GLY A N   1 
ATOM   319  C CA  . GLY A 1 43  ? -2.807  -19.552 0.013   1.00 15.00 ? 43  GLY A CA  1 
ATOM   320  C C   . GLY A 1 43  ? -3.947  -19.046 0.893   1.00 15.00 ? 43  GLY A C   1 
ATOM   321  O O   . GLY A 1 43  ? -5.119  -19.191 0.565   1.00 15.00 ? 43  GLY A O   1 
ATOM   322  N N   . LYS A 1 44  ? -3.665  -18.448 2.043   1.00 15.00 ? 44  LYS A N   1 
ATOM   323  C CA  . LYS A 1 44  ? -4.740  -17.950 2.901   1.00 15.00 ? 44  LYS A CA  1 
ATOM   324  C C   . LYS A 1 44  ? -4.454  -16.521 3.313   1.00 15.00 ? 44  LYS A C   1 
ATOM   325  O O   . LYS A 1 44  ? -3.324  -16.188 3.684   1.00 15.00 ? 44  LYS A O   1 
ATOM   326  C CB  . LYS A 1 44  ? -4.895  -18.810 4.154   1.00 15.00 ? 44  LYS A CB  1 
ATOM   327  C CG  . LYS A 1 44  ? -5.280  -20.256 3.904   1.00 15.00 ? 44  LYS A CG  1 
ATOM   328  C CD  . LYS A 1 44  ? -5.456  -20.987 5.221   1.00 15.00 ? 44  LYS A CD  1 
ATOM   329  C CE  . LYS A 1 44  ? -4.147  -21.133 5.961   1.00 15.00 ? 44  LYS A CE  1 
ATOM   330  N NZ  . LYS A 1 44  ? -3.238  -22.044 5.237   1.00 15.00 ? 44  LYS A NZ  1 
ATOM   331  N N   . LEU A 1 45  ? -5.487  -15.688 3.230   1.00 15.00 ? 45  LEU A N   1 
ATOM   332  C CA  . LEU A 1 45  ? -5.398  -14.276 3.578   1.00 15.00 ? 45  LEU A CA  1 
ATOM   333  C C   . LEU A 1 45  ? -5.706  -14.089 5.060   1.00 15.00 ? 45  LEU A C   1 
ATOM   334  O O   . LEU A 1 45  ? -6.584  -14.748 5.621   1.00 15.00 ? 45  LEU A O   1 
ATOM   335  C CB  . LEU A 1 45  ? -6.386  -13.469 2.732   1.00 15.00 ? 45  LEU A CB  1 
ATOM   336  C CG  . LEU A 1 45  ? -6.221  -11.952 2.654   1.00 15.00 ? 45  LEU A CG  1 
ATOM   337  C CD1 . LEU A 1 45  ? -5.010  -11.604 1.794   1.00 15.00 ? 45  LEU A CD1 1 
ATOM   338  C CD2 . LEU A 1 45  ? -7.476  -11.342 2.060   1.00 15.00 ? 45  LEU A CD2 1 
ATOM   339  N N   . LEU A 1 46  ? -4.982  -13.174 5.688   1.00 15.00 ? 46  LEU A N   1 
ATOM   340  C CA  . LEU A 1 46  ? -5.155  -12.882 7.101   1.00 15.00 ? 46  LEU A CA  1 
ATOM   341  C C   . LEU A 1 46  ? -4.888  -11.383 7.229   1.00 15.00 ? 46  LEU A C   1 
ATOM   342  O O   . LEU A 1 46  ? -4.169  -10.797 6.410   1.00 15.00 ? 46  LEU A O   1 
ATOM   343  C CB  . LEU A 1 46  ? -4.150  -13.712 7.912   1.00 15.00 ? 46  LEU A CB  1 
ATOM   344  C CG  . LEU A 1 46  ? -4.319  -13.985 9.410   1.00 15.00 ? 46  LEU A CG  1 
ATOM   345  C CD1 . LEU A 1 46  ? -3.717  -12.879 10.217  1.00 15.00 ? 46  LEU A CD1 1 
ATOM   346  C CD2 . LEU A 1 46  ? -5.780  -14.174 9.755   1.00 15.00 ? 46  LEU A CD2 1 
ATOM   347  N N   . ASN A 1 47  ? -5.521  -10.726 8.199   1.00 15.00 ? 47  ASN A N   1 
ATOM   348  C CA  . ASN A 1 47  ? -5.325  -9.296  8.382   1.00 15.00 ? 47  ASN A CA  1 
ATOM   349  C C   . ASN A 1 47  ? -4.137  -9.001  9.279   1.00 15.00 ? 47  ASN A C   1 
ATOM   350  O O   . ASN A 1 47  ? -4.111  -9.387  10.441  1.00 15.00 ? 47  ASN A O   1 
ATOM   351  C CB  . ASN A 1 47  ? -6.594  -8.629  8.923   1.00 15.00 ? 47  ASN A CB  1 
ATOM   352  C CG  . ASN A 1 47  ? -7.483  -8.087  7.818   1.00 15.00 ? 47  ASN A CG  1 
ATOM   353  O OD1 . ASN A 1 47  ? -8.391  -8.765  7.357   1.00 15.00 ? 47  ASN A OD1 1 
ATOM   354  N ND2 . ASN A 1 47  ? -7.207  -6.869  7.376   1.00 15.00 ? 47  ASN A ND2 1 
ATOM   355  N N   . LEU A 1 48  ? -3.145  -8.320  8.724   1.00 15.00 ? 48  LEU A N   1 
ATOM   356  C CA  . LEU A 1 48  ? -1.945  -7.980  9.465   1.00 15.00 ? 48  LEU A CA  1 
ATOM   357  C C   . LEU A 1 48  ? -2.089  -6.686  10.269  1.00 15.00 ? 48  LEU A C   1 
ATOM   358  O O   . LEU A 1 48  ? -2.994  -5.884  10.020  1.00 15.00 ? 48  LEU A O   1 
ATOM   359  C CB  . LEU A 1 48  ? -0.728  -7.962  8.530   1.00 15.00 ? 48  LEU A CB  1 
ATOM   360  C CG  . LEU A 1 48  ? -0.284  -9.344  8.024   1.00 15.00 ? 48  LEU A CG  1 
ATOM   361  C CD1 . LEU A 1 48  ? 0.993   -9.251  7.224   1.00 15.00 ? 48  LEU A CD1 1 
ATOM   362  C CD2 . LEU A 1 48  ? -0.054  -10.244 9.191   1.00 15.00 ? 48  LEU A CD2 1 
ATOM   363  N N   . SER A 1 49  ? -1.189  -6.497  11.228  1.00 15.00 ? 49  SER A N   1 
ATOM   364  C CA  . SER A 1 49  ? -1.203  -5.347  12.124  1.00 15.00 ? 49  SER A CA  1 
ATOM   365  C C   . SER A 1 49  ? -0.416  -4.086  11.734  1.00 15.00 ? 49  SER A C   1 
ATOM   366  O O   . SER A 1 49  ? 0.816   -4.063  11.798  1.00 15.00 ? 49  SER A O   1 
ATOM   367  C CB  . SER A 1 49  ? -0.761  -5.817  13.517  1.00 15.00 ? 49  SER A CB  1 
ATOM   368  O OG  . SER A 1 49  ? -0.575  -4.743  14.418  1.00 15.00 ? 49  SER A OG  1 
ATOM   369  N N   . PRO A 1 50  ? -1.128  -3.009  11.332  1.00 15.00 ? 50  PRO A N   1 
ATOM   370  C CA  . PRO A 1 50  ? -0.485  -1.746  10.952  1.00 15.00 ? 50  PRO A CA  1 
ATOM   371  C C   . PRO A 1 50  ? 0.067   -1.078  12.218  1.00 15.00 ? 50  PRO A C   1 
ATOM   372  O O   . PRO A 1 50  ? 1.083   -0.387  12.185  1.00 15.00 ? 50  PRO A O   1 
ATOM   373  C CB  . PRO A 1 50  ? -1.648  -0.928  10.385  1.00 15.00 ? 50  PRO A CB  1 
ATOM   374  C CG  . PRO A 1 50  ? -2.585  -1.947  9.888   1.00 15.00 ? 50  PRO A CG  1 
ATOM   375  C CD  . PRO A 1 50  ? -2.558  -2.975  10.981  1.00 15.00 ? 50  PRO A CD  1 
ATOM   376  N N   . GLN A 1 51  ? -0.622  -1.278  13.341  1.00 15.00 ? 51  GLN A N   1 
ATOM   377  C CA  . GLN A 1 51  ? -0.206  -0.701  14.616  1.00 15.00 ? 51  GLN A CA  1 
ATOM   378  C C   . GLN A 1 51  ? 1.151   -1.271  15.011  1.00 15.00 ? 51  GLN A C   1 
ATOM   379  O O   . GLN A 1 51  ? 2.031   -0.543  15.474  1.00 15.00 ? 51  GLN A O   1 
ATOM   380  C CB  . GLN A 1 51  ? -1.256  -0.988  15.704  1.00 15.00 ? 51  GLN A CB  1 
ATOM   381  C CG  . GLN A 1 51  ? -0.980  -0.367  17.090  1.00 15.00 ? 51  GLN A CG  1 
ATOM   382  C CD  . GLN A 1 51  ? -1.204  1.146   17.154  1.00 15.00 ? 51  GLN A CD  1 
ATOM   383  O OE1 . GLN A 1 51  ? -2.169  1.674   16.607  1.00 15.00 ? 51  GLN A OE1 1 
ATOM   384  N NE2 . GLN A 1 51  ? -0.331  1.831   17.855  1.00 15.00 ? 51  GLN A NE2 1 
ATOM   385  N N   . ASN A 1 52  ? 1.356   -2.563  14.764  1.00 15.00 ? 52  ASN A N   1 
ATOM   386  C CA  . ASN A 1 52  ? 2.617   -3.226  15.104  1.00 15.00 ? 52  ASN A CA  1 
ATOM   387  C C   . ASN A 1 52  ? 3.801   -2.489  14.479  1.00 15.00 ? 52  ASN A C   1 
ATOM   388  O O   . ASN A 1 52  ? 4.883   -2.431  15.060  1.00 15.00 ? 52  ASN A O   1 
ATOM   389  C CB  . ASN A 1 52  ? 2.586   -4.693  14.642  1.00 15.00 ? 52  ASN A CB  1 
ATOM   390  C CG  . ASN A 1 52  ? 3.804   -5.486  15.084  1.00 15.00 ? 52  ASN A CG  1 
ATOM   391  O OD1 . ASN A 1 52  ? 4.053   -6.574  14.575  1.00 15.00 ? 52  ASN A OD1 1 
ATOM   392  N ND2 . ASN A 1 52  ? 4.552   -4.963  16.043  1.00 15.00 ? 52  ASN A ND2 1 
ATOM   393  N N   . LEU A 1 53  ? 3.571   -1.909  13.307  1.00 15.00 ? 53  LEU A N   1 
ATOM   394  C CA  . LEU A 1 53  ? 4.590   -1.153  12.590  1.00 15.00 ? 53  LEU A CA  1 
ATOM   395  C C   . LEU A 1 53  ? 4.734   0.250   13.146  1.00 15.00 ? 53  LEU A C   1 
ATOM   396  O O   . LEU A 1 53  ? 5.844   0.756   13.303  1.00 15.00 ? 53  LEU A O   1 
ATOM   397  C CB  . LEU A 1 53  ? 4.225   -1.053  11.110  1.00 15.00 ? 53  LEU A CB  1 
ATOM   398  C CG  . LEU A 1 53  ? 4.257   -2.350  10.313  1.00 15.00 ? 53  LEU A CG  1 
ATOM   399  C CD1 . LEU A 1 53  ? 3.816   -2.084  8.891   1.00 15.00 ? 53  LEU A CD1 1 
ATOM   400  C CD2 . LEU A 1 53  ? 5.662   -2.921  10.351  1.00 15.00 ? 53  LEU A CD2 1 
ATOM   401  N N   . VAL A 1 54  ? 3.595   0.865   13.436  1.00 15.00 ? 54  VAL A N   1 
ATOM   402  C CA  . VAL A 1 54  ? 3.537   2.224   13.959  1.00 15.00 ? 54  VAL A CA  1 
ATOM   403  C C   . VAL A 1 54  ? 4.349   2.400   15.235  1.00 15.00 ? 54  VAL A C   1 
ATOM   404  O O   . VAL A 1 54  ? 5.123   3.348   15.358  1.00 15.00 ? 54  VAL A O   1 
ATOM   405  C CB  . VAL A 1 54  ? 2.077   2.634   14.221  1.00 15.00 ? 54  VAL A CB  1 
ATOM   406  C CG1 . VAL A 1 54  ? 2.012   4.016   14.844  1.00 15.00 ? 54  VAL A CG1 1 
ATOM   407  C CG2 . VAL A 1 54  ? 1.291   2.597   12.920  1.00 15.00 ? 54  VAL A CG2 1 
ATOM   408  N N   . ASP A 1 55  ? 4.186   1.472   16.174  1.00 15.00 ? 55  ASP A N   1 
ATOM   409  C CA  . ASP A 1 55  ? 4.885   1.522   17.452  1.00 15.00 ? 55  ASP A CA  1 
ATOM   410  C C   . ASP A 1 55  ? 6.294   0.939   17.459  1.00 15.00 ? 55  ASP A C   1 
ATOM   411  O O   . ASP A 1 55  ? 7.108   1.304   18.300  1.00 15.00 ? 55  ASP A O   1 
ATOM   412  C CB  . ASP A 1 55  ? 4.088   0.768   18.514  1.00 15.00 ? 55  ASP A CB  1 
ATOM   413  C CG  . ASP A 1 55  ? 2.655   1.235   18.636  1.00 15.00 ? 55  ASP A CG  1 
ATOM   414  O OD1 . ASP A 1 55  ? 2.327   2.334   18.155  1.00 15.00 ? 55  ASP A OD1 1 
ATOM   415  O OD2 . ASP A 1 55  ? 1.854   0.484   19.229  1.00 15.00 ? 55  ASP A OD2 1 
ATOM   416  N N   . CYS A 1 56  ? 6.598   0.021   16.546  1.00 15.00 ? 56  CYS A N   1 
ATOM   417  C CA  . CYS A 1 56  ? 7.899   -0.634  16.541  1.00 15.00 ? 56  CYS A CA  1 
ATOM   418  C C   . CYS A 1 56  ? 8.980   -0.183  15.554  1.00 15.00 ? 56  CYS A C   1 
ATOM   419  O O   . CYS A 1 56  ? 10.173  -0.283  15.851  1.00 15.00 ? 56  CYS A O   1 
ATOM   420  C CB  . CYS A 1 56  ? 7.694   -2.140  16.462  1.00 15.00 ? 56  CYS A CB  1 
ATOM   421  S SG  . CYS A 1 56  ? 6.435   -2.758  17.629  1.00 15.00 ? 56  CYS A SG  1 
ATOM   422  N N   . VAL A 1 57  ? 8.614   0.309   14.372  1.00 15.00 ? 57  VAL A N   1 
ATOM   423  C CA  . VAL A 1 57  ? 9.626   0.757   13.409  1.00 15.00 ? 57  VAL A CA  1 
ATOM   424  C C   . VAL A 1 57  ? 10.197  2.098   13.857  1.00 15.00 ? 57  VAL A C   1 
ATOM   425  O O   . VAL A 1 57  ? 9.802   3.142   13.353  1.00 15.00 ? 57  VAL A O   1 
ATOM   426  C CB  . VAL A 1 57  ? 9.058   0.913   11.977  1.00 15.00 ? 57  VAL A CB  1 
ATOM   427  C CG1 . VAL A 1 57  ? 10.190  1.228   10.999  1.00 15.00 ? 57  VAL A CG1 1 
ATOM   428  C CG2 . VAL A 1 57  ? 8.322   -0.327  11.551  1.00 15.00 ? 57  VAL A CG2 1 
ATOM   429  N N   . SER A 1 58  ? 11.152  2.063   14.780  1.00 15.00 ? 58  SER A N   1 
ATOM   430  C CA  . SER A 1 58  ? 11.760  3.276   15.311  1.00 15.00 ? 58  SER A CA  1 
ATOM   431  C C   . SER A 1 58  ? 12.408  4.137   14.242  1.00 15.00 ? 58  SER A C   1 
ATOM   432  O O   . SER A 1 58  ? 12.667  5.320   14.457  1.00 15.00 ? 58  SER A O   1 
ATOM   433  C CB  . SER A 1 58  ? 12.809  2.924   16.355  1.00 15.00 ? 58  SER A CB  1 
ATOM   434  O OG  . SER A 1 58  ? 13.868  2.198   15.759  1.00 15.00 ? 58  SER A OG  1 
ATOM   435  N N   . GLU A 1 59  ? 12.718  3.545   13.098  1.00 15.00 ? 59  GLU A N   1 
ATOM   436  C CA  . GLU A 1 59  ? 13.331  4.293   12.016  1.00 15.00 ? 59  GLU A CA  1 
ATOM   437  C C   . GLU A 1 59  ? 12.325  5.286   11.446  1.00 15.00 ? 59  GLU A C   1 
ATOM   438  O O   . GLU A 1 59  ? 12.686  6.212   10.719  1.00 15.00 ? 59  GLU A O   1 
ATOM   439  C CB  . GLU A 1 59  ? 13.815  3.350   10.907  1.00 15.00 ? 59  GLU A CB  1 
ATOM   440  C CG  . GLU A 1 59  ? 14.908  2.394   11.326  1.00 15.00 ? 59  GLU A CG  1 
ATOM   441  C CD  . GLU A 1 59  ? 14.421  1.330   12.281  1.00 15.00 ? 59  GLU A CD  1 
ATOM   442  O OE1 . GLU A 1 59  ? 13.346  0.746   12.028  1.00 15.00 ? 59  GLU A OE1 1 
ATOM   443  O OE2 . GLU A 1 59  ? 15.112  1.068   13.288  1.00 15.00 ? 59  GLU A OE2 1 
ATOM   444  N N   . ASN A 1 60  ? 11.050  5.070   11.749  1.00 15.00 ? 60  ASN A N   1 
ATOM   445  C CA  . ASN A 1 60  ? 9.984   5.933   11.268  1.00 15.00 ? 60  ASN A CA  1 
ATOM   446  C C   . ASN A 1 60  ? 9.442   6.828   12.365  1.00 15.00 ? 60  ASN A C   1 
ATOM   447  O O   . ASN A 1 60  ? 9.776   6.654   13.528  1.00 15.00 ? 60  ASN A O   1 
ATOM   448  C CB  . ASN A 1 60  ? 8.875   5.108   10.624  1.00 15.00 ? 60  ASN A CB  1 
ATOM   449  C CG  . ASN A 1 60  ? 9.256   4.600   9.251   1.00 15.00 ? 60  ASN A CG  1 
ATOM   450  O OD1 . ASN A 1 60  ? 8.493   3.888   8.618   1.00 15.00 ? 60  ASN A OD1 1 
ATOM   451  N ND2 . ASN A 1 60  ? 10.424  4.991   8.771   1.00 15.00 ? 60  ASN A ND2 1 
ATOM   452  N N   . ASP A 1 61  ? 8.573   7.757   11.990  1.00 15.00 ? 61  ASP A N   1 
ATOM   453  C CA  . ASP A 1 61  ? 8.016   8.717   12.925  1.00 15.00 ? 61  ASP A CA  1 
ATOM   454  C C   . ASP A 1 61  ? 6.706   8.325   13.620  1.00 15.00 ? 61  ASP A C   1 
ATOM   455  O O   . ASP A 1 61  ? 6.169   9.092   14.424  1.00 15.00 ? 61  ASP A O   1 
ATOM   456  C CB  . ASP A 1 61  ? 7.842   10.055  12.203  1.00 15.00 ? 61  ASP A CB  1 
ATOM   457  C CG  . ASP A 1 61  ? 8.349   11.234  13.013  1.00 15.00 ? 61  ASP A CG  1 
ATOM   458  O OD1 . ASP A 1 61  ? 8.299   11.181  14.261  1.00 15.00 ? 61  ASP A OD1 1 
ATOM   459  O OD2 . ASP A 1 61  ? 8.800   12.216  12.392  1.00 15.00 ? 61  ASP A OD2 1 
ATOM   460  N N   . GLY A 1 62  ? 6.183   7.136   13.343  1.00 15.00 ? 62  GLY A N   1 
ATOM   461  C CA  . GLY A 1 62  ? 4.930   6.726   13.960  1.00 15.00 ? 62  GLY A CA  1 
ATOM   462  C C   . GLY A 1 62  ? 3.795   7.390   13.207  1.00 15.00 ? 62  GLY A C   1 
ATOM   463  O O   . GLY A 1 62  ? 3.679   7.233   11.993  1.00 15.00 ? 62  GLY A O   1 
ATOM   464  N N   . CYS A 1 63  ? 2.959   8.160   13.898  1.00 15.00 ? 63  CYS A N   1 
ATOM   465  C CA  . CYS A 1 63  ? 1.850   8.865   13.249  1.00 15.00 ? 63  CYS A CA  1 
ATOM   466  C C   . CYS A 1 63  ? 2.353   10.086  12.492  1.00 15.00 ? 63  CYS A C   1 
ATOM   467  O O   . CYS A 1 63  ? 1.568   10.784  11.862  1.00 15.00 ? 63  CYS A O   1 
ATOM   468  C CB  . CYS A 1 63  ? 0.797   9.313   14.265  1.00 15.00 ? 63  CYS A CB  1 
ATOM   469  S SG  . CYS A 1 63  ? -0.141  7.961   15.022  1.00 15.00 ? 63  CYS A SG  1 
ATOM   470  N N   . GLY A 1 64  ? 3.647   10.377  12.607  1.00 15.00 ? 64  GLY A N   1 
ATOM   471  C CA  . GLY A 1 64  ? 4.219   11.516  11.916  1.00 15.00 ? 64  GLY A CA  1 
ATOM   472  C C   . GLY A 1 64  ? 4.661   11.130  10.516  1.00 15.00 ? 64  GLY A C   1 
ATOM   473  O O   . GLY A 1 64  ? 4.708   11.962  9.605   1.00 15.00 ? 64  GLY A O   1 
ATOM   474  N N   . GLY A 1 65  ? 4.996   9.857   10.329  1.00 15.00 ? 65  GLY A N   1 
ATOM   475  C CA  . GLY A 1 65  ? 5.430   9.412   9.022   1.00 15.00 ? 65  GLY A CA  1 
ATOM   476  C C   . GLY A 1 65  ? 6.379   8.234   8.984   1.00 15.00 ? 65  GLY A C   1 
ATOM   477  O O   . GLY A 1 65  ? 6.851   7.742   10.012  1.00 15.00 ? 65  GLY A O   1 
ATOM   478  N N   . GLY A 1 66  ? 6.672   7.780   7.774   1.00 15.00 ? 66  GLY A N   1 
ATOM   479  C CA  . GLY A 1 66  ? 7.570   6.658   7.609   1.00 15.00 ? 66  GLY A CA  1 
ATOM   480  C C   . GLY A 1 66  ? 7.623   6.119   6.199   1.00 15.00 ? 66  GLY A C   1 
ATOM   481  O O   . GLY A 1 66  ? 6.769   6.423   5.374   1.00 15.00 ? 66  GLY A O   1 
ATOM   482  N N   . TYR A 1 67  ? 8.644   5.320   5.917   1.00 15.00 ? 67  TYR A N   1 
ATOM   483  C CA  . TYR A 1 67  ? 8.822   4.731   4.597   1.00 15.00 ? 67  TYR A CA  1 
ATOM   484  C C   . TYR A 1 67  ? 8.488   3.257   4.715   1.00 15.00 ? 67  TYR A C   1 
ATOM   485  O O   . TYR A 1 67  ? 8.802   2.632   5.731   1.00 15.00 ? 67  TYR A O   1 
ATOM   486  C CB  . TYR A 1 67  ? 10.266  4.880   4.123   1.00 15.00 ? 67  TYR A CB  1 
ATOM   487  C CG  . TYR A 1 67  ? 10.742  6.301   3.955   1.00 15.00 ? 67  TYR A CG  1 
ATOM   488  C CD1 . TYR A 1 67  ? 10.391  7.048   2.826   1.00 15.00 ? 67  TYR A CD1 1 
ATOM   489  C CD2 . TYR A 1 67  ? 11.597  6.880   4.886   1.00 15.00 ? 67  TYR A CD2 1 
ATOM   490  C CE1 . TYR A 1 67  ? 10.890  8.330   2.629   1.00 15.00 ? 67  TYR A CE1 1 
ATOM   491  C CE2 . TYR A 1 67  ? 12.097  8.160   4.704   1.00 15.00 ? 67  TYR A CE2 1 
ATOM   492  C CZ  . TYR A 1 67  ? 11.740  8.882   3.572   1.00 15.00 ? 67  TYR A CZ  1 
ATOM   493  O OH  . TYR A 1 67  ? 12.226  10.162  3.393   1.00 15.00 ? 67  TYR A OH  1 
ATOM   494  N N   . MET A 1 68  ? 7.884   2.705   3.666   1.00 15.00 ? 68  MET A N   1 
ATOM   495  C CA  . MET A 1 68  ? 7.494   1.296   3.639   1.00 15.00 ? 68  MET A CA  1 
ATOM   496  C C   . MET A 1 68  ? 8.715   0.396   3.756   1.00 15.00 ? 68  MET A C   1 
ATOM   497  O O   . MET A 1 68  ? 8.714   -0.578  4.510   1.00 15.00 ? 68  MET A O   1 
ATOM   498  C CB  . MET A 1 68  ? 6.719   0.967   2.354   1.00 15.00 ? 68  MET A CB  1 
ATOM   499  C CG  . MET A 1 68  ? 5.372   1.694   2.191   1.00 15.00 ? 68  MET A CG  1 
ATOM   500  S SD  . MET A 1 68  ? 5.470   3.452   1.805   1.00 15.00 ? 68  MET A SD  1 
ATOM   501  C CE  . MET A 1 68  ? 5.592   3.409   0.053   1.00 15.00 ? 68  MET A CE  1 
ATOM   502  N N   . THR A 1 69  ? 9.781   0.754   3.046   1.00 15.00 ? 69  THR A N   1 
ATOM   503  C CA  . THR A 1 69  ? 11.016  -0.021  3.069   1.00 15.00 ? 69  THR A CA  1 
ATOM   504  C C   . THR A 1 69  ? 11.509  -0.224  4.500   1.00 15.00 ? 69  THR A C   1 
ATOM   505  O O   . THR A 1 69  ? 11.949  -1.317  4.857   1.00 15.00 ? 69  THR A O   1 
ATOM   506  C CB  . THR A 1 69  ? 12.128  0.636   2.200   1.00 15.00 ? 69  THR A CB  1 
ATOM   507  O OG1 . THR A 1 69  ? 12.274  2.020   2.548   1.00 15.00 ? 69  THR A OG1 1 
ATOM   508  C CG2 . THR A 1 69  ? 11.789  0.527   0.721   1.00 15.00 ? 69  THR A CG2 1 
ATOM   509  N N   . ASN A 1 70  ? 11.369  0.806   5.339   1.00 15.00 ? 70  ASN A N   1 
ATOM   510  C CA  . ASN A 1 70  ? 11.804  0.742   6.737   1.00 15.00 ? 70  ASN A CA  1 
ATOM   511  C C   . ASN A 1 70  ? 10.987  -0.259  7.530   1.00 15.00 ? 70  ASN A C   1 
ATOM   512  O O   . ASN A 1 70  ? 11.516  -0.938  8.414   1.00 15.00 ? 70  ASN A O   1 
ATOM   513  C CB  . ASN A 1 70  ? 11.718  2.111   7.399   1.00 15.00 ? 70  ASN A CB  1 
ATOM   514  C CG  . ASN A 1 70  ? 12.880  3.008   7.037   1.00 15.00 ? 70  ASN A CG  1 
ATOM   515  O OD1 . ASN A 1 70  ? 13.515  3.585   7.908   1.00 15.00 ? 70  ASN A OD1 1 
ATOM   516  N ND2 . ASN A 1 70  ? 13.154  3.148   5.754   1.00 15.00 ? 70  ASN A ND2 1 
ATOM   517  N N   . ALA A 1 71  ? 9.703   -0.357  7.192   1.00 15.00 ? 71  ALA A N   1 
ATOM   518  C CA  . ALA A 1 71  ? 8.782   -1.289  7.841   1.00 15.00 ? 71  ALA A CA  1 
ATOM   519  C C   . ALA A 1 71  ? 9.082   -2.714  7.404   1.00 15.00 ? 71  ALA A C   1 
ATOM   520  O O   . ALA A 1 71  ? 8.885   -3.659  8.168   1.00 15.00 ? 71  ALA A O   1 
ATOM   521  C CB  . ALA A 1 71  ? 7.345   -0.933  7.501   1.00 15.00 ? 71  ALA A CB  1 
ATOM   522  N N   . PHE A 1 72  ? 9.502   -2.869  6.150   1.00 15.00 ? 72  PHE A N   1 
ATOM   523  C CA  . PHE A 1 72  ? 9.856   -4.172  5.597   1.00 15.00 ? 72  PHE A CA  1 
ATOM   524  C C   . PHE A 1 72  ? 11.074  -4.670  6.367   1.00 15.00 ? 72  PHE A C   1 
ATOM   525  O O   . PHE A 1 72  ? 11.056  -5.736  6.988   1.00 15.00 ? 72  PHE A O   1 
ATOM   526  C CB  . PHE A 1 72  ? 10.226  -4.045  4.112   1.00 15.00 ? 72  PHE A CB  1 
ATOM   527  C CG  . PHE A 1 72  ? 9.080   -3.707  3.215   1.00 15.00 ? 72  PHE A CG  1 
ATOM   528  C CD1 . PHE A 1 72  ? 7.812   -4.205  3.459   1.00 15.00 ? 72  PHE A CD1 1 
ATOM   529  C CD2 . PHE A 1 72  ? 9.269   -2.882  2.125   1.00 15.00 ? 72  PHE A CD2 1 
ATOM   530  C CE1 . PHE A 1 72  ? 6.754   -3.879  2.629   1.00 15.00 ? 72  PHE A CE1 1 
ATOM   531  C CE2 . PHE A 1 72  ? 8.221   -2.549  1.292   1.00 15.00 ? 72  PHE A CE2 1 
ATOM   532  C CZ  . PHE A 1 72  ? 6.962   -3.048  1.542   1.00 15.00 ? 72  PHE A CZ  1 
ATOM   533  N N   . GLN A 1 73  ? 12.119  -3.851  6.339   1.00 15.00 ? 73  GLN A N   1 
ATOM   534  C CA  . GLN A 1 73  ? 13.377  -4.117  7.012   1.00 15.00 ? 73  GLN A CA  1 
ATOM   535  C C   . GLN A 1 73  ? 13.093  -4.547  8.457   1.00 15.00 ? 73  GLN A C   1 
ATOM   536  O O   . GLN A 1 73  ? 13.772  -5.414  9.011   1.00 15.00 ? 73  GLN A O   1 
ATOM   537  C CB  . GLN A 1 73  ? 14.215  -2.828  6.980   1.00 15.00 ? 73  GLN A CB  1 
ATOM   538  C CG  . GLN A 1 73  ? 15.714  -2.997  7.157   1.00 15.00 ? 73  GLN A CG  1 
ATOM   539  C CD  . GLN A 1 73  ? 16.400  -3.531  5.918   1.00 15.00 ? 73  GLN A CD  1 
ATOM   540  O OE1 . GLN A 1 73  ? 16.563  -4.749  5.751   1.00 15.00 ? 73  GLN A OE1 1 
ATOM   541  N NE2 . GLN A 1 73  ? 16.834  -2.619  5.047   1.00 15.00 ? 73  GLN A NE2 1 
ATOM   542  N N   . TYR A 1 74  ? 12.066  -3.962  9.067   1.00 15.00 ? 74  TYR A N   1 
ATOM   543  C CA  . TYR A 1 74  ? 11.705  -4.297  10.437  1.00 15.00 ? 74  TYR A CA  1 
ATOM   544  C C   . TYR A 1 74  ? 11.154  -5.715  10.568  1.00 15.00 ? 74  TYR A C   1 
ATOM   545  O O   . TYR A 1 74  ? 11.553  -6.442  11.473  1.00 15.00 ? 74  TYR A O   1 
ATOM   546  C CB  . TYR A 1 74  ? 10.713  -3.278  11.030  1.00 15.00 ? 74  TYR A CB  1 
ATOM   547  C CG  . TYR A 1 74  ? 10.018  -3.756  12.294  1.00 15.00 ? 74  TYR A CG  1 
ATOM   548  C CD1 . TYR A 1 74  ? 10.714  -3.885  13.490  1.00 15.00 ? 74  TYR A CD1 1 
ATOM   549  C CD2 . TYR A 1 74  ? 8.680   -4.151  12.269  1.00 15.00 ? 74  TYR A CD2 1 
ATOM   550  C CE1 . TYR A 1 74  ? 10.105  -4.407  14.627  1.00 15.00 ? 74  TYR A CE1 1 
ATOM   551  C CE2 . TYR A 1 74  ? 8.059   -4.672  13.398  1.00 15.00 ? 74  TYR A CE2 1 
ATOM   552  C CZ  . TYR A 1 74  ? 8.780   -4.803  14.573  1.00 15.00 ? 74  TYR A CZ  1 
ATOM   553  O OH  . TYR A 1 74  ? 8.190   -5.373  15.682  1.00 15.00 ? 74  TYR A OH  1 
ATOM   554  N N   . VAL A 1 75  ? 10.232  -6.133  9.698   1.00 15.00 ? 75  VAL A N   1 
ATOM   555  C CA  . VAL A 1 75  ? 9.654   -7.489  9.793   1.00 15.00 ? 75  VAL A CA  1 
ATOM   556  C C   . VAL A 1 75  ? 10.700  -8.571  9.490   1.00 15.00 ? 75  VAL A C   1 
ATOM   557  O O   . VAL A 1 75  ? 10.584  -9.724  9.909   1.00 15.00 ? 75  VAL A O   1 
ATOM   558  C CB  . VAL A 1 75  ? 8.408   -7.663  8.870   1.00 15.00 ? 75  VAL A CB  1 
ATOM   559  C CG1 . VAL A 1 75  ? 7.840   -9.077  9.001   1.00 15.00 ? 75  VAL A CG1 1 
ATOM   560  C CG2 . VAL A 1 75  ? 7.337   -6.632  9.224   1.00 15.00 ? 75  VAL A CG2 1 
ATOM   561  N N   . GLN A 1 76  ? 11.748  -8.189  8.776   1.00 15.00 ? 76  GLN A N   1 
ATOM   562  C CA  . GLN A 1 76  ? 12.816  -9.105  8.443   1.00 15.00 ? 76  GLN A CA  1 
ATOM   563  C C   . GLN A 1 76  ? 13.803  -9.221  9.617   1.00 15.00 ? 76  GLN A C   1 
ATOM   564  O O   . GLN A 1 76  ? 14.202  -10.327 10.019  1.00 15.00 ? 76  GLN A O   1 
ATOM   565  C CB  . GLN A 1 76  ? 13.531  -8.600  7.196   1.00 15.00 ? 76  GLN A CB  1 
ATOM   566  C CG  . GLN A 1 76  ? 14.630  -9.506  6.679   1.00 15.00 ? 76  GLN A CG  1 
ATOM   567  C CD  . GLN A 1 76  ? 15.645  -8.748  5.874   1.00 15.00 ? 76  GLN A CD  1 
ATOM   568  O OE1 . GLN A 1 76  ? 15.297  -7.843  5.125   1.00 15.00 ? 76  GLN A OE1 1 
ATOM   569  N NE2 . GLN A 1 76  ? 16.913  -9.087  6.049   1.00 15.00 ? 76  GLN A NE2 1 
ATOM   570  N N   . LYS A 1 77  ? 14.203  -8.081  10.176  1.00 15.00 ? 77  LYS A N   1 
ATOM   571  C CA  . LYS A 1 77  ? 15.153  -8.059  11.286  1.00 15.00 ? 77  LYS A CA  1 
ATOM   572  C C   . LYS A 1 77  ? 14.543  -8.436  12.620  1.00 15.00 ? 77  LYS A C   1 
ATOM   573  O O   . LYS A 1 77  ? 15.259  -8.749  13.559  1.00 15.00 ? 77  LYS A O   1 
ATOM   574  C CB  . LYS A 1 77  ? 15.847  -6.698  11.394  1.00 15.00 ? 77  LYS A CB  1 
ATOM   575  C CG  . LYS A 1 77  ? 14.963  -5.570  11.882  1.00 15.00 ? 77  LYS A CG  1 
ATOM   576  C CD  . LYS A 1 77  ? 15.691  -4.223  11.807  1.00 15.00 ? 77  LYS A CD  1 
ATOM   577  C CE  . LYS A 1 77  ? 16.036  -3.851  10.357  1.00 15.00 ? 77  LYS A CE  1 
ATOM   578  N NZ  . LYS A 1 77  ? 16.764  -2.543  10.198  1.00 15.00 ? 77  LYS A NZ  1 
ATOM   579  N N   . ASN A 1 78  ? 13.228  -8.347  12.743  1.00 15.00 ? 78  ASN A N   1 
ATOM   580  C CA  . ASN A 1 78  ? 12.559  -8.725  13.978  1.00 15.00 ? 78  ASN A CA  1 
ATOM   581  C C   . ASN A 1 78  ? 11.945  -10.104 13.778  1.00 15.00 ? 78  ASN A C   1 
ATOM   582  O O   . ASN A 1 78  ? 11.629  -10.796 14.741  1.00 15.00 ? 78  ASN A O   1 
ATOM   583  C CB  . ASN A 1 78  ? 11.477  -7.712  14.337  1.00 15.00 ? 78  ASN A CB  1 
ATOM   584  C CG  . ASN A 1 78  ? 10.621  -8.164  15.511  1.00 15.00 ? 78  ASN A CG  1 
ATOM   585  O OD1 . ASN A 1 78  ? 11.051  -8.122  16.664  1.00 15.00 ? 78  ASN A OD1 1 
ATOM   586  N ND2 . ASN A 1 78  ? 9.405   -8.595  15.220  1.00 15.00 ? 78  ASN A ND2 1 
ATOM   587  N N   . ARG A 1 79  ? 11.790  -10.479 12.505  1.00 15.00 ? 79  ARG A N   1 
ATOM   588  C CA  . ARG A 1 79  ? 11.239  -11.767 12.067  1.00 15.00 ? 79  ARG A CA  1 
ATOM   589  C C   . ARG A 1 79  ? 9.849   -12.099 12.573  1.00 15.00 ? 79  ARG A C   1 
ATOM   590  O O   . ARG A 1 79  ? 9.629   -13.080 13.287  1.00 15.00 ? 79  ARG A O   1 
ATOM   591  C CB  . ARG A 1 79  ? 12.230  -12.924 12.309  1.00 15.00 ? 79  ARG A CB  1 
ATOM   592  C CG  . ARG A 1 79  ? 12.551  -13.263 13.766  1.00 15.00 ? 79  ARG A CG  1 
ATOM   593  C CD  . ARG A 1 79  ? 14.018  -13.611 13.955  1.00 15.00 ? 79  ARG A CD  1 
ATOM   594  N NE  . ARG A 1 79  ? 14.463  -14.608 12.986  1.00 15.00 ? 79  ARG A NE  1 
ATOM   595  C CZ  . ARG A 1 79  ? 14.976  -14.307 11.797  1.00 15.00 ? 79  ARG A CZ  1 
ATOM   596  N NH1 . ARG A 1 79  ? 15.120  -13.025 11.439  1.00 15.00 ? 79  ARG A NH1 1 
ATOM   597  N NH2 . ARG A 1 79  ? 15.261  -15.281 10.932  1.00 15.00 ? 79  ARG A NH2 1 
ATOM   598  N N   . GLY A 1 80  ? 8.893   -11.290 12.140  1.00 15.00 ? 80  GLY A N   1 
ATOM   599  C CA  . GLY A 1 80  ? 7.520   -11.500 12.534  1.00 15.00 ? 80  GLY A CA  1 
ATOM   600  C C   . GLY A 1 80  ? 6.754   -10.209 12.712  1.00 15.00 ? 80  GLY A C   1 
ATOM   601  O O   . GLY A 1 80  ? 7.300   -9.191  13.152  1.00 15.00 ? 80  GLY A O   1 
ATOM   602  N N   . ILE A 1 81  ? 5.494   -10.249 12.300  1.00 15.00 ? 81  ILE A N   1 
ATOM   603  C CA  . ILE A 1 81  ? 4.591   -9.130  12.422  1.00 15.00 ? 81  ILE A CA  1 
ATOM   604  C C   . ILE A 1 81  ? 3.294   -9.758  12.894  1.00 15.00 ? 81  ILE A C   1 
ATOM   605  O O   . ILE A 1 81  ? 2.897   -10.808 12.388  1.00 15.00 ? 81  ILE A O   1 
ATOM   606  C CB  . ILE A 1 81  ? 4.382   -8.401  11.079  1.00 15.00 ? 81  ILE A CB  1 
ATOM   607  C CG1 . ILE A 1 81  ? 3.470   -7.181  11.293  1.00 15.00 ? 81  ILE A CG1 1 
ATOM   608  C CG2 . ILE A 1 81  ? 3.832   -9.361  10.028  1.00 15.00 ? 81  ILE A CG2 1 
ATOM   609  C CD1 . ILE A 1 81  ? 3.364   -6.226  10.114  1.00 15.00 ? 81  ILE A CD1 1 
ATOM   610  N N   . ASP A 1 82  ? 2.676   -9.166  13.913  1.00 15.00 ? 82  ASP A N   1 
ATOM   611  C CA  . ASP A 1 82  ? 1.429   -9.683  14.459  1.00 15.00 ? 82  ASP A CA  1 
ATOM   612  C C   . ASP A 1 82  ? 0.246   -9.484  13.532  1.00 15.00 ? 82  ASP A C   1 
ATOM   613  O O   . ASP A 1 82  ? 0.316   -8.753  12.549  1.00 15.00 ? 82  ASP A O   1 
ATOM   614  C CB  . ASP A 1 82  ? 1.106   -9.012  15.793  1.00 15.00 ? 82  ASP A CB  1 
ATOM   615  C CG  . ASP A 1 82  ? 2.047   -9.411  16.906  1.00 15.00 ? 82  ASP A CG  1 
ATOM   616  O OD1 . ASP A 1 82  ? 2.544   -10.558 16.915  1.00 15.00 ? 82  ASP A OD1 1 
ATOM   617  O OD2 . ASP A 1 82  ? 2.266   -8.569  17.793  1.00 15.00 ? 82  ASP A OD2 1 
ATOM   618  N N   . SER A 1 83  ? -0.851  -10.151 13.854  1.00 15.00 ? 83  SER A N   1 
ATOM   619  C CA  . SER A 1 83  ? -2.074  -10.022 13.092  1.00 15.00 ? 83  SER A CA  1 
ATOM   620  C C   . SER A 1 83  ? -2.867  -8.928  13.780  1.00 15.00 ? 83  SER A C   1 
ATOM   621  O O   . SER A 1 83  ? -2.510  -8.484  14.880  1.00 15.00 ? 83  SER A O   1 
ATOM   622  C CB  . SER A 1 83  ? -2.849  -11.331 13.131  1.00 15.00 ? 83  SER A CB  1 
ATOM   623  O OG  . SER A 1 83  ? -3.007  -11.780 14.464  1.00 15.00 ? 83  SER A OG  1 
ATOM   624  N N   . GLU A 1 84  ? -3.951  -8.482  13.157  1.00 15.00 ? 84  GLU A N   1 
ATOM   625  C CA  . GLU A 1 84  ? -4.776  -7.444  13.752  1.00 15.00 ? 84  GLU A CA  1 
ATOM   626  C C   . GLU A 1 84  ? -5.321  -7.887  15.115  1.00 15.00 ? 84  GLU A C   1 
ATOM   627  O O   . GLU A 1 84  ? -5.192  -7.162  16.097  1.00 15.00 ? 84  GLU A O   1 
ATOM   628  C CB  . GLU A 1 84  ? -5.908  -7.042  12.805  1.00 15.00 ? 84  GLU A CB  1 
ATOM   629  C CG  . GLU A 1 84  ? -6.748  -5.859  13.281  1.00 15.00 ? 84  GLU A CG  1 
ATOM   630  C CD  . GLU A 1 84  ? -5.968  -4.546  13.408  1.00 15.00 ? 84  GLU A CD  1 
ATOM   631  O OE1 . GLU A 1 84  ? -5.065  -4.258  12.592  1.00 15.00 ? 84  GLU A OE1 1 
ATOM   632  O OE2 . GLU A 1 84  ? -6.284  -3.779  14.332  1.00 15.00 ? 84  GLU A OE2 1 
ATOM   633  N N   . ASP A 1 85  ? -5.893  -9.086  15.215  1.00 15.00 ? 85  ASP A N   1 
ATOM   634  C CA  . ASP A 1 85  ? -6.409  -9.562  16.499  1.00 15.00 ? 85  ASP A CA  1 
ATOM   635  C C   . ASP A 1 85  ? -5.255  -9.719  17.492  1.00 15.00 ? 85  ASP A C   1 
ATOM   636  O O   . ASP A 1 85  ? -5.456  -9.720  18.705  1.00 15.00 ? 85  ASP A O   1 
ATOM   637  C CB  . ASP A 1 85  ? -7.155  -10.902 16.346  1.00 15.00 ? 85  ASP A CB  1 
ATOM   638  C CG  . ASP A 1 85  ? -7.827  -11.389 17.673  1.00 15.00 ? 85  ASP A CG  1 
ATOM   639  O OD1 . ASP A 1 85  ? -7.942  -10.607 18.649  1.00 15.00 ? 85  ASP A OD1 1 
ATOM   640  O OD2 . ASP A 1 85  ? -8.260  -12.568 17.736  1.00 15.00 ? 85  ASP A OD2 1 
ATOM   641  N N   . ALA A 1 86  ? -4.026  -9.816  17.005  1.00 15.00 ? 86  ALA A N   1 
ATOM   642  C CA  . ALA A 1 86  ? -2.905  -9.978  17.913  1.00 15.00 ? 86  ALA A CA  1 
ATOM   643  C C   . ALA A 1 86  ? -2.319  -8.648  18.367  1.00 15.00 ? 86  ALA A C   1 
ATOM   644  O O   . ALA A 1 86  ? -1.648  -8.581  19.401  1.00 15.00 ? 86  ALA A O   1 
ATOM   645  C CB  . ALA A 1 86  ? -1.843  -10.833 17.278  1.00 15.00 ? 86  ALA A CB  1 
ATOM   646  N N   . TYR A 1 87  ? -2.565  -7.580  17.608  1.00 15.00 ? 87  TYR A N   1 
ATOM   647  C CA  . TYR A 1 87  ? -2.039  -6.258  17.950  1.00 15.00 ? 87  TYR A CA  1 
ATOM   648  C C   . TYR A 1 87  ? -2.915  -5.195  17.285  1.00 15.00 ? 87  TYR A C   1 
ATOM   649  O O   . TYR A 1 87  ? -2.474  -4.531  16.340  1.00 15.00 ? 87  TYR A O   1 
ATOM   650  C CB  . TYR A 1 87  ? -0.608  -6.161  17.429  1.00 15.00 ? 87  TYR A CB  1 
ATOM   651  C CG  . TYR A 1 87  ? 0.278   -5.108  18.056  1.00 15.00 ? 87  TYR A CG  1 
ATOM   652  C CD1 . TYR A 1 87  ? -0.211  -3.854  18.408  1.00 15.00 ? 87  TYR A CD1 1 
ATOM   653  C CD2 . TYR A 1 87  ? 1.635   -5.354  18.239  1.00 15.00 ? 87  TYR A CD2 1 
ATOM   654  C CE1 . TYR A 1 87  ? 0.637   -2.878  18.915  1.00 15.00 ? 87  TYR A CE1 1 
ATOM   655  C CE2 . TYR A 1 87  ? 2.483   -4.384  18.742  1.00 15.00 ? 87  TYR A CE2 1 
ATOM   656  C CZ  . TYR A 1 87  ? 1.985   -3.155  19.076  1.00 15.00 ? 87  TYR A CZ  1 
ATOM   657  O OH  . TYR A 1 87  ? 2.853   -2.203  19.544  1.00 15.00 ? 87  TYR A OH  1 
ATOM   658  N N   . PRO A 1 88  ? -4.153  -4.991  17.793  1.00 15.00 ? 88  PRO A N   1 
ATOM   659  C CA  . PRO A 1 88  ? -5.120  -4.018  17.267  1.00 15.00 ? 88  PRO A CA  1 
ATOM   660  C C   . PRO A 1 88  ? -4.651  -2.589  17.063  1.00 15.00 ? 88  PRO A C   1 
ATOM   661  O O   . PRO A 1 88  ? -3.749  -2.103  17.740  1.00 15.00 ? 88  PRO A O   1 
ATOM   662  C CB  . PRO A 1 88  ? -6.265  -4.104  18.270  1.00 15.00 ? 88  PRO A CB  1 
ATOM   663  C CG  . PRO A 1 88  ? -6.230  -5.545  18.670  1.00 15.00 ? 88  PRO A CG  1 
ATOM   664  C CD  . PRO A 1 88  ? -4.748  -5.724  18.927  1.00 15.00 ? 88  PRO A CD  1 
ATOM   665  N N   . TYR A 1 89  ? -5.306  -1.925  16.120  1.00 15.00 ? 89  TYR A N   1 
ATOM   666  C CA  . TYR A 1 89  ? -5.017  -0.547  15.760  1.00 15.00 ? 89  TYR A CA  1 
ATOM   667  C C   . TYR A 1 89  ? -5.762  0.389   16.725  1.00 15.00 ? 89  TYR A C   1 
ATOM   668  O O   . TYR A 1 89  ? -6.993  0.382   16.790  1.00 15.00 ? 89  TYR A O   1 
ATOM   669  C CB  . TYR A 1 89  ? -5.447  -0.305  14.303  1.00 15.00 ? 89  TYR A CB  1 
ATOM   670  C CG  . TYR A 1 89  ? -4.936  0.982   13.721  1.00 15.00 ? 89  TYR A CG  1 
ATOM   671  C CD1 . TYR A 1 89  ? -3.574  1.272   13.716  1.00 15.00 ? 89  TYR A CD1 1 
ATOM   672  C CD2 . TYR A 1 89  ? -5.815  1.937   13.214  1.00 15.00 ? 89  TYR A CD2 1 
ATOM   673  C CE1 . TYR A 1 89  ? -3.101  2.485   13.230  1.00 15.00 ? 89  TYR A CE1 1 
ATOM   674  C CE2 . TYR A 1 89  ? -5.352  3.149   12.728  1.00 15.00 ? 89  TYR A CE2 1 
ATOM   675  C CZ  . TYR A 1 89  ? -3.997  3.416   12.743  1.00 15.00 ? 89  TYR A CZ  1 
ATOM   676  O OH  . TYR A 1 89  ? -3.535  4.626   12.302  1.00 15.00 ? 89  TYR A OH  1 
ATOM   677  N N   . VAL A 1 90  ? -5.010  1.163   17.503  1.00 15.00 ? 90  VAL A N   1 
ATOM   678  C CA  . VAL A 1 90  ? -5.591  2.086   18.471  1.00 15.00 ? 90  VAL A CA  1 
ATOM   679  C C   . VAL A 1 90  ? -5.667  3.511   17.968  1.00 15.00 ? 90  VAL A C   1 
ATOM   680  O O   . VAL A 1 90  ? -6.015  4.417   18.709  1.00 15.00 ? 90  VAL A O   1 
ATOM   681  C CB  . VAL A 1 90  ? -4.827  2.094   19.806  1.00 15.00 ? 90  VAL A CB  1 
ATOM   682  C CG1 . VAL A 1 90  ? -4.794  0.698   20.400  1.00 15.00 ? 90  VAL A CG1 1 
ATOM   683  C CG2 . VAL A 1 90  ? -3.425  2.658   19.615  1.00 15.00 ? 90  VAL A CG2 1 
ATOM   684  N N   . GLY A 1 91  ? -5.286  3.726   16.720  1.00 15.00 ? 91  GLY A N   1 
ATOM   685  C CA  . GLY A 1 91  ? -5.360  5.058   16.150  1.00 15.00 ? 91  GLY A CA  1 
ATOM   686  C C   . GLY A 1 91  ? -4.389  6.072   16.706  1.00 15.00 ? 91  GLY A C   1 
ATOM   687  O O   . GLY A 1 91  ? -4.605  7.281   16.574  1.00 15.00 ? 91  GLY A O   1 
ATOM   688  N N   . GLN A 1 92  ? -3.308  5.601   17.310  1.00 15.00 ? 92  GLN A N   1 
ATOM   689  C CA  . GLN A 1 92  ? -2.306  6.500   17.863  1.00 15.00 ? 92  GLN A CA  1 
ATOM   690  C C   . GLN A 1 92  ? -1.054  5.747   18.292  1.00 15.00 ? 92  GLN A C   1 
ATOM   691  O O   . GLN A 1 92  ? -1.048  4.520   18.408  1.00 15.00 ? 92  GLN A O   1 
ATOM   692  C CB  . GLN A 1 92  ? -2.875  7.261   19.047  1.00 15.00 ? 92  GLN A CB  1 
ATOM   693  C CG  . GLN A 1 92  ? -3.291  6.362   20.181  1.00 15.00 ? 92  GLN A CG  1 
ATOM   694  C CD  . GLN A 1 92  ? -4.096  7.102   21.205  1.00 15.00 ? 92  GLN A CD  1 
ATOM   695  O OE1 . GLN A 1 92  ? -3.723  7.181   22.382  1.00 15.00 ? 92  GLN A OE1 1 
ATOM   696  N NE2 . GLN A 1 92  ? -5.209  7.677   20.763  1.00 15.00 ? 92  GLN A NE2 1 
ATOM   697  N N   . GLU A 1 93  ? -0.014  6.515   18.574  1.00 15.00 ? 93  GLU A N   1 
ATOM   698  C CA  . GLU A 1 93  ? 1.268   5.981   18.973  1.00 15.00 ? 93  GLU A CA  1 
ATOM   699  C C   . GLU A 1 93  ? 1.255   5.479   20.407  1.00 15.00 ? 93  GLU A C   1 
ATOM   700  O O   . GLU A 1 93  ? 0.648   6.080   21.295  1.00 15.00 ? 93  GLU A O   1 
ATOM   701  C CB  . GLU A 1 93  ? 2.342   7.054   18.797  1.00 15.00 ? 93  GLU A CB  1 
ATOM   702  C CG  . GLU A 1 93  ? 2.389   7.677   17.394  1.00 15.00 ? 93  GLU A CG  1 
ATOM   703  C CD  . GLU A 1 93  ? 3.263   8.917   17.339  1.00 15.00 ? 93  GLU A CD  1 
ATOM   704  O OE1 . GLU A 1 93  ? 4.191   9.014   18.167  1.00 15.00 ? 93  GLU A OE1 1 
ATOM   705  O OE2 . GLU A 1 93  ? 3.025   9.801   16.483  1.00 15.00 ? 93  GLU A OE2 1 
ATOM   706  N N   . GLU A 1 94  ? 1.939   4.367   20.625  1.00 15.00 ? 94  GLU A N   1 
ATOM   707  C CA  . GLU A 1 94  ? 2.043   3.759   21.937  1.00 15.00 ? 94  GLU A CA  1 
ATOM   708  C C   . GLU A 1 94  ? 3.292   2.895   21.960  1.00 15.00 ? 94  GLU A C   1 
ATOM   709  O O   . GLU A 1 94  ? 3.956   2.729   20.941  1.00 15.00 ? 94  GLU A O   1 
ATOM   710  C CB  . GLU A 1 94  ? 0.807   2.908   22.250  1.00 15.00 ? 94  GLU A CB  1 
ATOM   711  C CG  . GLU A 1 94  ? 0.273   2.109   21.086  1.00 15.00 ? 94  GLU A CG  1 
ATOM   712  C CD  . GLU A 1 94  ? -0.559  0.923   21.519  1.00 15.00 ? 94  GLU A CD  1 
ATOM   713  O OE1 . GLU A 1 94  ? -1.664  1.133   22.063  1.00 15.00 ? 94  GLU A OE1 1 
ATOM   714  O OE2 . GLU A 1 94  ? -0.100  -0.223  21.316  1.00 15.00 ? 94  GLU A OE2 1 
ATOM   715  N N   . SER A 1 95  ? 3.625   2.376   23.130  1.00 15.00 ? 95  SER A N   1 
ATOM   716  C CA  . SER A 1 95  ? 4.789   1.533   23.302  1.00 15.00 ? 95  SER A CA  1 
ATOM   717  C C   . SER A 1 95  ? 4.673   0.281   22.441  1.00 15.00 ? 95  SER A C   1 
ATOM   718  O O   . SER A 1 95  ? 3.595   -0.325  22.353  1.00 15.00 ? 95  SER A O   1 
ATOM   719  C CB  . SER A 1 95  ? 4.929   1.151   24.778  1.00 15.00 ? 95  SER A CB  1 
ATOM   720  O OG  . SER A 1 95  ? 5.212   2.285   25.585  1.00 15.00 ? 95  SER A OG  1 
ATOM   721  N N   . CYS A 1 96  ? 5.779   -0.068  21.777  1.00 15.00 ? 96  CYS A N   1 
ATOM   722  C CA  . CYS A 1 96  ? 5.824   -1.261  20.930  1.00 15.00 ? 96  CYS A CA  1 
ATOM   723  C C   . CYS A 1 96  ? 5.446   -2.444  21.812  1.00 15.00 ? 96  CYS A C   1 
ATOM   724  O O   . CYS A 1 96  ? 5.979   -2.617  22.913  1.00 15.00 ? 96  CYS A O   1 
ATOM   725  C CB  . CYS A 1 96  ? 7.222   -1.447  20.315  1.00 15.00 ? 96  CYS A CB  1 
ATOM   726  S SG  . CYS A 1 96  ? 7.461   -2.996  19.375  1.00 15.00 ? 96  CYS A SG  1 
ATOM   727  N N   . MET A 1 97  ? 4.489   -3.235  21.344  1.00 15.00 ? 97  MET A N   1 
ATOM   728  C CA  . MET A 1 97  ? 3.988   -4.372  22.098  1.00 15.00 ? 97  MET A CA  1 
ATOM   729  C C   . MET A 1 97  ? 3.941   -5.644  21.264  1.00 15.00 ? 97  MET A C   1 
ATOM   730  O O   . MET A 1 97  ? 2.966   -6.406  21.327  1.00 15.00 ? 97  MET A O   1 
ATOM   731  C CB  . MET A 1 97  ? 2.592   -4.047  22.647  1.00 15.00 ? 97  MET A CB  1 
ATOM   732  C CG  . MET A 1 97  ? 2.569   -2.939  23.720  1.00 15.00 ? 97  MET A CG  1 
ATOM   733  S SD  . MET A 1 97  ? 1.049   -1.939  23.702  1.00 15.00 ? 97  MET A SD  1 
ATOM   734  C CE  . MET A 1 97  ? -0.209  -3.213  24.095  1.00 15.00 ? 97  MET A CE  1 
ATOM   735  N N   . TYR A 1 98  ? 4.992   -5.894  20.488  1.00 15.00 ? 98  TYR A N   1 
ATOM   736  C CA  . TYR A 1 98  ? 5.037   -7.086  19.665  1.00 15.00 ? 98  TYR A CA  1 
ATOM   737  C C   . TYR A 1 98  ? 4.867   -8.317  20.530  1.00 15.00 ? 98  TYR A C   1 
ATOM   738  O O   . TYR A 1 98  ? 5.624   -8.521  21.480  1.00 15.00 ? 98  TYR A O   1 
ATOM   739  C CB  . TYR A 1 98  ? 6.353   -7.200  18.903  1.00 15.00 ? 98  TYR A CB  1 
ATOM   740  C CG  . TYR A 1 98  ? 6.418   -8.444  18.034  1.00 15.00 ? 98  TYR A CG  1 
ATOM   741  C CD1 . TYR A 1 98  ? 5.610   -8.573  16.908  1.00 15.00 ? 98  TYR A CD1 1 
ATOM   742  C CD2 . TYR A 1 98  ? 7.268   -9.508  18.354  1.00 15.00 ? 98  TYR A CD2 1 
ATOM   743  C CE1 . TYR A 1 98  ? 5.644   -9.732  16.126  1.00 15.00 ? 98  TYR A CE1 1 
ATOM   744  C CE2 . TYR A 1 98  ? 7.308   -10.666 17.575  1.00 15.00 ? 98  TYR A CE2 1 
ATOM   745  C CZ  . TYR A 1 98  ? 6.495   -10.766 16.469  1.00 15.00 ? 98  TYR A CZ  1 
ATOM   746  O OH  . TYR A 1 98  ? 6.529   -11.893 15.693  1.00 15.00 ? 98  TYR A OH  1 
ATOM   747  N N   . ASN A 1 99  ? 3.836   -9.091  20.221  1.00 15.00 ? 99  ASN A N   1 
ATOM   748  C CA  . ASN A 1 99  ? 3.542   -10.330 20.924  1.00 15.00 ? 99  ASN A CA  1 
ATOM   749  C C   . ASN A 1 99  ? 3.932   -11.461 19.977  1.00 15.00 ? 99  ASN A C   1 
ATOM   750  O O   . ASN A 1 99  ? 3.122   -11.898 19.148  1.00 15.00 ? 99  ASN A O   1 
ATOM   751  C CB  . ASN A 1 99  ? 2.050   -10.434 21.264  1.00 15.00 ? 99  ASN A CB  1 
ATOM   752  C CG  . ASN A 1 99  ? 1.683   -11.789 21.849  1.00 15.00 ? 99  ASN A CG  1 
ATOM   753  O OD1 . ASN A 1 99  ? 2.546   -12.525 22.355  1.00 15.00 ? 99  ASN A OD1 1 
ATOM   754  N ND2 . ASN A 1 99  ? 0.408   -12.143 21.756  1.00 15.00 ? 99  ASN A ND2 1 
ATOM   755  N N   . PRO A 1 100 ? 5.163   -11.977 20.119  1.00 15.00 ? 100 PRO A N   1 
ATOM   756  C CA  . PRO A 1 100 ? 5.712   -13.060 19.293  1.00 15.00 ? 100 PRO A CA  1 
ATOM   757  C C   . PRO A 1 100 ? 4.751   -14.197 18.972  1.00 15.00 ? 100 PRO A C   1 
ATOM   758  O O   . PRO A 1 100 ? 4.797   -14.772 17.888  1.00 15.00 ? 100 PRO A O   1 
ATOM   759  C CB  . PRO A 1 100 ? 6.915   -13.544 20.105  1.00 15.00 ? 100 PRO A CB  1 
ATOM   760  C CG  . PRO A 1 100 ? 6.611   -13.066 21.524  1.00 15.00 ? 100 PRO A CG  1 
ATOM   761  C CD  . PRO A 1 100 ? 6.041   -11.710 21.268  1.00 15.00 ? 100 PRO A CD  1 
ATOM   762  N N   . THR A 1 101 ? 3.857   -14.521 19.896  1.00 15.00 ? 101 THR A N   1 
ATOM   763  C CA  . THR A 1 101 ? 2.914   -15.608 19.664  1.00 15.00 ? 101 THR A CA  1 
ATOM   764  C C   . THR A 1 101 ? 1.933   -15.242 18.553  1.00 15.00 ? 101 THR A C   1 
ATOM   765  O O   . THR A 1 101 ? 1.602   -16.070 17.694  1.00 15.00 ? 101 THR A O   1 
ATOM   766  C CB  . THR A 1 101 ? 2.146   -15.960 20.947  1.00 15.00 ? 101 THR A CB  1 
ATOM   767  O OG1 . THR A 1 101 ? 1.370   -14.831 21.375  1.00 15.00 ? 101 THR A OG1 1 
ATOM   768  C CG2 . THR A 1 101 ? 3.124   -16.337 22.057  1.00 15.00 ? 101 THR A CG2 1 
ATOM   769  N N   . GLY A 1 102 ? 1.498   -13.981 18.553  1.00 15.00 ? 102 GLY A N   1 
ATOM   770  C CA  . GLY A 1 102 ? 0.569   -13.511 17.542  1.00 15.00 ? 102 GLY A CA  1 
ATOM   771  C C   . GLY A 1 102 ? 1.171   -13.325 16.153  1.00 15.00 ? 102 GLY A C   1 
ATOM   772  O O   . GLY A 1 102 ? 0.475   -12.853 15.239  1.00 15.00 ? 102 GLY A O   1 
ATOM   773  N N   . LYS A 1 103 ? 2.449   -13.673 15.970  1.00 15.00 ? 103 LYS A N   1 
ATOM   774  C CA  . LYS A 1 103 ? 3.110   -13.528 14.671  1.00 15.00 ? 103 LYS A CA  1 
ATOM   775  C C   . LYS A 1 103 ? 2.315   -14.225 13.577  1.00 15.00 ? 103 LYS A C   1 
ATOM   776  O O   . LYS A 1 103 ? 1.909   -15.369 13.728  1.00 15.00 ? 103 LYS A O   1 
ATOM   777  C CB  . LYS A 1 103 ? 4.519   -14.113 14.714  1.00 15.00 ? 103 LYS A CB  1 
ATOM   778  C CG  . LYS A 1 103 ? 5.240   -14.054 13.384  1.00 15.00 ? 103 LYS A CG  1 
ATOM   779  C CD  . LYS A 1 103 ? 6.538   -14.861 13.398  1.00 15.00 ? 103 LYS A CD  1 
ATOM   780  C CE  . LYS A 1 103 ? 6.258   -16.353 13.314  1.00 15.00 ? 103 LYS A CE  1 
ATOM   781  N NZ  . LYS A 1 103 ? 5.588   -16.691 12.020  1.00 15.00 ? 103 LYS A NZ  1 
ATOM   782  N N   . ALA A 1 104 ? 2.102   -13.537 12.464  1.00 15.00 ? 104 ALA A N   1 
ATOM   783  C CA  . ALA A 1 104 ? 1.339   -14.102 11.357  1.00 15.00 ? 104 ALA A CA  1 
ATOM   784  C C   . ALA A 1 104 ? 2.077   -14.041 10.026  1.00 15.00 ? 104 ALA A C   1 
ATOM   785  O O   . ALA A 1 104 ? 1.577   -14.528 9.015   1.00 15.00 ? 104 ALA A O   1 
ATOM   786  C CB  . ALA A 1 104 ? -0.016  -13.402 11.244  1.00 15.00 ? 104 ALA A CB  1 
ATOM   787  N N   . ALA A 1 105 ? 3.268   -13.454 10.005  1.00 15.00 ? 105 ALA A N   1 
ATOM   788  C CA  . ALA A 1 105 ? 4.033   -13.363 8.767   1.00 15.00 ? 105 ALA A CA  1 
ATOM   789  C C   . ALA A 1 105 ? 5.506   -13.020 8.985   1.00 15.00 ? 105 ALA A C   1 
ATOM   790  O O   . ALA A 1 105 ? 5.885   -12.505 10.036  1.00 15.00 ? 105 ALA A O   1 
ATOM   791  C CB  . ALA A 1 105 ? 3.387   -12.362 7.816   1.00 15.00 ? 105 ALA A CB  1 
ATOM   792  N N   . LYS A 1 106 ? 6.317   -13.339 7.983   1.00 15.00 ? 106 LYS A N   1 
ATOM   793  C CA  . LYS A 1 106 ? 7.756   -13.101 7.986   1.00 15.00 ? 106 LYS A CA  1 
ATOM   794  C C   . LYS A 1 106 ? 8.090   -12.592 6.590   1.00 15.00 ? 106 LYS A C   1 
ATOM   795  O O   . LYS A 1 106 ? 7.267   -12.707 5.673   1.00 15.00 ? 106 LYS A O   1 
ATOM   796  C CB  . LYS A 1 106 ? 8.517   -14.416 8.176   1.00 15.00 ? 106 LYS A CB  1 
ATOM   797  C CG  . LYS A 1 106 ? 8.657   -14.962 9.586   1.00 15.00 ? 106 LYS A CG  1 
ATOM   798  C CD  . LYS A 1 106 ? 9.236   -16.373 9.493   1.00 15.00 ? 106 LYS A CD  1 
ATOM   799  C CE  . LYS A 1 106 ? 9.939   -16.815 10.774  1.00 15.00 ? 106 LYS A CE  1 
ATOM   800  N NZ  . LYS A 1 106 ? 11.244  -16.121 10.964  1.00 15.00 ? 106 LYS A NZ  1 
ATOM   801  N N   . CYS A 1 107 ? 9.275   -12.018 6.414   1.00 15.00 ? 107 CYS A N   1 
ATOM   802  C CA  . CYS A 1 107 ? 9.702   -11.556 5.098   1.00 15.00 ? 107 CYS A CA  1 
ATOM   803  C C   . CYS A 1 107 ? 11.226  -11.593 5.073   1.00 15.00 ? 107 CYS A C   1 
ATOM   804  O O   . CYS A 1 107 ? 11.871  -11.489 6.111   1.00 15.00 ? 107 CYS A O   1 
ATOM   805  C CB  . CYS A 1 107 ? 9.131   -10.168 4.759   1.00 15.00 ? 107 CYS A CB  1 
ATOM   806  S SG  . CYS A 1 107 ? 10.125  -8.746  5.218   1.00 15.00 ? 107 CYS A SG  1 
ATOM   807  N N   . ARG A 1 108 ? 11.801  -11.829 3.903   1.00 15.00 ? 108 ARG A N   1 
ATOM   808  C CA  . ARG A 1 108 ? 13.251  -11.929 3.749   1.00 15.00 ? 108 ARG A CA  1 
ATOM   809  C C   . ARG A 1 108 ? 13.903  -10.799 2.948   1.00 15.00 ? 108 ARG A C   1 
ATOM   810  O O   . ARG A 1 108 ? 14.778  -11.036 2.113   1.00 15.00 ? 108 ARG A O   1 
ATOM   811  C CB  . ARG A 1 108 ? 13.612  -13.296 3.143   1.00 15.00 ? 108 ARG A CB  1 
ATOM   812  C CG  . ARG A 1 108 ? 12.532  -13.889 2.222   1.00 15.00 ? 108 ARG A CG  1 
ATOM   813  C CD  . ARG A 1 108 ? 13.057  -15.038 1.377   1.00 15.00 ? 108 ARG A CD  1 
ATOM   814  N NE  . ARG A 1 108 ? 14.210  -14.620 0.571   1.00 15.00 ? 108 ARG A NE  1 
ATOM   815  C CZ  . ARG A 1 108 ? 14.264  -14.633 -0.762  1.00 15.00 ? 108 ARG A CZ  1 
ATOM   816  N NH1 . ARG A 1 108 ? 13.223  -15.044 -1.484  1.00 15.00 ? 108 ARG A NH1 1 
ATOM   817  N NH2 . ARG A 1 108 ? 15.373  -14.236 -1.374  1.00 15.00 ? 108 ARG A NH2 1 
ATOM   818  N N   . GLY A 1 109 ? 13.508  -9.561  3.221   1.00 15.00 ? 109 GLY A N   1 
ATOM   819  C CA  . GLY A 1 109 ? 14.081  -8.435  2.506   1.00 15.00 ? 109 GLY A CA  1 
ATOM   820  C C   . GLY A 1 109 ? 13.028  -7.647  1.760   1.00 15.00 ? 109 GLY A C   1 
ATOM   821  O O   . GLY A 1 109 ? 11.844  -7.698  2.104   1.00 15.00 ? 109 GLY A O   1 
ATOM   822  N N   . TYR A 1 110 ? 13.433  -6.940  0.710   1.00 15.00 ? 110 TYR A N   1 
ATOM   823  C CA  . TYR A 1 110 ? 12.495  -6.142  -0.072  1.00 15.00 ? 110 TYR A CA  1 
ATOM   824  C C   . TYR A 1 110 ? 13.158  -5.605  -1.324  1.00 15.00 ? 110 TYR A C   1 
ATOM   825  O O   . TYR A 1 110 ? 14.361  -5.347  -1.330  1.00 15.00 ? 110 TYR A O   1 
ATOM   826  C CB  . TYR A 1 110 ? 12.000  -4.958  0.765   1.00 15.00 ? 110 TYR A CB  1 
ATOM   827  C CG  . TYR A 1 110 ? 13.085  -3.953  1.117   1.00 15.00 ? 110 TYR A CG  1 
ATOM   828  C CD1 . TYR A 1 110 ? 13.862  -4.113  2.264   1.00 15.00 ? 110 TYR A CD1 1 
ATOM   829  C CD2 . TYR A 1 110 ? 13.318  -2.835  0.310   1.00 15.00 ? 110 TYR A CD2 1 
ATOM   830  C CE1 . TYR A 1 110 ? 14.835  -3.185  2.600   1.00 15.00 ? 110 TYR A CE1 1 
ATOM   831  C CE2 . TYR A 1 110 ? 14.294  -1.905  0.642   1.00 15.00 ? 110 TYR A CE2 1 
ATOM   832  C CZ  . TYR A 1 110 ? 15.048  -2.082  1.788   1.00 15.00 ? 110 TYR A CZ  1 
ATOM   833  O OH  . TYR A 1 110 ? 15.998  -1.144  2.146   1.00 15.00 ? 110 TYR A OH  1 
ATOM   834  N N   . ARG A 1 111 ? 12.359  -5.357  -2.353  1.00 15.00 ? 111 ARG A N   1 
ATOM   835  C CA  . ARG A 1 111 ? 12.873  -4.829  -3.609  1.00 15.00 ? 111 ARG A CA  1 
ATOM   836  C C   . ARG A 1 111 ? 12.180  -3.534  -4.047  1.00 15.00 ? 111 ARG A C   1 
ATOM   837  O O   . ARG A 1 111 ? 10.957  -3.447  -4.064  1.00 15.00 ? 111 ARG A O   1 
ATOM   838  C CB  . ARG A 1 111 ? 12.762  -5.882  -4.720  1.00 15.00 ? 111 ARG A CB  1 
ATOM   839  C CG  . ARG A 1 111 ? 13.767  -7.021  -4.624  1.00 15.00 ? 111 ARG A CG  1 
ATOM   840  C CD  . ARG A 1 111 ? 14.195  -7.500  -6.011  1.00 15.00 ? 111 ARG A CD  1 
ATOM   841  N NE  . ARG A 1 111 ? 15.650  -7.532  -6.118  1.00 15.00 ? 111 ARG A NE  1 
ATOM   842  C CZ  . ARG A 1 111 ? 16.393  -8.627  -5.978  1.00 15.00 ? 111 ARG A CZ  1 
ATOM   843  N NH1 . ARG A 1 111 ? 15.822  -9.811  -5.750  1.00 15.00 ? 111 ARG A NH1 1 
ATOM   844  N NH2 . ARG A 1 111 ? 17.713  -8.538  -6.082  1.00 15.00 ? 111 ARG A NH2 1 
ATOM   845  N N   . GLU A 1 112 ? 12.966  -2.523  -4.398  1.00 15.00 ? 112 GLU A N   1 
ATOM   846  C CA  . GLU A 1 112 ? 12.425  -1.245  -4.844  1.00 15.00 ? 112 GLU A CA  1 
ATOM   847  C C   . GLU A 1 112 ? 12.117  -1.335  -6.334  1.00 15.00 ? 112 GLU A C   1 
ATOM   848  O O   . GLU A 1 112 ? 12.202  -2.403  -6.918  1.00 15.00 ? 112 GLU A O   1 
ATOM   849  C CB  . GLU A 1 112 ? 13.428  -0.123  -4.567  1.00 15.00 ? 112 GLU A CB  1 
ATOM   850  C CG  . GLU A 1 112 ? 13.740  0.085   -3.085  1.00 15.00 ? 112 GLU A CG  1 
ATOM   851  C CD  . GLU A 1 112 ? 13.390  1.493   -2.590  1.00 15.00 ? 112 GLU A CD  1 
ATOM   852  O OE1 . GLU A 1 112 ? 12.211  1.909   -2.715  1.00 15.00 ? 112 GLU A OE1 1 
ATOM   853  O OE2 . GLU A 1 112 ? 14.298  2.185   -2.069  1.00 15.00 ? 112 GLU A OE2 1 
ATOM   854  N N   . ILE A 1 113 ? 11.701  -0.237  -6.951  1.00 15.00 ? 113 ILE A N   1 
ATOM   855  C CA  . ILE A 1 113 ? 11.394  -0.220  -8.385  1.00 15.00 ? 113 ILE A CA  1 
ATOM   856  C C   . ILE A 1 113 ? 12.125  1.007   -8.911  1.00 15.00 ? 113 ILE A C   1 
ATOM   857  O O   . ILE A 1 113 ? 12.212  2.020   -8.218  1.00 15.00 ? 113 ILE A O   1 
ATOM   858  C CB  . ILE A 1 113 ? 9.864   -0.086  -8.673  1.00 15.00 ? 113 ILE A CB  1 
ATOM   859  C CG1 . ILE A 1 113 ? 9.070   -1.168  -7.937  1.00 15.00 ? 113 ILE A CG1 1 
ATOM   860  C CG2 . ILE A 1 113 ? 9.583   -0.201  -10.161 1.00 15.00 ? 113 ILE A CG2 1 
ATOM   861  C CD1 . ILE A 1 113 ? 9.272   -2.576  -8.454  1.00 15.00 ? 113 ILE A CD1 1 
ATOM   862  N N   . PRO A 1 114 ? 12.723  0.914   -10.109 1.00 15.00 ? 114 PRO A N   1 
ATOM   863  C CA  . PRO A 1 114 ? 13.453  2.046   -10.679 1.00 15.00 ? 114 PRO A CA  1 
ATOM   864  C C   . PRO A 1 114 ? 12.668  3.331   -10.566 1.00 15.00 ? 114 PRO A C   1 
ATOM   865  O O   . PRO A 1 114 ? 11.553  3.423   -11.066 1.00 15.00 ? 114 PRO A O   1 
ATOM   866  C CB  . PRO A 1 114 ? 13.633  1.625   -12.130 1.00 15.00 ? 114 PRO A CB  1 
ATOM   867  C CG  . PRO A 1 114 ? 13.867  0.155   -11.987 1.00 15.00 ? 114 PRO A CG  1 
ATOM   868  C CD  . PRO A 1 114 ? 12.773  -0.243  -11.017 1.00 15.00 ? 114 PRO A CD  1 
ATOM   869  N N   . GLU A 1 115 ? 13.230  4.309   -9.871  1.00 15.00 ? 115 GLU A N   1 
ATOM   870  C CA  . GLU A 1 115 ? 12.555  5.579   -9.706  1.00 15.00 ? 115 GLU A CA  1 
ATOM   871  C C   . GLU A 1 115 ? 12.040  6.106   -11.039 1.00 15.00 ? 115 GLU A C   1 
ATOM   872  O O   . GLU A 1 115 ? 12.810  6.287   -11.982 1.00 15.00 ? 115 GLU A O   1 
ATOM   873  C CB  . GLU A 1 115 ? 13.477  6.617   -9.054  1.00 15.00 ? 115 GLU A CB  1 
ATOM   874  C CG  . GLU A 1 115 ? 13.569  6.550   -7.515  1.00 15.00 ? 115 GLU A CG  1 
ATOM   875  C CD  . GLU A 1 115 ? 14.263  7.787   -6.892  1.00 15.00 ? 115 GLU A CD  1 
ATOM   876  O OE1 . GLU A 1 115 ? 14.225  8.889   -7.501  1.00 15.00 ? 115 GLU A OE1 1 
ATOM   877  O OE2 . GLU A 1 115 ? 14.845  7.657   -5.783  1.00 15.00 ? 115 GLU A OE2 1 
ATOM   878  N N   . GLY A 1 116 ? 10.721  6.266   -11.109 1.00 15.00 ? 116 GLY A N   1 
ATOM   879  C CA  . GLY A 1 116 ? 10.055  6.807   -12.279 1.00 15.00 ? 116 GLY A CA  1 
ATOM   880  C C   . GLY A 1 116 ? 9.785   5.807   -13.368 1.00 15.00 ? 116 GLY A C   1 
ATOM   881  O O   . GLY A 1 116 ? 9.519   6.197   -14.506 1.00 15.00 ? 116 GLY A O   1 
ATOM   882  N N   . ASN A 1 117 ? 9.756   4.523   -13.028 1.00 15.00 ? 117 ASN A N   1 
ATOM   883  C CA  . ASN A 1 117 ? 9.546   3.491   -14.037 1.00 15.00 ? 117 ASN A CA  1 
ATOM   884  C C   . ASN A 1 117 ? 8.168   2.830   -14.042 1.00 15.00 ? 117 ASN A C   1 
ATOM   885  O O   . ASN A 1 117 ? 7.933   1.834   -13.348 1.00 15.00 ? 117 ASN A O   1 
ATOM   886  C CB  . ASN A 1 117 ? 10.630  2.430   -13.905 1.00 15.00 ? 117 ASN A CB  1 
ATOM   887  C CG  . ASN A 1 117 ? 10.977  1.794   -15.223 1.00 15.00 ? 117 ASN A CG  1 
ATOM   888  O OD1 . ASN A 1 117 ? 10.103  1.329   -15.957 1.00 15.00 ? 117 ASN A OD1 1 
ATOM   889  N ND2 . ASN A 1 117 ? 12.264  1.780   -15.543 1.00 15.00 ? 117 ASN A ND2 1 
ATOM   890  N N   . GLU A 1 118 ? 7.265   3.311   -14.891 1.00 15.00 ? 118 GLU A N   1 
ATOM   891  C CA  . GLU A 1 118 ? 5.922   2.746   -14.955 1.00 15.00 ? 118 GLU A CA  1 
ATOM   892  C C   . GLU A 1 118 ? 5.865   1.389   -15.625 1.00 15.00 ? 118 GLU A C   1 
ATOM   893  O O   . GLU A 1 118 ? 5.000   0.581   -15.320 1.00 15.00 ? 118 GLU A O   1 
ATOM   894  C CB  . GLU A 1 118 ? 4.950   3.691   -15.652 1.00 15.00 ? 118 GLU A CB  1 
ATOM   895  C CG  . GLU A 1 118 ? 4.461   4.847   -14.806 1.00 15.00 ? 118 GLU A CG  1 
ATOM   896  C CD  . GLU A 1 118 ? 3.223   5.485   -15.400 1.00 15.00 ? 118 GLU A CD  1 
ATOM   897  O OE1 . GLU A 1 118 ? 2.364   4.738   -15.901 1.00 15.00 ? 118 GLU A OE1 1 
ATOM   898  O OE2 . GLU A 1 118 ? 3.102   6.724   -15.378 1.00 15.00 ? 118 GLU A OE2 1 
ATOM   899  N N   . LYS A 1 119 ? 6.749   1.147   -16.585 1.00 15.00 ? 119 LYS A N   1 
ATOM   900  C CA  . LYS A 1 119 ? 6.780   -0.143  -17.274 1.00 15.00 ? 119 LYS A CA  1 
ATOM   901  C C   . LYS A 1 119 ? 7.154   -1.221  -16.263 1.00 15.00 ? 119 LYS A C   1 
ATOM   902  O O   . LYS A 1 119 ? 6.445   -2.221  -16.102 1.00 15.00 ? 119 LYS A O   1 
ATOM   903  C CB  . LYS A 1 119 ? 7.795   -0.098  -18.411 1.00 15.00 ? 119 LYS A CB  1 
ATOM   904  C CG  . LYS A 1 119 ? 7.475   0.975   -19.456 1.00 15.00 ? 119 LYS A CG  1 
ATOM   905  C CD  . LYS A 1 119 ? 6.109   0.725   -20.093 1.00 15.00 ? 119 LYS A CD  1 
ATOM   906  C CE  . LYS A 1 119 ? 5.712   1.836   -21.038 1.00 15.00 ? 119 LYS A CE  1 
ATOM   907  N NZ  . LYS A 1 119 ? 5.334   3.073   -20.310 1.00 15.00 ? 119 LYS A NZ  1 
ATOM   908  N N   . ALA A 1 120 ? 8.232   -0.957  -15.534 1.00 15.00 ? 120 ALA A N   1 
ATOM   909  C CA  . ALA A 1 120 ? 8.738   -1.855  -14.512 1.00 15.00 ? 120 ALA A CA  1 
ATOM   910  C C   . ALA A 1 120 ? 7.712   -2.059  -13.411 1.00 15.00 ? 120 ALA A C   1 
ATOM   911  O O   . ALA A 1 120 ? 7.592   -3.151  -12.849 1.00 15.00 ? 120 ALA A O   1 
ATOM   912  C CB  . ALA A 1 120 ? 10.016  -1.300  -13.924 1.00 15.00 ? 120 ALA A CB  1 
ATOM   913  N N   . LEU A 1 121 ? 6.991   -0.999  -13.057 1.00 15.00 ? 121 LEU A N   1 
ATOM   914  C CA  . LEU A 1 121 ? 5.975   -1.112  -12.017 1.00 15.00 ? 121 LEU A CA  1 
ATOM   915  C C   . LEU A 1 121 ? 4.855   -2.041  -12.483 1.00 15.00 ? 121 LEU A C   1 
ATOM   916  O O   . LEU A 1 121 ? 4.366   -2.879  -11.727 1.00 15.00 ? 121 LEU A O   1 
ATOM   917  C CB  . LEU A 1 121 ? 5.415   0.265   -11.635 1.00 15.00 ? 121 LEU A CB  1 
ATOM   918  C CG  . LEU A 1 121 ? 4.232   0.249   -10.657 1.00 15.00 ? 121 LEU A CG  1 
ATOM   919  C CD1 . LEU A 1 121 ? 4.692   -0.141  -9.275  1.00 15.00 ? 121 LEU A CD1 1 
ATOM   920  C CD2 . LEU A 1 121 ? 3.568   1.607   -10.633 1.00 15.00 ? 121 LEU A CD2 1 
ATOM   921  N N   . LYS A 1 122 ? 4.456   -1.912  -13.739 1.00 15.00 ? 122 LYS A N   1 
ATOM   922  C CA  . LYS A 1 122 ? 3.414   -2.762  -14.287 1.00 15.00 ? 122 LYS A CA  1 
ATOM   923  C C   . LYS A 1 122 ? 3.862   -4.206  -14.153 1.00 15.00 ? 122 LYS A C   1 
ATOM   924  O O   . LYS A 1 122 ? 3.093   -5.053  -13.696 1.00 15.00 ? 122 LYS A O   1 
ATOM   925  C CB  . LYS A 1 122 ? 3.165   -2.436  -15.757 1.00 15.00 ? 122 LYS A CB  1 
ATOM   926  C CG  . LYS A 1 122 ? 2.107   -3.316  -16.377 1.00 15.00 ? 122 LYS A CG  1 
ATOM   927  C CD  . LYS A 1 122 ? 1.932   -3.064  -17.858 1.00 15.00 ? 122 LYS A CD  1 
ATOM   928  C CE  . LYS A 1 122 ? 0.769   -3.896  -18.381 1.00 15.00 ? 122 LYS A CE  1 
ATOM   929  N NZ  . LYS A 1 122 ? 0.409   -3.574  -19.794 1.00 15.00 ? 122 LYS A NZ  1 
ATOM   930  N N   . ARG A 1 123 ? 5.114   -4.468  -14.540 1.00 15.00 ? 123 ARG A N   1 
ATOM   931  C CA  . ARG A 1 123 ? 5.701   -5.808  -14.456 1.00 15.00 ? 123 ARG A CA  1 
ATOM   932  C C   . ARG A 1 123 ? 5.718   -6.332  -13.029 1.00 15.00 ? 123 ARG A C   1 
ATOM   933  O O   . ARG A 1 123 ? 5.494   -7.511  -12.801 1.00 15.00 ? 123 ARG A O   1 
ATOM   934  C CB  . ARG A 1 123 ? 7.128   -5.828  -15.008 1.00 15.00 ? 123 ARG A CB  1 
ATOM   935  C CG  . ARG A 1 123 ? 7.222   -6.115  -16.491 1.00 15.00 ? 123 ARG A CG  1 
ATOM   936  C CD  . ARG A 1 123 ? 8.663   -6.344  -16.922 1.00 15.00 ? 123 ARG A CD  1 
ATOM   937  N NE  . ARG A 1 123 ? 9.400   -5.106  -17.158 1.00 15.00 ? 123 ARG A NE  1 
ATOM   938  C CZ  . ARG A 1 123 ? 10.397  -4.668  -16.395 1.00 15.00 ? 123 ARG A CZ  1 
ATOM   939  N NH1 . ARG A 1 123 ? 10.784  -5.356  -15.329 1.00 15.00 ? 123 ARG A NH1 1 
ATOM   940  N NH2 . ARG A 1 123 ? 11.022  -3.543  -16.714 1.00 15.00 ? 123 ARG A NH2 1 
ATOM   941  N N   . ALA A 1 124 ? 5.999   -5.463  -12.063 1.00 15.00 ? 124 ALA A N   1 
ATOM   942  C CA  . ALA A 1 124 ? 6.030   -5.857  -10.666 1.00 15.00 ? 124 ALA A CA  1 
ATOM   943  C C   . ALA A 1 124 ? 4.641   -6.257  -10.198 1.00 15.00 ? 124 ALA A C   1 
ATOM   944  O O   . ALA A 1 124 ? 4.444   -7.355  -9.679  1.00 15.00 ? 124 ALA A O   1 
ATOM   945  C CB  . ALA A 1 124 ? 6.563   -4.732  -9.817  1.00 15.00 ? 124 ALA A CB  1 
ATOM   946  N N   . VAL A 1 125 ? 3.662   -5.379  -10.385 1.00 15.00 ? 125 VAL A N   1 
ATOM   947  C CA  . VAL A 1 125 ? 2.289   -5.658  -9.972  1.00 15.00 ? 125 VAL A CA  1 
ATOM   948  C C   . VAL A 1 125 ? 1.779   -6.907  -10.672 1.00 15.00 ? 125 VAL A C   1 
ATOM   949  O O   . VAL A 1 125 ? 0.993   -7.667  -10.109 1.00 15.00 ? 125 VAL A O   1 
ATOM   950  C CB  . VAL A 1 125 ? 1.360   -4.456  -10.278 1.00 15.00 ? 125 VAL A CB  1 
ATOM   951  C CG1 . VAL A 1 125 ? -0.101  -4.844  -10.166 1.00 15.00 ? 125 VAL A CG1 1 
ATOM   952  C CG2 . VAL A 1 125 ? 1.653   -3.334  -9.316  1.00 15.00 ? 125 VAL A CG2 1 
ATOM   953  N N   . ALA A 1 126 ? 2.257   -7.143  -11.888 1.00 15.00 ? 126 ALA A N   1 
ATOM   954  C CA  . ALA A 1 126 ? 1.843   -8.308  -12.658 1.00 15.00 ? 126 ALA A CA  1 
ATOM   955  C C   . ALA A 1 126 ? 2.495   -9.593  -12.158 1.00 15.00 ? 126 ALA A C   1 
ATOM   956  O O   . ALA A 1 126 ? 1.824   -10.616 -11.988 1.00 15.00 ? 126 ALA A O   1 
ATOM   957  C CB  . ALA A 1 126 ? 2.161   -8.097  -14.127 1.00 15.00 ? 126 ALA A CB  1 
ATOM   958  N N   . ARG A 1 127 ? 3.802   -9.525  -11.913 1.00 15.00 ? 127 ARG A N   1 
ATOM   959  C CA  . ARG A 1 127 ? 4.581   -10.663 -11.449 1.00 15.00 ? 127 ARG A CA  1 
ATOM   960  C C   . ARG A 1 127 ? 4.445   -10.962 -9.969  1.00 15.00 ? 127 ARG A C   1 
ATOM   961  O O   . ARG A 1 127 ? 4.128   -12.092 -9.596  1.00 15.00 ? 127 ARG A O   1 
ATOM   962  C CB  . ARG A 1 127 ? 6.063   -10.458 -11.754 1.00 15.00 ? 127 ARG A CB  1 
ATOM   963  C CG  . ARG A 1 127 ? 6.575   -11.143 -13.004 1.00 15.00 ? 127 ARG A CG  1 
ATOM   964  C CD  . ARG A 1 127 ? 6.508   -10.258 -14.219 1.00 15.00 ? 127 ARG A CD  1 
ATOM   965  N NE  . ARG A 1 127 ? 7.805   -10.139 -14.889 1.00 15.00 ? 127 ARG A NE  1 
ATOM   966  C CZ  . ARG A 1 127 ? 7.963   -9.703  -16.137 1.00 15.00 ? 127 ARG A CZ  1 
ATOM   967  N NH1 . ARG A 1 127 ? 6.915   -9.395  -16.881 1.00 15.00 ? 127 ARG A NH1 1 
ATOM   968  N NH2 . ARG A 1 127 ? 9.171   -9.609  -16.663 1.00 15.00 ? 127 ARG A NH2 1 
ATOM   969  N N   . VAL A 1 128 ? 4.745   -9.957  -9.140  1.00 15.00 ? 128 VAL A N   1 
ATOM   970  C CA  . VAL A 1 128 ? 4.719   -10.074 -7.673  1.00 15.00 ? 128 VAL A CA  1 
ATOM   971  C C   . VAL A 1 128 ? 3.345   -9.927  -7.021  1.00 15.00 ? 128 VAL A C   1 
ATOM   972  O O   . VAL A 1 128 ? 2.992   -10.670 -6.111  1.00 15.00 ? 128 VAL A O   1 
ATOM   973  C CB  . VAL A 1 128 ? 5.658   -9.028  -7.016  1.00 15.00 ? 128 VAL A CB  1 
ATOM   974  C CG1 . VAL A 1 128 ? 5.931   -9.387  -5.568  1.00 15.00 ? 128 VAL A CG1 1 
ATOM   975  C CG2 . VAL A 1 128 ? 6.947   -8.929  -7.778  1.00 15.00 ? 128 VAL A CG2 1 
ATOM   976  N N   . GLY A 1 129 ? 2.583   -8.931  -7.451  1.00 15.00 ? 129 GLY A N   1 
ATOM   977  C CA  . GLY A 1 129 ? 1.275   -8.696  -6.871  1.00 15.00 ? 129 GLY A CA  1 
ATOM   978  C C   . GLY A 1 129 ? 1.256   -7.294  -6.289  1.00 15.00 ? 129 GLY A C   1 
ATOM   979  O O   . GLY A 1 129 ? 2.017   -6.432  -6.757  1.00 15.00 ? 129 GLY A O   1 
ATOM   980  N N   . PRO A 1 130 ? 0.411   -7.034  -5.274  1.00 15.00 ? 130 PRO A N   1 
ATOM   981  C CA  . PRO A 1 130 ? 0.272   -5.738  -4.604  1.00 15.00 ? 130 PRO A CA  1 
ATOM   982  C C   . PRO A 1 130 ? 1.592   -5.107  -4.177  1.00 15.00 ? 130 PRO A C   1 
ATOM   983  O O   . PRO A 1 130 ? 2.313   -5.628  -3.318  1.00 15.00 ? 130 PRO A O   1 
ATOM   984  C CB  . PRO A 1 130 ? -0.602  -6.073  -3.409  1.00 15.00 ? 130 PRO A CB  1 
ATOM   985  C CG  . PRO A 1 130 ? -1.516  -7.101  -3.975  1.00 15.00 ? 130 PRO A CG  1 
ATOM   986  C CD  . PRO A 1 130 ? -0.560  -7.995  -4.723  1.00 15.00 ? 130 PRO A CD  1 
ATOM   987  N N   . VAL A 1 131 ? 1.876   -3.963  -4.787  1.00 15.00 ? 131 VAL A N   1 
ATOM   988  C CA  . VAL A 1 131 ? 3.081   -3.192  -4.529  1.00 15.00 ? 131 VAL A CA  1 
ATOM   989  C C   . VAL A 1 131 ? 2.724   -1.945  -3.716  1.00 15.00 ? 131 VAL A C   1 
ATOM   990  O O   . VAL A 1 131 ? 1.634   -1.372  -3.860  1.00 15.00 ? 131 VAL A O   1 
ATOM   991  C CB  . VAL A 1 131 ? 3.749   -2.758  -5.861  1.00 15.00 ? 131 VAL A CB  1 
ATOM   992  C CG1 . VAL A 1 131 ? 5.004   -1.963  -5.597  1.00 15.00 ? 131 VAL A CG1 1 
ATOM   993  C CG2 . VAL A 1 131 ? 4.068   -3.984  -6.710  1.00 15.00 ? 131 VAL A CG2 1 
ATOM   994  N N   . SER A 1 132 ? 3.636   -1.551  -2.836  1.00 15.00 ? 132 SER A N   1 
ATOM   995  C CA  . SER A 1 132 ? 3.452   -0.380  -2.007  1.00 15.00 ? 132 SER A CA  1 
ATOM   996  C C   . SER A 1 132 ? 4.028   0.813   -2.760  1.00 15.00 ? 132 SER A C   1 
ATOM   997  O O   . SER A 1 132 ? 5.207   0.796   -3.115  1.00 15.00 ? 132 SER A O   1 
ATOM   998  C CB  . SER A 1 132 ? 4.192   -0.561  -0.690  1.00 15.00 ? 132 SER A CB  1 
ATOM   999  O OG  . SER A 1 132 ? 3.686   -1.662  0.032   1.00 15.00 ? 132 SER A OG  1 
ATOM   1000 N N   . VAL A 1 133 ? 3.196   1.819   -3.035  1.00 15.00 ? 133 VAL A N   1 
ATOM   1001 C CA  . VAL A 1 133 ? 3.615   3.025   -3.751  1.00 15.00 ? 133 VAL A CA  1 
ATOM   1002 C C   . VAL A 1 133 ? 3.310   4.272   -2.910  1.00 15.00 ? 133 VAL A C   1 
ATOM   1003 O O   . VAL A 1 133 ? 2.547   4.206   -1.945  1.00 15.00 ? 133 VAL A O   1 
ATOM   1004 C CB  . VAL A 1 133 ? 2.884   3.177   -5.121  1.00 15.00 ? 133 VAL A CB  1 
ATOM   1005 C CG1 . VAL A 1 133 ? 3.068   1.939   -5.980  1.00 15.00 ? 133 VAL A CG1 1 
ATOM   1006 C CG2 . VAL A 1 133 ? 1.414   3.431   -4.911  1.00 15.00 ? 133 VAL A CG2 1 
ATOM   1007 N N   . ALA A 1 134 ? 3.906   5.409   -3.262  1.00 15.00 ? 134 ALA A N   1 
ATOM   1008 C CA  . ALA A 1 134 ? 3.672   6.665   -2.554  1.00 15.00 ? 134 ALA A CA  1 
ATOM   1009 C C   . ALA A 1 134 ? 3.356   7.714   -3.605  1.00 15.00 ? 134 ALA A C   1 
ATOM   1010 O O   . ALA A 1 134 ? 4.014   7.783   -4.637  1.00 15.00 ? 134 ALA A O   1 
ATOM   1011 C CB  . ALA A 1 134 ? 4.894   7.068   -1.754  1.00 15.00 ? 134 ALA A CB  1 
ATOM   1012 N N   . ILE A 1 135 ? 2.344   8.533   -3.361  1.00 15.00 ? 135 ILE A N   1 
ATOM   1013 C CA  . ILE A 1 135 ? 1.936   9.543   -4.332  1.00 15.00 ? 135 ILE A CA  1 
ATOM   1014 C C   . ILE A 1 135 ? 1.646   10.895  -3.684  1.00 15.00 ? 135 ILE A C   1 
ATOM   1015 O O   . ILE A 1 135 ? 1.723   11.051  -2.456  1.00 15.00 ? 135 ILE A O   1 
ATOM   1016 C CB  . ILE A 1 135 ? 0.632   9.104   -5.053  1.00 15.00 ? 135 ILE A CB  1 
ATOM   1017 C CG1 . ILE A 1 135 ? -0.524  9.028   -4.037  1.00 15.00 ? 135 ILE A CG1 1 
ATOM   1018 C CG2 . ILE A 1 135 ? 0.831   7.774   -5.767  1.00 15.00 ? 135 ILE A CG2 1 
ATOM   1019 C CD1 . ILE A 1 135 ? -1.854  8.573   -4.606  1.00 15.00 ? 135 ILE A CD1 1 
ATOM   1020 N N   . ASP A 1 136 ? 1.339   11.881  -4.525  1.00 15.00 ? 136 ASP A N   1 
ATOM   1021 C CA  . ASP A 1 136 ? 0.970   13.210  -4.057  1.00 15.00 ? 136 ASP A CA  1 
ATOM   1022 C C   . ASP A 1 136 ? -0.544  13.173  -3.876  1.00 15.00 ? 136 ASP A C   1 
ATOM   1023 O O   . ASP A 1 136 ? -1.293  13.042  -4.851  1.00 15.00 ? 136 ASP A O   1 
ATOM   1024 C CB  . ASP A 1 136 ? 1.321   14.289  -5.078  1.00 15.00 ? 136 ASP A CB  1 
ATOM   1025 C CG  . ASP A 1 136 ? 0.773   15.656  -4.688  1.00 15.00 ? 136 ASP A CG  1 
ATOM   1026 O OD1 . ASP A 1 136 ? 0.588   15.919  -3.484  1.00 15.00 ? 136 ASP A OD1 1 
ATOM   1027 O OD2 . ASP A 1 136 ? 0.510   16.473  -5.591  1.00 15.00 ? 136 ASP A OD2 1 
ATOM   1028 N N   . ALA A 1 137 ? -0.985  13.223  -2.627  1.00 15.00 ? 137 ALA A N   1 
ATOM   1029 C CA  . ALA A 1 137 ? -2.406  13.199  -2.331  1.00 15.00 ? 137 ALA A CA  1 
ATOM   1030 C C   . ALA A 1 137 ? -2.898  14.580  -1.877  1.00 15.00 ? 137 ALA A C   1 
ATOM   1031 O O   . ALA A 1 137 ? -4.086  14.763  -1.598  1.00 15.00 ? 137 ALA A O   1 
ATOM   1032 C CB  . ALA A 1 137 ? -2.708  12.147  -1.283  1.00 15.00 ? 137 ALA A CB  1 
ATOM   1033 N N   . SER A 1 138 ? -1.974  15.535  -1.764  1.00 15.00 ? 138 SER A N   1 
ATOM   1034 C CA  . SER A 1 138 ? -2.309  16.902  -1.377  1.00 15.00 ? 138 SER A CA  1 
ATOM   1035 C C   . SER A 1 138 ? -2.835  17.573  -2.625  1.00 15.00 ? 138 SER A C   1 
ATOM   1036 O O   . SER A 1 138 ? -2.052  18.135  -3.394  1.00 15.00 ? 138 SER A O   1 
ATOM   1037 C CB  . SER A 1 138 ? -1.072  17.648  -0.868  1.00 15.00 ? 138 SER A CB  1 
ATOM   1038 O OG  . SER A 1 138 ? -0.757  17.268  0.468   1.00 15.00 ? 138 SER A OG  1 
ATOM   1039 N N   . LEU A 1 139 ? -4.155  17.466  -2.807  1.00 15.00 ? 139 LEU A N   1 
ATOM   1040 C CA  . LEU A 1 139 ? -4.882  18.015  -3.960  1.00 15.00 ? 139 LEU A CA  1 
ATOM   1041 C C   . LEU A 1 139 ? -6.371  17.728  -3.733  1.00 15.00 ? 139 LEU A C   1 
ATOM   1042 O O   . LEU A 1 139 ? -6.767  16.569  -3.540  1.00 15.00 ? 139 LEU A O   1 
ATOM   1043 C CB  . LEU A 1 139 ? -4.433  17.303  -5.240  1.00 15.00 ? 139 LEU A CB  1 
ATOM   1044 C CG  . LEU A 1 139 ? -4.061  18.139  -6.455  1.00 15.00 ? 139 LEU A CG  1 
ATOM   1045 C CD1 . LEU A 1 139 ? -2.848  18.978  -6.152  1.00 15.00 ? 139 LEU A CD1 1 
ATOM   1046 C CD2 . LEU A 1 139 ? -3.780  17.228  -7.621  1.00 15.00 ? 139 LEU A CD2 1 
ATOM   1047 N N   . THR A 1 140 ? -7.216  18.758  -3.780  1.00 15.00 ? 140 THR A N   1 
ATOM   1048 C CA  . THR A 1 140 ? -8.648  18.584  -3.539  1.00 15.00 ? 140 THR A CA  1 
ATOM   1049 C C   . THR A 1 140 ? -9.367  17.683  -4.543  1.00 15.00 ? 140 THR A C   1 
ATOM   1050 O O   . THR A 1 140 ? -10.246 16.915  -4.170  1.00 15.00 ? 140 THR A O   1 
ATOM   1051 C CB  . THR A 1 140 ? -9.372  19.946  -3.437  1.00 15.00 ? 140 THR A CB  1 
ATOM   1052 O OG1 . THR A 1 140 ? -8.398  21.001  -3.371  1.00 15.00 ? 140 THR A OG1 1 
ATOM   1053 C CG2 . THR A 1 140 ? -10.239 19.994  -2.176  1.00 15.00 ? 140 THR A CG2 1 
ATOM   1054 N N   . SER A 1 141 ? -8.974  17.744  -5.813  1.00 15.00 ? 141 SER A N   1 
ATOM   1055 C CA  . SER A 1 141 ? -9.582  16.917  -6.854  1.00 15.00 ? 141 SER A CA  1 
ATOM   1056 C C   . SER A 1 141 ? -9.393  15.450  -6.517  1.00 15.00 ? 141 SER A C   1 
ATOM   1057 O O   . SER A 1 141 ? -10.225 14.611  -6.842  1.00 15.00 ? 141 SER A O   1 
ATOM   1058 C CB  . SER A 1 141 ? -8.944  17.217  -8.208  1.00 15.00 ? 141 SER A CB  1 
ATOM   1059 O OG  . SER A 1 141 ? -7.531  17.241  -8.104  1.00 15.00 ? 141 SER A OG  1 
ATOM   1060 N N   . PHE A 1 142 ? -8.290  15.141  -5.855  1.00 15.00 ? 142 PHE A N   1 
ATOM   1061 C CA  . PHE A 1 142 ? -7.992  13.775  -5.474  1.00 15.00 ? 142 PHE A CA  1 
ATOM   1062 C C   . PHE A 1 142 ? -8.872  13.367  -4.308  1.00 15.00 ? 142 PHE A C   1 
ATOM   1063 O O   . PHE A 1 142 ? -9.512  12.315  -4.326  1.00 15.00 ? 142 PHE A O   1 
ATOM   1064 C CB  . PHE A 1 142 ? -6.519  13.649  -5.071  1.00 15.00 ? 142 PHE A CB  1 
ATOM   1065 C CG  . PHE A 1 142 ? -6.141  12.282  -4.588  1.00 15.00 ? 142 PHE A CG  1 
ATOM   1066 C CD1 . PHE A 1 142 ? -5.741  11.306  -5.486  1.00 15.00 ? 142 PHE A CD1 1 
ATOM   1067 C CD2 . PHE A 1 142 ? -6.198  11.969  -3.239  1.00 15.00 ? 142 PHE A CD2 1 
ATOM   1068 C CE1 . PHE A 1 142 ? -5.408  10.041  -5.046  1.00 15.00 ? 142 PHE A CE1 1 
ATOM   1069 C CE2 . PHE A 1 142 ? -5.870  10.707  -2.788  1.00 15.00 ? 142 PHE A CE2 1 
ATOM   1070 C CZ  . PHE A 1 142 ? -5.473  9.738   -3.690  1.00 15.00 ? 142 PHE A CZ  1 
ATOM   1071 N N   . GLN A 1 143 ? -8.933  14.230  -3.307  1.00 15.00 ? 143 GLN A N   1 
ATOM   1072 C CA  . GLN A 1 143 ? -9.704  13.950  -2.111  1.00 15.00 ? 143 GLN A CA  1 
ATOM   1073 C C   . GLN A 1 143 ? -11.183 13.721  -2.324  1.00 15.00 ? 143 GLN A C   1 
ATOM   1074 O O   . GLN A 1 143 ? -11.740 12.778  -1.773  1.00 15.00 ? 143 GLN A O   1 
ATOM   1075 C CB  . GLN A 1 143 ? -9.457  15.037  -1.092  1.00 15.00 ? 143 GLN A CB  1 
ATOM   1076 C CG  . GLN A 1 143 ? -7.992  15.262  -0.901  1.00 15.00 ? 143 GLN A CG  1 
ATOM   1077 C CD  . GLN A 1 143 ? -7.703  16.142  0.261   1.00 15.00 ? 143 GLN A CD  1 
ATOM   1078 O OE1 . GLN A 1 143 ? -8.213  15.932  1.364   1.00 15.00 ? 143 GLN A OE1 1 
ATOM   1079 N NE2 . GLN A 1 143 ? -6.879  17.154  0.032   1.00 15.00 ? 143 GLN A NE2 1 
ATOM   1080 N N   . PHE A 1 144 ? -11.846 14.542  -3.137  1.00 15.00 ? 144 PHE A N   1 
ATOM   1081 C CA  . PHE A 1 144 ? -13.287 14.341  -3.363  1.00 15.00 ? 144 PHE A CA  1 
ATOM   1082 C C   . PHE A 1 144 ? -13.632 13.471  -4.574  1.00 15.00 ? 144 PHE A C   1 
ATOM   1083 O O   . PHE A 1 144 ? -14.743 13.562  -5.120  1.00 15.00 ? 144 PHE A O   1 
ATOM   1084 C CB  . PHE A 1 144 ? -14.057 15.674  -3.408  1.00 15.00 ? 144 PHE A CB  1 
ATOM   1085 C CG  . PHE A 1 144 ? -13.577 16.638  -4.464  1.00 15.00 ? 144 PHE A CG  1 
ATOM   1086 C CD1 . PHE A 1 144 ? -13.615 16.305  -5.813  1.00 15.00 ? 144 PHE A CD1 1 
ATOM   1087 C CD2 . PHE A 1 144 ? -13.096 17.885  -4.103  1.00 15.00 ? 144 PHE A CD2 1 
ATOM   1088 C CE1 . PHE A 1 144 ? -13.178 17.192  -6.782  1.00 15.00 ? 144 PHE A CE1 1 
ATOM   1089 C CE2 . PHE A 1 144 ? -12.658 18.779  -5.063  1.00 15.00 ? 144 PHE A CE2 1 
ATOM   1090 C CZ  . PHE A 1 144 ? -12.699 18.431  -6.407  1.00 15.00 ? 144 PHE A CZ  1 
ATOM   1091 N N   . TYR A 1 145 ? -12.679 12.628  -4.980  1.00 15.00 ? 145 TYR A N   1 
ATOM   1092 C CA  . TYR A 1 145 ? -12.844 11.720  -6.115  1.00 15.00 ? 145 TYR A CA  1 
ATOM   1093 C C   . TYR A 1 145 ? -13.970 10.759  -5.800  1.00 15.00 ? 145 TYR A C   1 
ATOM   1094 O O   . TYR A 1 145 ? -14.177 10.419  -4.638  1.00 15.00 ? 145 TYR A O   1 
ATOM   1095 C CB  . TYR A 1 145 ? -11.538 10.949  -6.337  1.00 15.00 ? 145 TYR A CB  1 
ATOM   1096 C CG  . TYR A 1 145 ? -11.678 9.710   -7.179  1.00 15.00 ? 145 TYR A CG  1 
ATOM   1097 C CD1 . TYR A 1 145 ? -12.038 8.497   -6.599  1.00 15.00 ? 145 TYR A CD1 1 
ATOM   1098 C CD2 . TYR A 1 145 ? -11.487 9.751   -8.555  1.00 15.00 ? 145 TYR A CD2 1 
ATOM   1099 C CE1 . TYR A 1 145 ? -12.214 7.360   -7.364  1.00 15.00 ? 145 TYR A CE1 1 
ATOM   1100 C CE2 . TYR A 1 145 ? -11.656 8.612   -9.337  1.00 15.00 ? 145 TYR A CE2 1 
ATOM   1101 C CZ  . TYR A 1 145 ? -12.025 7.420   -8.729  1.00 15.00 ? 145 TYR A CZ  1 
ATOM   1102 O OH  . TYR A 1 145 ? -12.248 6.285   -9.473  1.00 15.00 ? 145 TYR A OH  1 
ATOM   1103 N N   . SER A 1 146 ? -14.672 10.284  -6.823  1.00 15.00 ? 146 SER A N   1 
ATOM   1104 C CA  . SER A 1 146 ? -15.769 9.349   -6.601  1.00 15.00 ? 146 SER A CA  1 
ATOM   1105 C C   . SER A 1 146 ? -15.843 8.225   -7.634  1.00 15.00 ? 146 SER A C   1 
ATOM   1106 O O   . SER A 1 146 ? -16.305 7.122   -7.335  1.00 15.00 ? 146 SER A O   1 
ATOM   1107 C CB  . SER A 1 146 ? -17.103 10.088  -6.534  1.00 15.00 ? 146 SER A CB  1 
ATOM   1108 O OG  . SER A 1 146 ? -17.416 10.680  -7.780  1.00 15.00 ? 146 SER A OG  1 
ATOM   1109 N N   . LYS A 1 147 ? -15.408 8.496   -8.862  1.00 15.00 ? 147 LYS A N   1 
ATOM   1110 C CA  . LYS A 1 147 ? -15.428 7.478   -9.913  1.00 15.00 ? 147 LYS A CA  1 
ATOM   1111 C C   . LYS A 1 147 ? -14.708 7.924   -11.179 1.00 15.00 ? 147 LYS A C   1 
ATOM   1112 O O   . LYS A 1 147 ? -14.666 9.113   -11.493 1.00 15.00 ? 147 LYS A O   1 
ATOM   1113 C CB  . LYS A 1 147 ? -16.865 7.060   -10.257 1.00 15.00 ? 147 LYS A CB  1 
ATOM   1114 C CG  . LYS A 1 147 ? -17.691 8.075   -11.052 1.00 15.00 ? 147 LYS A CG  1 
ATOM   1115 C CD  . LYS A 1 147 ? -19.188 7.812   -10.841 1.00 15.00 ? 147 LYS A CD  1 
ATOM   1116 C CE  . LYS A 1 147 ? -19.567 7.953   -9.341  1.00 15.00 ? 147 LYS A CE  1 
ATOM   1117 N NZ  . LYS A 1 147 ? -20.930 7.437   -8.955  1.00 15.00 ? 147 LYS A NZ  1 
ATOM   1118 N N   . GLY A 1 148 ? -14.135 6.964   -11.898 1.00 15.00 ? 148 GLY A N   1 
ATOM   1119 C CA  . GLY A 1 148 ? -13.441 7.273   -13.131 1.00 15.00 ? 148 GLY A CA  1 
ATOM   1120 C C   . GLY A 1 148 ? -11.946 7.116   -12.989 1.00 15.00 ? 148 GLY A C   1 
ATOM   1121 O O   . GLY A 1 148 ? -11.455 6.598   -11.993 1.00 15.00 ? 148 GLY A O   1 
ATOM   1122 N N   . VAL A 1 149 ? -11.209 7.554   -13.998 1.00 15.00 ? 149 VAL A N   1 
ATOM   1123 C CA  . VAL A 1 149 ? -9.757  7.461   -13.975 1.00 15.00 ? 149 VAL A CA  1 
ATOM   1124 C C   . VAL A 1 149 ? -9.219  8.845   -13.633 1.00 15.00 ? 149 VAL A C   1 
ATOM   1125 O O   . VAL A 1 149 ? -9.281  9.769   -14.435 1.00 15.00 ? 149 VAL A O   1 
ATOM   1126 C CB  . VAL A 1 149 ? -9.208  6.950   -15.338 1.00 15.00 ? 149 VAL A CB  1 
ATOM   1127 C CG1 . VAL A 1 149 ? -7.699  6.869   -15.310 1.00 15.00 ? 149 VAL A CG1 1 
ATOM   1128 C CG2 . VAL A 1 149 ? -9.793  5.592   -15.656 1.00 15.00 ? 149 VAL A CG2 1 
ATOM   1129 N N   . TYR A 1 150 ? -8.715  8.991   -12.420 1.00 15.00 ? 150 TYR A N   1 
ATOM   1130 C CA  . TYR A 1 150 ? -8.190  10.261  -11.940 1.00 15.00 ? 150 TYR A CA  1 
ATOM   1131 C C   . TYR A 1 150 ? -6.956  10.795  -12.634 1.00 15.00 ? 150 TYR A C   1 
ATOM   1132 O O   . TYR A 1 150 ? -5.945  10.109  -12.729 1.00 15.00 ? 150 TYR A O   1 
ATOM   1133 C CB  . TYR A 1 150 ? -7.894  10.175  -10.440 1.00 15.00 ? 150 TYR A CB  1 
ATOM   1134 C CG  . TYR A 1 150 ? -7.297  11.441  -9.866  1.00 15.00 ? 150 TYR A CG  1 
ATOM   1135 C CD1 . TYR A 1 150 ? -8.008  12.643  -9.897  1.00 15.00 ? 150 TYR A CD1 1 
ATOM   1136 C CD2 . TYR A 1 150 ? -6.016  11.442  -9.312  1.00 15.00 ? 150 TYR A CD2 1 
ATOM   1137 C CE1 . TYR A 1 150 ? -7.460  13.821  -9.400  1.00 15.00 ? 150 TYR A CE1 1 
ATOM   1138 C CE2 . TYR A 1 150 ? -5.455  12.614  -8.811  1.00 15.00 ? 150 TYR A CE2 1 
ATOM   1139 C CZ  . TYR A 1 150 ? -6.186  13.802  -8.862  1.00 15.00 ? 150 TYR A CZ  1 
ATOM   1140 O OH  . TYR A 1 150 ? -5.644  14.973  -8.401  1.00 15.00 ? 150 TYR A OH  1 
ATOM   1141 N N   . TYR A 1 151 ? -7.035  12.055  -13.045 1.00 15.00 ? 151 TYR A N   1 
ATOM   1142 C CA  . TYR A 1 151 ? -5.918  12.741  -13.676 1.00 15.00 ? 151 TYR A CA  1 
ATOM   1143 C C   . TYR A 1 151 ? -6.068  14.260  -13.502 1.00 15.00 ? 151 TYR A C   1 
ATOM   1144 O O   . TYR A 1 151 ? -7.143  14.830  -13.724 1.00 15.00 ? 151 TYR A O   1 
ATOM   1145 C CB  . TYR A 1 151 ? -5.776  12.367  -15.155 1.00 15.00 ? 151 TYR A CB  1 
ATOM   1146 C CG  . TYR A 1 151 ? -4.533  12.965  -15.774 1.00 15.00 ? 151 TYR A CG  1 
ATOM   1147 C CD1 . TYR A 1 151 ? -3.303  12.881  -15.124 1.00 15.00 ? 151 TYR A CD1 1 
ATOM   1148 C CD2 . TYR A 1 151 ? -4.601  13.689  -16.961 1.00 15.00 ? 151 TYR A CD2 1 
ATOM   1149 C CE1 . TYR A 1 151 ? -2.175  13.508  -15.631 1.00 15.00 ? 151 TYR A CE1 1 
ATOM   1150 C CE2 . TYR A 1 151 ? -3.468  14.327  -17.483 1.00 15.00 ? 151 TYR A CE2 1 
ATOM   1151 C CZ  . TYR A 1 151 ? -2.261  14.230  -16.807 1.00 15.00 ? 151 TYR A CZ  1 
ATOM   1152 O OH  . TYR A 1 151 ? -1.139  14.859  -17.311 1.00 15.00 ? 151 TYR A OH  1 
ATOM   1153 N N   . ASP A 1 152 ? -4.977  14.904  -13.101 1.00 15.00 ? 152 ASP A N   1 
ATOM   1154 C CA  . ASP A 1 152 ? -4.953  16.336  -12.855 1.00 15.00 ? 152 ASP A CA  1 
ATOM   1155 C C   . ASP A 1 152 ? -3.533  16.808  -13.105 1.00 15.00 ? 152 ASP A C   1 
ATOM   1156 O O   . ASP A 1 152 ? -2.618  16.477  -12.348 1.00 15.00 ? 152 ASP A O   1 
ATOM   1157 C CB  . ASP A 1 152 ? -5.323  16.578  -11.394 1.00 15.00 ? 152 ASP A CB  1 
ATOM   1158 C CG  . ASP A 1 152 ? -5.481  18.039  -11.056 1.00 15.00 ? 152 ASP A CG  1 
ATOM   1159 O OD1 . ASP A 1 152 ? -4.480  18.784  -11.102 1.00 15.00 ? 152 ASP A OD1 1 
ATOM   1160 O OD2 . ASP A 1 152 ? -6.616  18.427  -10.715 1.00 15.00 ? 152 ASP A OD2 1 
ATOM   1161 N N   . GLU A 1 153 ? -3.355  17.663  -14.104 1.00 15.00 ? 153 GLU A N   1 
ATOM   1162 C CA  . GLU A 1 153 ? -2.030  18.160  -14.473 1.00 15.00 ? 153 GLU A CA  1 
ATOM   1163 C C   . GLU A 1 153 ? -1.188  18.807  -13.379 1.00 15.00 ? 153 GLU A C   1 
ATOM   1164 O O   . GLU A 1 153 ? -0.030  19.166  -13.612 1.00 15.00 ? 153 GLU A O   1 
ATOM   1165 C CB  . GLU A 1 153 ? -2.111  19.079  -15.699 1.00 15.00 ? 153 GLU A CB  1 
ATOM   1166 C CG  . GLU A 1 153 ? -3.245  20.118  -15.685 1.00 15.00 ? 153 GLU A CG  1 
ATOM   1167 C CD  . GLU A 1 153 ? -3.128  21.168  -14.568 1.00 15.00 ? 153 GLU A CD  1 
ATOM   1168 O OE1 . GLU A 1 153 ? -2.052  21.798  -14.424 1.00 15.00 ? 153 GLU A OE1 1 
ATOM   1169 O OE2 . GLU A 1 153 ? -4.129  21.366  -13.836 1.00 15.00 ? 153 GLU A OE2 1 
ATOM   1170 N N   . SER A 1 154 ? -1.749  18.978  -12.187 1.00 15.00 ? 154 SER A N   1 
ATOM   1171 C CA  . SER A 1 154 ? -1.003  19.588  -11.084 1.00 15.00 ? 154 SER A CA  1 
ATOM   1172 C C   . SER A 1 154 ? -0.490  18.599  -10.033 1.00 15.00 ? 154 SER A C   1 
ATOM   1173 O O   . SER A 1 154 ? 0.210   18.971  -9.080  1.00 15.00 ? 154 SER A O   1 
ATOM   1174 C CB  . SER A 1 154 ? -1.820  20.708  -10.431 1.00 15.00 ? 154 SER A CB  1 
ATOM   1175 O OG  . SER A 1 154 ? -2.026  21.764  -11.358 1.00 15.00 ? 154 SER A OG  1 
ATOM   1176 N N   . CYS A 1 155 ? -0.830  17.326  -10.182 1.00 15.00 ? 155 CYS A N   1 
ATOM   1177 C CA  . CYS A 1 155 ? -0.363  16.319  -9.244  1.00 15.00 ? 155 CYS A CA  1 
ATOM   1178 C C   . CYS A 1 155 ? 1.151   16.409  -9.341  1.00 15.00 ? 155 CYS A C   1 
ATOM   1179 O O   . CYS A 1 155 ? 1.725   16.286  -10.426 1.00 15.00 ? 155 CYS A O   1 
ATOM   1180 C CB  . CYS A 1 155 ? -0.832  14.956  -9.695  1.00 15.00 ? 155 CYS A CB  1 
ATOM   1181 S SG  . CYS A 1 155 ? -1.205  13.869  -8.300  1.00 15.00 ? 155 CYS A SG  1 
ATOM   1182 N N   . ASN A 1 156 ? 1.820   16.664  -8.224  1.00 15.00 ? 156 ASN A N   1 
ATOM   1183 C CA  . ASN A 1 156 ? 3.265   16.825  -8.261  1.00 15.00 ? 156 ASN A CA  1 
ATOM   1184 C C   . ASN A 1 156 ? 4.120   15.617  -7.911  1.00 15.00 ? 156 ASN A C   1 
ATOM   1185 O O   . ASN A 1 156 ? 4.313   15.295  -6.737  1.00 15.00 ? 156 ASN A O   1 
ATOM   1186 C CB  . ASN A 1 156 ? 3.674   18.023  -7.409  1.00 15.00 ? 156 ASN A CB  1 
ATOM   1187 C CG  . ASN A 1 156 ? 5.136   18.366  -7.562  1.00 15.00 ? 156 ASN A CG  1 
ATOM   1188 O OD1 . ASN A 1 156 ? 5.776   17.994  -8.551  1.00 15.00 ? 156 ASN A OD1 1 
ATOM   1189 N ND2 . ASN A 1 156 ? 5.687   19.054  -6.574  1.00 15.00 ? 156 ASN A ND2 1 
ATOM   1190 N N   . SER A 1 157 ? 4.737   15.033  -8.938  1.00 15.00 ? 157 SER A N   1 
ATOM   1191 C CA  . SER A 1 157 ? 5.605   13.867  -8.788  1.00 15.00 ? 157 SER A CA  1 
ATOM   1192 C C   . SER A 1 157 ? 6.716   14.079  -7.763  1.00 15.00 ? 157 SER A C   1 
ATOM   1193 O O   . SER A 1 157 ? 7.354   13.117  -7.315  1.00 15.00 ? 157 SER A O   1 
ATOM   1194 C CB  . SER A 1 157 ? 6.233   13.514  -10.135 1.00 15.00 ? 157 SER A CB  1 
ATOM   1195 O OG  . SER A 1 157 ? 5.235   13.320  -11.126 1.00 15.00 ? 157 SER A OG  1 
ATOM   1196 N N   . ASP A 1 158 ? 6.947   15.332  -7.384  1.00 15.00 ? 158 ASP A N   1 
ATOM   1197 C CA  . ASP A 1 158 ? 7.995   15.672  -6.429  1.00 15.00 ? 158 ASP A CA  1 
ATOM   1198 C C   . ASP A 1 158 ? 7.501   15.707  -4.989  1.00 15.00 ? 158 ASP A C   1 
ATOM   1199 O O   . ASP A 1 158 ? 8.292   15.637  -4.044  1.00 15.00 ? 158 ASP A O   1 
ATOM   1200 C CB  . ASP A 1 158 ? 8.607   17.027  -6.800  1.00 15.00 ? 158 ASP A CB  1 
ATOM   1201 C CG  . ASP A 1 158 ? 9.160   17.058  -8.230  1.00 15.00 ? 158 ASP A CG  1 
ATOM   1202 O OD1 . ASP A 1 158 ? 8.365   16.883  -9.191  1.00 15.00 ? 158 ASP A OD1 1 
ATOM   1203 O OD2 . ASP A 1 158 ? 10.390  17.276  -8.388  1.00 15.00 ? 158 ASP A OD2 1 
ATOM   1204 N N   . ASN A 1 159 ? 6.191   15.799  -4.793  1.00 15.00 ? 159 ASN A N   1 
ATOM   1205 C CA  . ASN A 1 159 ? 5.656   15.864  -3.439  1.00 15.00 ? 159 ASN A CA  1 
ATOM   1206 C C   . ASN A 1 159 ? 4.966   14.565  -3.064  1.00 15.00 ? 159 ASN A C   1 
ATOM   1207 O O   . ASN A 1 159 ? 3.735   14.481  -3.079  1.00 15.00 ? 159 ASN A O   1 
ATOM   1208 C CB  . ASN A 1 159 ? 4.672   17.036  -3.318  1.00 15.00 ? 159 ASN A CB  1 
ATOM   1209 C CG  . ASN A 1 159 ? 4.414   17.459  -1.868  1.00 15.00 ? 159 ASN A CG  1 
ATOM   1210 O OD1 . ASN A 1 159 ? 4.382   16.637  -0.954  1.00 15.00 ? 159 ASN A OD1 1 
ATOM   1211 N ND2 . ASN A 1 159 ? 4.207   18.756  -1.666  1.00 15.00 ? 159 ASN A ND2 1 
ATOM   1212 N N   . LEU A 1 160 ? 5.727   13.530  -2.737  1.00 15.00 ? 160 LEU A N   1 
ATOM   1213 C CA  . LEU A 1 160 ? 5.108   12.260  -2.356  1.00 15.00 ? 160 LEU A CA  1 
ATOM   1214 C C   . LEU A 1 160 ? 4.810   12.378  -0.878  1.00 15.00 ? 160 LEU A C   1 
ATOM   1215 O O   . LEU A 1 160 ? 5.719   12.449  -0.063  1.00 15.00 ? 160 LEU A O   1 
ATOM   1216 C CB  . LEU A 1 160 ? 6.037   11.080  -2.650  1.00 15.00 ? 160 LEU A CB  1 
ATOM   1217 C CG  . LEU A 1 160 ? 6.482   10.907  -4.115  1.00 15.00 ? 160 LEU A CG  1 
ATOM   1218 C CD1 . LEU A 1 160 ? 7.171   9.565   -4.262  1.00 15.00 ? 160 LEU A CD1 1 
ATOM   1219 C CD2 . LEU A 1 160 ? 5.304   10.994  -5.086  1.00 15.00 ? 160 LEU A CD2 1 
ATOM   1220 N N   . ASN A 1 161 ? 3.528   12.460  -0.548  1.00 15.00 ? 161 ASN A N   1 
ATOM   1221 C CA  . ASN A 1 161 ? 3.093   12.631  0.840   1.00 15.00 ? 161 ASN A CA  1 
ATOM   1222 C C   . ASN A 1 161 ? 2.164   11.560  1.373   1.00 15.00 ? 161 ASN A C   1 
ATOM   1223 O O   . ASN A 1 161 ? 1.992   11.424  2.582   1.00 15.00 ? 161 ASN A O   1 
ATOM   1224 C CB  . ASN A 1 161 ? 2.405   13.988  0.994   1.00 15.00 ? 161 ASN A CB  1 
ATOM   1225 C CG  . ASN A 1 161 ? 1.386   14.259  -0.118  1.00 15.00 ? 161 ASN A CG  1 
ATOM   1226 O OD1 . ASN A 1 161 ? 0.306   13.661  -0.165  1.00 15.00 ? 161 ASN A OD1 1 
ATOM   1227 N ND2 . ASN A 1 161 ? 1.752   15.137  -1.039  1.00 15.00 ? 161 ASN A ND2 1 
ATOM   1228 N N   . HIS A 1 162 ? 1.570   10.777  0.483   1.00 15.00 ? 162 HIS A N   1 
ATOM   1229 C CA  . HIS A 1 162 ? 0.633   9.739   0.895   1.00 15.00 ? 162 HIS A CA  1 
ATOM   1230 C C   . HIS A 1 162 ? 0.989   8.366   0.317   1.00 15.00 ? 162 HIS A C   1 
ATOM   1231 O O   . HIS A 1 162 ? 1.044   8.191   -0.897  1.00 15.00 ? 162 HIS A O   1 
ATOM   1232 C CB  . HIS A 1 162 ? -0.782  10.127  0.449   1.00 15.00 ? 162 HIS A CB  1 
ATOM   1233 C CG  . HIS A 1 162 ? -1.866  9.324   1.090   1.00 15.00 ? 162 HIS A CG  1 
ATOM   1234 N ND1 . HIS A 1 162 ? -1.927  9.112   2.451   1.00 15.00 ? 162 HIS A ND1 1 
ATOM   1235 C CD2 . HIS A 1 162 ? -2.946  8.704   0.565   1.00 15.00 ? 162 HIS A CD2 1 
ATOM   1236 C CE1 . HIS A 1 162 ? -3.000  8.399   2.738   1.00 15.00 ? 162 HIS A CE1 1 
ATOM   1237 N NE2 . HIS A 1 162 ? -3.637  8.140   1.610   1.00 15.00 ? 162 HIS A NE2 1 
ATOM   1238 N N   . ALA A 1 163 ? 1.249   7.404   1.199   1.00 15.00 ? 163 ALA A N   1 
ATOM   1239 C CA  . ALA A 1 163 ? 1.573   6.039   0.797   1.00 15.00 ? 163 ALA A CA  1 
ATOM   1240 C C   . ALA A 1 163 ? 0.258   5.341   0.487   1.00 15.00 ? 163 ALA A C   1 
ATOM   1241 O O   . ALA A 1 163 ? -0.764  5.603   1.125   1.00 15.00 ? 163 ALA A O   1 
ATOM   1242 C CB  . ALA A 1 163 ? 2.301   5.311   1.919   1.00 15.00 ? 163 ALA A CB  1 
ATOM   1243 N N   . VAL A 1 164 ? 0.276   4.429   -0.472  1.00 15.00 ? 164 VAL A N   1 
ATOM   1244 C CA  . VAL A 1 164 ? -0.928  3.723   -0.855  1.00 15.00 ? 164 VAL A CA  1 
ATOM   1245 C C   . VAL A 1 164 ? -0.523  2.356   -1.405  1.00 15.00 ? 164 VAL A C   1 
ATOM   1246 O O   . VAL A 1 164 ? 0.636   1.975   -1.277  1.00 15.00 ? 164 VAL A O   1 
ATOM   1247 C CB  . VAL A 1 164 ? -1.738  4.586   -1.852  1.00 15.00 ? 164 VAL A CB  1 
ATOM   1248 C CG1 . VAL A 1 164 ? -1.371  4.294   -3.291  1.00 15.00 ? 164 VAL A CG1 1 
ATOM   1249 C CG2 . VAL A 1 164 ? -3.198  4.452   -1.575  1.00 15.00 ? 164 VAL A CG2 1 
ATOM   1250 N N   . LEU A 1 165 ? -1.434  1.609   -2.020  1.00 15.00 ? 165 LEU A N   1 
ATOM   1251 C CA  . LEU A 1 165 ? -1.097  0.275   -2.519  1.00 15.00 ? 165 LEU A CA  1 
ATOM   1252 C C   . LEU A 1 165 ? -1.726  -0.069  -3.856  1.00 15.00 ? 165 LEU A C   1 
ATOM   1253 O O   . LEU A 1 165 ? -2.943  -0.047  -3.987  1.00 15.00 ? 165 LEU A O   1 
ATOM   1254 C CB  . LEU A 1 165 ? -1.546  -0.766  -1.491  1.00 15.00 ? 165 LEU A CB  1 
ATOM   1255 C CG  . LEU A 1 165 ? -1.177  -2.232  -1.661  1.00 15.00 ? 165 LEU A CG  1 
ATOM   1256 C CD1 . LEU A 1 165 ? 0.269   -2.447  -1.289  1.00 15.00 ? 165 LEU A CD1 1 
ATOM   1257 C CD2 . LEU A 1 165 ? -2.058  -3.060  -0.766  1.00 15.00 ? 165 LEU A CD2 1 
ATOM   1258 N N   . ALA A 1 166 ? -0.895  -0.444  -4.826  1.00 15.00 ? 166 ALA A N   1 
ATOM   1259 C CA  . ALA A 1 166 ? -1.364  -0.819  -6.161  1.00 15.00 ? 166 ALA A CA  1 
ATOM   1260 C C   . ALA A 1 166 ? -1.869  -2.258  -6.131  1.00 15.00 ? 166 ALA A C   1 
ATOM   1261 O O   . ALA A 1 166 ? -1.126  -3.168  -5.783  1.00 15.00 ? 166 ALA A O   1 
ATOM   1262 C CB  . ALA A 1 166 ? -0.241  -0.683  -7.170  1.00 15.00 ? 166 ALA A CB  1 
ATOM   1263 N N   . VAL A 1 167 ? -3.129  -2.461  -6.500  1.00 15.00 ? 167 VAL A N   1 
ATOM   1264 C CA  . VAL A 1 167 ? -3.771  -3.779  -6.496  1.00 15.00 ? 167 VAL A CA  1 
ATOM   1265 C C   . VAL A 1 167 ? -3.977  -4.299  -7.924  1.00 15.00 ? 167 VAL A C   1 
ATOM   1266 O O   . VAL A 1 167 ? -4.559  -5.364  -8.151  1.00 15.00 ? 167 VAL A O   1 
ATOM   1267 C CB  . VAL A 1 167 ? -5.150  -3.702  -5.746  1.00 15.00 ? 167 VAL A CB  1 
ATOM   1268 C CG1 . VAL A 1 167 ? -5.819  -5.048  -5.697  1.00 15.00 ? 167 VAL A CG1 1 
ATOM   1269 C CG2 . VAL A 1 167 ? -4.957  -3.198  -4.323  1.00 15.00 ? 167 VAL A CG2 1 
ATOM   1270 N N   . GLY A 1 168 ? -3.487  -3.554  -8.907  1.00 15.00 ? 168 GLY A N   1 
ATOM   1271 C CA  . GLY A 1 168 ? -3.638  -3.964  -10.285 1.00 15.00 ? 168 GLY A CA  1 
ATOM   1272 C C   . GLY A 1 168 ? -3.594  -2.785  -11.230 1.00 15.00 ? 168 GLY A C   1 
ATOM   1273 O O   . GLY A 1 168 ? -3.113  -1.714  -10.868 1.00 15.00 ? 168 GLY A O   1 
ATOM   1274 N N   . TYR A 1 169 ? -4.104  -2.990  -12.437 1.00 15.00 ? 169 TYR A N   1 
ATOM   1275 C CA  . TYR A 1 169 ? -4.146  -1.971  -13.486 1.00 15.00 ? 169 TYR A CA  1 
ATOM   1276 C C   . TYR A 1 169 ? -5.149  -2.414  -14.546 1.00 15.00 ? 169 TYR A C   1 
ATOM   1277 O O   . TYR A 1 169 ? -5.711  -3.504  -14.462 1.00 15.00 ? 169 TYR A O   1 
ATOM   1278 C CB  . TYR A 1 169 ? -2.761  -1.773  -14.128 1.00 15.00 ? 169 TYR A CB  1 
ATOM   1279 C CG  . TYR A 1 169 ? -2.112  -3.039  -14.669 1.00 15.00 ? 169 TYR A CG  1 
ATOM   1280 C CD1 . TYR A 1 169 ? -2.564  -3.639  -15.850 1.00 15.00 ? 169 TYR A CD1 1 
ATOM   1281 C CD2 . TYR A 1 169 ? -1.053  -3.644  -13.987 1.00 15.00 ? 169 TYR A CD2 1 
ATOM   1282 C CE1 . TYR A 1 169 ? -1.983  -4.811  -16.331 1.00 15.00 ? 169 TYR A CE1 1 
ATOM   1283 C CE2 . TYR A 1 169 ? -0.460  -4.813  -14.458 1.00 15.00 ? 169 TYR A CE2 1 
ATOM   1284 C CZ  . TYR A 1 169 ? -0.928  -5.396  -15.627 1.00 15.00 ? 169 TYR A CZ  1 
ATOM   1285 O OH  . TYR A 1 169 ? -0.362  -6.575  -16.074 1.00 15.00 ? 169 TYR A OH  1 
ATOM   1286 N N   . GLY A 1 170 ? -5.373  -1.596  -15.565 1.00 15.00 ? 170 GLY A N   1 
ATOM   1287 C CA  . GLY A 1 170 ? -6.308  -1.972  -16.607 1.00 15.00 ? 170 GLY A CA  1 
ATOM   1288 C C   . GLY A 1 170 ? -6.686  -0.811  -17.495 1.00 15.00 ? 170 GLY A C   1 
ATOM   1289 O O   . GLY A 1 170 ? -5.978  0.187   -17.594 1.00 15.00 ? 170 GLY A O   1 
ATOM   1290 N N   . ILE A 1 171 ? -7.829  -0.931  -18.146 1.00 15.00 ? 171 ILE A N   1 
ATOM   1291 C CA  . ILE A 1 171 ? -8.342  0.110   -19.027 1.00 15.00 ? 171 ILE A CA  1 
ATOM   1292 C C   . ILE A 1 171 ? -9.817  0.110   -18.698 1.00 15.00 ? 171 ILE A C   1 
ATOM   1293 O O   . ILE A 1 171 ? -10.507 -0.861  -18.981 1.00 15.00 ? 171 ILE A O   1 
ATOM   1294 C CB  . ILE A 1 171 ? -8.192  -0.296  -20.513 1.00 15.00 ? 171 ILE A CB  1 
ATOM   1295 C CG1 . ILE A 1 171 ? -6.717  -0.417  -20.900 1.00 15.00 ? 171 ILE A CG1 1 
ATOM   1296 C CG2 . ILE A 1 171 ? -8.930  0.697   -21.420 1.00 15.00 ? 171 ILE A CG2 1 
ATOM   1297 C CD1 . ILE A 1 171 ? -6.087  0.879   -21.343 1.00 15.00 ? 171 ILE A CD1 1 
ATOM   1298 N N   . GLN A 1 172 ? -10.313 1.141   -18.027 1.00 15.00 ? 172 GLN A N   1 
ATOM   1299 C CA  . GLN A 1 172 ? -11.736 1.166   -17.701 1.00 15.00 ? 172 GLN A CA  1 
ATOM   1300 C C   . GLN A 1 172 ? -12.473 1.252   -19.032 1.00 15.00 ? 172 GLN A C   1 
ATOM   1301 O O   . GLN A 1 172 ? -13.316 0.407   -19.363 1.00 15.00 ? 172 GLN A O   1 
ATOM   1302 C CB  . GLN A 1 172 ? -12.078 2.376   -16.823 1.00 15.00 ? 172 GLN A CB  1 
ATOM   1303 C CG  . GLN A 1 172 ? -13.499 2.354   -16.244 1.00 15.00 ? 172 GLN A CG  1 
ATOM   1304 C CD  . GLN A 1 172 ? -13.811 3.593   -15.421 1.00 15.00 ? 172 GLN A CD  1 
ATOM   1305 O OE1 . GLN A 1 172 ? -13.261 4.672   -15.665 1.00 15.00 ? 172 GLN A OE1 1 
ATOM   1306 N NE2 . GLN A 1 172 ? -14.700 3.448   -14.443 1.00 15.00 ? 172 GLN A NE2 1 
ATOM   1307 N N   . LYS A 1 173 ? -12.141 2.274   -19.809 1.00 15.00 ? 173 LYS A N   1 
ATOM   1308 C CA  . LYS A 1 173 ? -12.748 2.448   -21.115 1.00 15.00 ? 173 LYS A CA  1 
ATOM   1309 C C   . LYS A 1 173 ? -11.871 3.454   -21.816 1.00 15.00 ? 173 LYS A C   1 
ATOM   1310 O O   . LYS A 1 173 ? -11.965 4.657   -21.572 1.00 15.00 ? 173 LYS A O   1 
ATOM   1311 C CB  . LYS A 1 173 ? -14.190 2.950   -21.003 1.00 15.00 ? 173 LYS A CB  1 
ATOM   1312 C CG  . LYS A 1 173 ? -15.123 2.462   -22.119 1.00 15.00 ? 173 LYS A CG  1 
ATOM   1313 C CD  . LYS A 1 173 ? -16.590 2.640   -21.699 1.00 15.00 ? 173 LYS A CD  1 
ATOM   1314 C CE  . LYS A 1 173 ? -17.562 1.986   -22.673 1.00 15.00 ? 173 LYS A CE  1 
ATOM   1315 N NZ  . LYS A 1 173 ? -18.969 2.170   -22.207 1.00 15.00 ? 173 LYS A NZ  1 
ATOM   1316 N N   . GLY A 1 174 ? -10.915 2.923   -22.570 1.00 15.00 ? 174 GLY A N   1 
ATOM   1317 C CA  . GLY A 1 174 ? -9.993  3.761   -23.309 1.00 15.00 ? 174 GLY A CA  1 
ATOM   1318 C C   . GLY A 1 174 ? -8.845  4.242   -22.455 1.00 15.00 ? 174 GLY A C   1 
ATOM   1319 O O   . GLY A 1 174 ? -7.721  4.377   -22.944 1.00 15.00 ? 174 GLY A O   1 
ATOM   1320 N N   . ASN A 1 175 ? -9.090  4.471   -21.168 1.00 15.00 ? 175 ASN A N   1 
ATOM   1321 C CA  . ASN A 1 175 ? -8.025  4.972   -20.301 1.00 15.00 ? 175 ASN A CA  1 
ATOM   1322 C C   . ASN A 1 175 ? -7.305  3.956   -19.410 1.00 15.00 ? 175 ASN A C   1 
ATOM   1323 O O   . ASN A 1 175 ? -7.939  3.232   -18.624 1.00 15.00 ? 175 ASN A O   1 
ATOM   1324 C CB  . ASN A 1 175 ? -8.537  6.149   -19.468 1.00 15.00 ? 175 ASN A CB  1 
ATOM   1325 C CG  . ASN A 1 175 ? -8.982  7.323   -20.334 1.00 15.00 ? 175 ASN A CG  1 
ATOM   1326 O OD1 . ASN A 1 175 ? -10.182 7.580   -20.485 1.00 15.00 ? 175 ASN A OD1 1 
ATOM   1327 N ND2 . ASN A 1 175 ? -8.017  8.032   -20.917 1.00 15.00 ? 175 ASN A ND2 1 
ATOM   1328 N N   . LYS A 1 176 ? -5.978  3.920   -19.555 1.00 15.00 ? 176 LYS A N   1 
ATOM   1329 C CA  . LYS A 1 176 ? -5.112  3.035   -18.782 1.00 15.00 ? 176 LYS A CA  1 
ATOM   1330 C C   . LYS A 1 176 ? -5.147  3.521   -17.341 1.00 15.00 ? 176 LYS A C   1 
ATOM   1331 O O   . LYS A 1 176 ? -5.074  4.731   -17.087 1.00 15.00 ? 176 LYS A O   1 
ATOM   1332 C CB  . LYS A 1 176 ? -3.673  3.091   -19.301 1.00 15.00 ? 176 LYS A CB  1 
ATOM   1333 C CG  . LYS A 1 176 ? -3.533  2.997   -20.815 1.00 15.00 ? 176 LYS A CG  1 
ATOM   1334 C CD  . LYS A 1 176 ? -2.108  2.643   -21.223 1.00 15.00 ? 176 LYS A CD  1 
ATOM   1335 C CE  . LYS A 1 176 ? -1.864  2.845   -22.718 1.00 15.00 ? 176 LYS A CE  1 
ATOM   1336 N NZ  . LYS A 1 176 ? -1.636  4.291   -23.062 1.00 15.00 ? 176 LYS A NZ  1 
ATOM   1337 N N   . HIS A 1 177 ? -5.224  2.594   -16.388 1.00 15.00 ? 177 HIS A N   1 
ATOM   1338 C CA  . HIS A 1 177 ? -5.295  2.984   -14.990 1.00 15.00 ? 177 HIS A CA  1 
ATOM   1339 C C   . HIS A 1 177 ? -4.712  2.007   -13.986 1.00 15.00 ? 177 HIS A C   1 
ATOM   1340 O O   . HIS A 1 177 ? -4.719  0.801   -14.220 1.00 15.00 ? 177 HIS A O   1 
ATOM   1341 C CB  . HIS A 1 177 ? -6.744  3.279   -14.620 1.00 15.00 ? 177 HIS A CB  1 
ATOM   1342 C CG  . HIS A 1 177 ? -7.618  2.065   -14.525 1.00 15.00 ? 177 HIS A CG  1 
ATOM   1343 N ND1 . HIS A 1 177 ? -8.668  1.838   -15.382 1.00 15.00 ? 177 HIS A ND1 1 
ATOM   1344 C CD2 . HIS A 1 177 ? -7.654  1.056   -13.619 1.00 15.00 ? 177 HIS A CD2 1 
ATOM   1345 C CE1 . HIS A 1 177 ? -9.319  0.749   -15.008 1.00 15.00 ? 177 HIS A CE1 1 
ATOM   1346 N NE2 . HIS A 1 177 ? -8.719  0.260   -13.940 1.00 15.00 ? 177 HIS A NE2 1 
ATOM   1347 N N   . TRP A 1 178 ? -4.235  2.560   -12.872 1.00 15.00 ? 178 TRP A N   1 
ATOM   1348 C CA  . TRP A 1 178 ? -3.670  1.819   -11.756 1.00 15.00 ? 178 TRP A CA  1 
ATOM   1349 C C   . TRP A 1 178 ? -4.785  1.709   -10.724 1.00 15.00 ? 178 TRP A C   1 
ATOM   1350 O O   . TRP A 1 178 ? -5.374  2.724   -10.329 1.00 15.00 ? 178 TRP A O   1 
ATOM   1351 C CB  . TRP A 1 178 ? -2.534  2.612   -11.122 1.00 15.00 ? 178 TRP A CB  1 
ATOM   1352 C CG  . TRP A 1 178 ? -1.314  2.755   -11.961 1.00 15.00 ? 178 TRP A CG  1 
ATOM   1353 C CD1 . TRP A 1 178 ? -0.809  3.911   -12.485 1.00 15.00 ? 178 TRP A CD1 1 
ATOM   1354 C CD2 . TRP A 1 178 ? -0.417  1.710   -12.351 1.00 15.00 ? 178 TRP A CD2 1 
ATOM   1355 N NE1 . TRP A 1 178 ? 0.348   3.651   -13.179 1.00 15.00 ? 178 TRP A NE1 1 
ATOM   1356 C CE2 . TRP A 1 178 ? 0.611   2.309   -13.114 1.00 15.00 ? 178 TRP A CE2 1 
ATOM   1357 C CE3 . TRP A 1 178 ? -0.382  0.325   -12.128 1.00 15.00 ? 178 TRP A CE3 1 
ATOM   1358 C CZ2 . TRP A 1 178 ? 1.661   1.571   -13.659 1.00 15.00 ? 178 TRP A CZ2 1 
ATOM   1359 C CZ3 . TRP A 1 178 ? 0.653   -0.405  -12.664 1.00 15.00 ? 178 TRP A CZ3 1 
ATOM   1360 C CH2 . TRP A 1 178 ? 1.665   0.218   -13.425 1.00 15.00 ? 178 TRP A CH2 1 
ATOM   1361 N N   . ILE A 1 179 ? -5.111  0.496   -10.283 1.00 15.00 ? 179 ILE A N   1 
ATOM   1362 C CA  . ILE A 1 179 ? -6.160  0.329   -9.282  1.00 15.00 ? 179 ILE A CA  1 
ATOM   1363 C C   . ILE A 1 179 ? -5.506  0.504   -7.919  1.00 15.00 ? 179 ILE A C   1 
ATOM   1364 O O   . ILE A 1 179 ? -4.656  -0.288  -7.515  1.00 15.00 ? 179 ILE A O   1 
ATOM   1365 C CB  . ILE A 1 179 ? -6.853  -1.031  -9.420  1.00 15.00 ? 179 ILE A CB  1 
ATOM   1366 C CG1 . ILE A 1 179 ? -7.402  -1.174  -10.846 1.00 15.00 ? 179 ILE A CG1 1 
ATOM   1367 C CG2 . ILE A 1 179 ? -7.963  -1.152  -8.398  1.00 15.00 ? 179 ILE A CG2 1 
ATOM   1368 C CD1 . ILE A 1 179 ? -8.189  -2.431  -11.110 1.00 15.00 ? 179 ILE A CD1 1 
ATOM   1369 N N   . ILE A 1 180 ? -5.884  1.574   -7.224  1.00 15.00 ? 180 ILE A N   1 
ATOM   1370 C CA  . ILE A 1 180 ? -5.296  1.906   -5.928  1.00 15.00 ? 180 ILE A CA  1 
ATOM   1371 C C   . ILE A 1 180 ? -6.174  1.678   -4.692  1.00 15.00 ? 180 ILE A C   1 
ATOM   1372 O O   . ILE A 1 180 ? -7.367  1.980   -4.699  1.00 15.00 ? 180 ILE A O   1 
ATOM   1373 C CB  . ILE A 1 180 ? -4.812  3.373   -5.937  1.00 15.00 ? 180 ILE A CB  1 
ATOM   1374 C CG1 . ILE A 1 180 ? -3.780  3.593   -7.042  1.00 15.00 ? 180 ILE A CG1 1 
ATOM   1375 C CG2 . ILE A 1 180 ? -4.226  3.740   -4.616  1.00 15.00 ? 180 ILE A CG2 1 
ATOM   1376 C CD1 . ILE A 1 180 ? -2.471  2.919   -6.779  1.00 15.00 ? 180 ILE A CD1 1 
ATOM   1377 N N   . LYS A 1 181 ? -5.564  1.142   -3.635  1.00 15.00 ? 181 LYS A N   1 
ATOM   1378 C CA  . LYS A 1 181 ? -6.250  0.879   -2.381  1.00 15.00 ? 181 LYS A CA  1 
ATOM   1379 C C   . LYS A 1 181 ? -5.814  1.920   -1.371  1.00 15.00 ? 181 LYS A C   1 
ATOM   1380 O O   . LYS A 1 181 ? -4.708  1.826   -0.832  1.00 15.00 ? 181 LYS A O   1 
ATOM   1381 C CB  . LYS A 1 181 ? -5.877  -0.500  -1.834  1.00 15.00 ? 181 LYS A CB  1 
ATOM   1382 C CG  . LYS A 1 181 ? -6.616  -0.839  -0.542  1.00 15.00 ? 181 LYS A CG  1 
ATOM   1383 C CD  . LYS A 1 181 ? -6.103  -2.080  0.149   1.00 15.00 ? 181 LYS A CD  1 
ATOM   1384 C CE  . LYS A 1 181 ? -7.018  -2.439  1.305   1.00 15.00 ? 181 LYS A CE  1 
ATOM   1385 N NZ  . LYS A 1 181 ? -6.471  -3.455  2.233   1.00 15.00 ? 181 LYS A NZ  1 
ATOM   1386 N N   . ASN A 1 182 ? -6.666  2.908   -1.099  1.00 15.00 ? 182 ASN A N   1 
ATOM   1387 C CA  . ASN A 1 182 ? -6.342  3.969   -0.143  1.00 15.00 ? 182 ASN A CA  1 
ATOM   1388 C C   . ASN A 1 182 ? -6.685  3.471   1.265   1.00 15.00 ? 182 ASN A C   1 
ATOM   1389 O O   . ASN A 1 182 ? -7.136  2.338   1.433   1.00 15.00 ? 182 ASN A O   1 
ATOM   1390 C CB  . ASN A 1 182 ? -7.149  5.230   -0.485  1.00 15.00 ? 182 ASN A CB  1 
ATOM   1391 C CG  . ASN A 1 182 ? -6.456  6.522   -0.060  1.00 15.00 ? 182 ASN A CG  1 
ATOM   1392 O OD1 . ASN A 1 182 ? -5.525  6.511   0.733   1.00 15.00 ? 182 ASN A OD1 1 
ATOM   1393 N ND2 . ASN A 1 182 ? -6.924  7.642   -0.584  1.00 15.00 ? 182 ASN A ND2 1 
ATOM   1394 N N   . SER A 1 183 ? -6.461  4.282   2.294   1.00 15.00 ? 183 SER A N   1 
ATOM   1395 C CA  . SER A 1 183 ? -6.772  3.876   3.666   1.00 15.00 ? 183 SER A CA  1 
ATOM   1396 C C   . SER A 1 183 ? -7.606  4.922   4.425   1.00 15.00 ? 183 SER A C   1 
ATOM   1397 O O   . SER A 1 183 ? -7.322  5.266   5.579   1.00 15.00 ? 183 SER A O   1 
ATOM   1398 C CB  . SER A 1 183 ? -5.484  3.565   4.437   1.00 15.00 ? 183 SER A CB  1 
ATOM   1399 O OG  . SER A 1 183 ? -4.536  4.617   4.310   1.00 15.00 ? 183 SER A OG  1 
ATOM   1400 N N   . TRP A 1 184 ? -8.656  5.423   3.790   1.00 15.00 ? 184 TRP A N   1 
ATOM   1401 C CA  . TRP A 1 184 ? -9.519  6.411   4.408   1.00 15.00 ? 184 TRP A CA  1 
ATOM   1402 C C   . TRP A 1 184 ? -10.924 5.837   4.541   1.00 15.00 ? 184 TRP A C   1 
ATOM   1403 O O   . TRP A 1 184 ? -11.878 6.404   4.026   1.00 15.00 ? 184 TRP A O   1 
ATOM   1404 C CB  . TRP A 1 184 ? -9.574  7.675   3.552   1.00 15.00 ? 184 TRP A CB  1 
ATOM   1405 C CG  . TRP A 1 184 ? -8.303  8.445   3.473   1.00 15.00 ? 184 TRP A CG  1 
ATOM   1406 C CD1 . TRP A 1 184 ? -7.240  8.373   4.322   1.00 15.00 ? 184 TRP A CD1 1 
ATOM   1407 C CD2 . TRP A 1 184 ? -7.978  9.441   2.504   1.00 15.00 ? 184 TRP A CD2 1 
ATOM   1408 N NE1 . TRP A 1 184 ? -6.266  9.261   3.944   1.00 15.00 ? 184 TRP A NE1 1 
ATOM   1409 C CE2 . TRP A 1 184 ? -6.691  9.933   2.832   1.00 15.00 ? 184 TRP A CE2 1 
ATOM   1410 C CE3 . TRP A 1 184 ? -8.642  9.969   1.396   1.00 15.00 ? 184 TRP A CE3 1 
ATOM   1411 C CZ2 . TRP A 1 184 ? -6.061  10.933  2.082   1.00 15.00 ? 184 TRP A CZ2 1 
ATOM   1412 C CZ3 . TRP A 1 184 ? -8.014  10.960  0.652   1.00 15.00 ? 184 TRP A CZ3 1 
ATOM   1413 C CH2 . TRP A 1 184 ? -6.736  11.431  1.001   1.00 15.00 ? 184 TRP A CH2 1 
ATOM   1414 N N   . GLY A 1 185 ? -11.060 4.691   5.197   1.00 15.00 ? 185 GLY A N   1 
ATOM   1415 C CA  . GLY A 1 185 ? -12.367 4.077   5.366   1.00 15.00 ? 185 GLY A CA  1 
ATOM   1416 C C   . GLY A 1 185 ? -12.935 3.681   4.021   1.00 15.00 ? 185 GLY A C   1 
ATOM   1417 O O   . GLY A 1 185 ? -12.323 3.938   2.989   1.00 15.00 ? 185 GLY A O   1 
ATOM   1418 N N   . GLU A 1 186 ? -14.085 3.021   3.973   1.00 15.00 ? 186 GLU A N   1 
ATOM   1419 C CA  . GLU A 1 186 ? -14.635 2.651   2.673   1.00 15.00 ? 186 GLU A CA  1 
ATOM   1420 C C   . GLU A 1 186 ? -15.643 3.674   2.195   1.00 15.00 ? 186 GLU A C   1 
ATOM   1421 O O   . GLU A 1 186 ? -16.210 3.546   1.110   1.00 15.00 ? 186 GLU A O   1 
ATOM   1422 C CB  . GLU A 1 186 ? -15.223 1.236   2.666   1.00 15.00 ? 186 GLU A CB  1 
ATOM   1423 C CG  . GLU A 1 186 ? -16.326 0.983   3.653   1.00 15.00 ? 186 GLU A CG  1 
ATOM   1424 C CD  . GLU A 1 186 ? -16.963 -0.378  3.458   1.00 15.00 ? 186 GLU A CD  1 
ATOM   1425 O OE1 . GLU A 1 186 ? -17.427 -0.655  2.330   1.00 15.00 ? 186 GLU A OE1 1 
ATOM   1426 O OE2 . GLU A 1 186 ? -17.007 -1.172  4.426   1.00 15.00 ? 186 GLU A OE2 1 
ATOM   1427 N N   . ASN A 1 187 ? -15.831 4.713   3.000   1.00 15.00 ? 187 ASN A N   1 
ATOM   1428 C CA  . ASN A 1 187 ? -16.753 5.784   2.666   1.00 15.00 ? 187 ASN A CA  1 
ATOM   1429 C C   . ASN A 1 187 ? -16.060 6.719   1.673   1.00 15.00 ? 187 ASN A C   1 
ATOM   1430 O O   . ASN A 1 187 ? -16.707 7.478   0.956   1.00 15.00 ? 187 ASN A O   1 
ATOM   1431 C CB  . ASN A 1 187 ? -17.167 6.548   3.934   1.00 15.00 ? 187 ASN A CB  1 
ATOM   1432 C CG  . ASN A 1 187 ? -18.542 7.213   3.807   1.00 15.00 ? 187 ASN A CG  1 
ATOM   1433 O OD1 . ASN A 1 187 ? -18.784 8.272   4.380   1.00 15.00 ? 187 ASN A OD1 1 
ATOM   1434 N ND2 . ASN A 1 187 ? -19.452 6.571   3.086   1.00 15.00 ? 187 ASN A ND2 1 
ATOM   1435 N N   . TRP A 1 188 ? -14.732 6.672   1.612   1.00 15.00 ? 188 TRP A N   1 
ATOM   1436 C CA  . TRP A 1 188 ? -13.988 7.528   0.691   1.00 15.00 ? 188 TRP A CA  1 
ATOM   1437 C C   . TRP A 1 188 ? -14.007 6.965   -0.733  1.00 15.00 ? 188 TRP A C   1 
ATOM   1438 O O   . TRP A 1 188 ? -14.223 5.762   -0.923  1.00 15.00 ? 188 TRP A O   1 
ATOM   1439 C CB  . TRP A 1 188 ? -12.542 7.700   1.163   1.00 15.00 ? 188 TRP A CB  1 
ATOM   1440 C CG  . TRP A 1 188 ? -11.748 8.546   0.238   1.00 15.00 ? 188 TRP A CG  1 
ATOM   1441 C CD1 . TRP A 1 188 ? -11.771 9.898   0.158   1.00 15.00 ? 188 TRP A CD1 1 
ATOM   1442 C CD2 . TRP A 1 188 ? -10.873 8.095   -0.804  1.00 15.00 ? 188 TRP A CD2 1 
ATOM   1443 N NE1 . TRP A 1 188 ? -10.980 10.328  -0.876  1.00 15.00 ? 188 TRP A NE1 1 
ATOM   1444 C CE2 . TRP A 1 188 ? -10.412 9.244   -1.486  1.00 15.00 ? 188 TRP A CE2 1 
ATOM   1445 C CE3 . TRP A 1 188 ? -10.439 6.837   -1.236  1.00 15.00 ? 188 TRP A CE3 1 
ATOM   1446 C CZ2 . TRP A 1 188 ? -9.537  9.173   -2.574  1.00 15.00 ? 188 TRP A CZ2 1 
ATOM   1447 C CZ3 . TRP A 1 188 ? -9.569  6.768   -2.316  1.00 15.00 ? 188 TRP A CZ3 1 
ATOM   1448 C CH2 . TRP A 1 188 ? -9.128  7.930   -2.973  1.00 15.00 ? 188 TRP A CH2 1 
ATOM   1449 N N   . GLY A 1 189 ? -13.788 7.840   -1.715  1.00 15.00 ? 189 GLY A N   1 
ATOM   1450 C CA  . GLY A 1 189 ? -13.758 7.450   -3.116  1.00 15.00 ? 189 GLY A CA  1 
ATOM   1451 C C   . GLY A 1 189 ? -14.676 6.306   -3.485  1.00 15.00 ? 189 GLY A C   1 
ATOM   1452 O O   . GLY A 1 189 ? -15.771 6.170   -2.956  1.00 15.00 ? 189 GLY A O   1 
ATOM   1453 N N   . ASN A 1 190 ? -14.234 5.439   -4.385  1.00 15.00 ? 190 ASN A N   1 
ATOM   1454 C CA  . ASN A 1 190 ? -15.055 4.305   -4.782  1.00 15.00 ? 190 ASN A CA  1 
ATOM   1455 C C   . ASN A 1 190 ? -14.886 3.158   -3.791  1.00 15.00 ? 190 ASN A C   1 
ATOM   1456 O O   . ASN A 1 190 ? -14.102 2.247   -4.027  1.00 15.00 ? 190 ASN A O   1 
ATOM   1457 C CB  . ASN A 1 190 ? -14.691 3.831   -6.189  1.00 15.00 ? 190 ASN A CB  1 
ATOM   1458 C CG  . ASN A 1 190 ? -15.805 3.039   -6.837  1.00 15.00 ? 190 ASN A CG  1 
ATOM   1459 O OD1 . ASN A 1 190 ? -16.062 3.190   -8.024  1.00 15.00 ? 190 ASN A OD1 1 
ATOM   1460 N ND2 . ASN A 1 190 ? -16.473 2.190   -6.068  1.00 15.00 ? 190 ASN A ND2 1 
ATOM   1461 N N   . LYS A 1 191 ? -15.639 3.200   -2.692  1.00 15.00 ? 191 LYS A N   1 
ATOM   1462 C CA  . LYS A 1 191 ? -15.598 2.168   -1.650  1.00 15.00 ? 191 LYS A CA  1 
ATOM   1463 C C   . LYS A 1 191 ? -14.180 1.913   -1.157  1.00 15.00 ? 191 LYS A C   1 
ATOM   1464 O O   . LYS A 1 191 ? -13.781 0.772   -0.967  1.00 15.00 ? 191 LYS A O   1 
ATOM   1465 C CB  . LYS A 1 191 ? -16.194 0.854   -2.166  1.00 15.00 ? 191 LYS A CB  1 
ATOM   1466 C CG  . LYS A 1 191 ? -17.608 0.945   -2.720  1.00 15.00 ? 191 LYS A CG  1 
ATOM   1467 C CD  . LYS A 1 191 ? -17.975 -0.347  -3.455  1.00 15.00 ? 191 LYS A CD  1 
ATOM   1468 C CE  . LYS A 1 191 ? -19.211 -0.171  -4.351  1.00 15.00 ? 191 LYS A CE  1 
ATOM   1469 N NZ  . LYS A 1 191 ? -19.463 -1.381  -5.198  1.00 15.00 ? 191 LYS A NZ  1 
ATOM   1470 N N   . GLY A 1 192 ? -13.401 2.974   -0.991  1.00 15.00 ? 192 GLY A N   1 
ATOM   1471 C CA  . GLY A 1 192 ? -12.039 2.831   -0.524  1.00 15.00 ? 192 GLY A CA  1 
ATOM   1472 C C   . GLY A 1 192 ? -10.973 2.871   -1.604  1.00 15.00 ? 192 GLY A C   1 
ATOM   1473 O O   . GLY A 1 192 ? -9.819  3.208   -1.321  1.00 15.00 ? 192 GLY A O   1 
ATOM   1474 N N   . TYR A 1 193 ? -11.341 2.550   -2.842  1.00 15.00 ? 193 TYR A N   1 
ATOM   1475 C CA  . TYR A 1 193 ? -10.388 2.539   -3.952  1.00 15.00 ? 193 TYR A CA  1 
ATOM   1476 C C   . TYR A 1 193 ? -10.415 3.780   -4.848  1.00 15.00 ? 193 TYR A C   1 
ATOM   1477 O O   . TYR A 1 193 ? -11.282 4.649   -4.737  1.00 15.00 ? 193 TYR A O   1 
ATOM   1478 C CB  . TYR A 1 193 ? -10.604 1.288   -4.813  1.00 15.00 ? 193 TYR A CB  1 
ATOM   1479 C CG  . TYR A 1 193 ? -10.311 0.004   -4.081  1.00 15.00 ? 193 TYR A CG  1 
ATOM   1480 C CD1 . TYR A 1 193 ? -11.279 -0.599  -3.283  1.00 15.00 ? 193 TYR A CD1 1 
ATOM   1481 C CD2 . TYR A 1 193 ? -9.040  -0.575  -4.127  1.00 15.00 ? 193 TYR A CD2 1 
ATOM   1482 C CE1 . TYR A 1 193 ? -10.987 -1.734  -2.540  1.00 15.00 ? 193 TYR A CE1 1 
ATOM   1483 C CE2 . TYR A 1 193 ? -8.740  -1.714  -3.384  1.00 15.00 ? 193 TYR A CE2 1 
ATOM   1484 C CZ  . TYR A 1 193 ? -9.716  -2.281  -2.592  1.00 15.00 ? 193 TYR A CZ  1 
ATOM   1485 O OH  . TYR A 1 193 ? -9.420  -3.383  -1.831  1.00 15.00 ? 193 TYR A OH  1 
ATOM   1486 N N   . ILE A 1 194 ? -9.446  3.862   -5.747  1.00 15.00 ? 194 ILE A N   1 
ATOM   1487 C CA  . ILE A 1 194 ? -9.357  4.957   -6.691  1.00 15.00 ? 194 ILE A CA  1 
ATOM   1488 C C   . ILE A 1 194 ? -8.496  4.532   -7.877  1.00 15.00 ? 194 ILE A C   1 
ATOM   1489 O O   . ILE A 1 194 ? -7.458  3.888   -7.714  1.00 15.00 ? 194 ILE A O   1 
ATOM   1490 C CB  . ILE A 1 194 ? -8.794  6.257   -6.045  1.00 15.00 ? 194 ILE A CB  1 
ATOM   1491 C CG1 . ILE A 1 194 ? -8.717  7.372   -7.091  1.00 15.00 ? 194 ILE A CG1 1 
ATOM   1492 C CG2 . ILE A 1 194 ? -7.433  6.021   -5.434  1.00 15.00 ? 194 ILE A CG2 1 
ATOM   1493 C CD1 . ILE A 1 194 ? -8.059  8.639   -6.607  1.00 15.00 ? 194 ILE A CD1 1 
ATOM   1494 N N   . LEU A 1 195 ? -9.003  4.790   -9.075  1.00 15.00 ? 195 LEU A N   1 
ATOM   1495 C CA  . LEU A 1 195 ? -8.300  4.473   -10.306 1.00 15.00 ? 195 LEU A CA  1 
ATOM   1496 C C   . LEU A 1 195 ? -7.510  5.708   -10.667 1.00 15.00 ? 195 LEU A C   1 
ATOM   1497 O O   . LEU A 1 195 ? -8.050  6.810   -10.704 1.00 15.00 ? 195 LEU A O   1 
ATOM   1498 C CB  . LEU A 1 195 ? -9.289  4.145   -11.415 1.00 15.00 ? 195 LEU A CB  1 
ATOM   1499 C CG  . LEU A 1 195 ? -9.776  2.697   -11.459 1.00 15.00 ? 195 LEU A CG  1 
ATOM   1500 C CD1 . LEU A 1 195 ? -9.899  2.107   -10.072 1.00 15.00 ? 195 LEU A CD1 1 
ATOM   1501 C CD2 . LEU A 1 195 ? -11.083 2.618   -12.204 1.00 15.00 ? 195 LEU A CD2 1 
ATOM   1502 N N   . MET A 1 196 ? -6.212  5.544   -10.872 1.00 15.00 ? 196 MET A N   1 
ATOM   1503 C CA  . MET A 1 196 ? -5.365  6.666   -11.218 1.00 15.00 ? 196 MET A CA  1 
ATOM   1504 C C   . MET A 1 196 ? -4.765  6.444   -12.604 1.00 15.00 ? 196 MET A C   1 
ATOM   1505 O O   . MET A 1 196 ? -4.504  5.312   -13.001 1.00 15.00 ? 196 MET A O   1 
ATOM   1506 C CB  . MET A 1 196 ? -4.291  6.841   -10.146 1.00 15.00 ? 196 MET A CB  1 
ATOM   1507 C CG  . MET A 1 196 ? -4.854  7.277   -8.793  1.00 15.00 ? 196 MET A CG  1 
ATOM   1508 S SD  . MET A 1 196 ? -3.592  7.429   -7.525  1.00 15.00 ? 196 MET A SD  1 
ATOM   1509 C CE  . MET A 1 196 ? -2.646  8.801   -8.175  1.00 15.00 ? 196 MET A CE  1 
ATOM   1510 N N   . ALA A 1 197 ? -4.586  7.512   -13.373 1.00 15.00 ? 197 ALA A N   1 
ATOM   1511 C CA  . ALA A 1 197 ? -4.038  7.399   -14.719 1.00 15.00 ? 197 ALA A CA  1 
ATOM   1512 C C   . ALA A 1 197 ? -2.711  6.642   -14.787 1.00 15.00 ? 197 ALA A C   1 
ATOM   1513 O O   . ALA A 1 197 ? -1.838  6.806   -13.932 1.00 15.00 ? 197 ALA A O   1 
ATOM   1514 C CB  . ALA A 1 197 ? -3.895  8.778   -15.344 1.00 15.00 ? 197 ALA A CB  1 
ATOM   1515 N N   . ARG A 1 198 ? -2.589  5.795   -15.809 1.00 15.00 ? 198 ARG A N   1 
ATOM   1516 C CA  . ARG A 1 198 ? -1.392  5.002   -16.053 1.00 15.00 ? 198 ARG A CA  1 
ATOM   1517 C C   . ARG A 1 198 ? -0.832  5.306   -17.436 1.00 15.00 ? 198 ARG A C   1 
ATOM   1518 O O   . ARG A 1 198 ? -1.534  5.216   -18.444 1.00 15.00 ? 198 ARG A O   1 
ATOM   1519 C CB  . ARG A 1 198 ? -1.692  3.508   -15.945 1.00 15.00 ? 198 ARG A CB  1 
ATOM   1520 C CG  . ARG A 1 198 ? -0.523  2.632   -16.369 1.00 15.00 ? 198 ARG A CG  1 
ATOM   1521 C CD  . ARG A 1 198 ? -0.664  1.188   -15.927 1.00 15.00 ? 198 ARG A CD  1 
ATOM   1522 N NE  . ARG A 1 198 ? -1.726  0.443   -16.591 1.00 15.00 ? 198 ARG A NE  1 
ATOM   1523 C CZ  . ARG A 1 198 ? -1.603  -0.129  -17.782 1.00 15.00 ? 198 ARG A CZ  1 
ATOM   1524 N NH1 . ARG A 1 198 ? -0.469  -0.024  -18.457 1.00 15.00 ? 198 ARG A NH1 1 
ATOM   1525 N NH2 . ARG A 1 198 ? -2.578  -0.899  -18.253 1.00 15.00 ? 198 ARG A NH2 1 
ATOM   1526 N N   . ASN A 1 199 ? 0.435   5.695   -17.453 1.00 15.00 ? 199 ASN A N   1 
ATOM   1527 C CA  . ASN A 1 199 ? 1.185   6.020   -18.660 1.00 15.00 ? 199 ASN A CA  1 
ATOM   1528 C C   . ASN A 1 199 ? 1.041   7.457   -19.136 1.00 15.00 ? 199 ASN A C   1 
ATOM   1529 O O   . ASN A 1 199 ? 1.637   7.852   -20.143 1.00 15.00 ? 199 ASN A O   1 
ATOM   1530 C CB  . ASN A 1 199 ? 0.928   5.010   -19.788 1.00 15.00 ? 199 ASN A CB  1 
ATOM   1531 C CG  . ASN A 1 199 ? 1.464   3.613   -19.462 1.00 15.00 ? 199 ASN A CG  1 
ATOM   1532 O OD1 . ASN A 1 199 ? 0.812   2.607   -19.765 1.00 15.00 ? 199 ASN A OD1 1 
ATOM   1533 N ND2 . ASN A 1 199 ? 2.643   3.544   -18.828 1.00 15.00 ? 199 ASN A ND2 1 
ATOM   1534 N N   . LYS A 1 200 ? 0.296   8.265   -18.390 1.00 15.00 ? 200 LYS A N   1 
ATOM   1535 C CA  . LYS A 1 200 ? 0.150   9.678   -18.732 1.00 15.00 ? 200 LYS A CA  1 
ATOM   1536 C C   . LYS A 1 200 ? 1.298   10.359  -18.004 1.00 15.00 ? 200 LYS A C   1 
ATOM   1537 O O   . LYS A 1 200 ? 1.093   11.089  -17.037 1.00 15.00 ? 200 LYS A O   1 
ATOM   1538 C CB  . LYS A 1 200 ? -1.204  10.245  -18.277 1.00 15.00 ? 200 LYS A CB  1 
ATOM   1539 C CG  . LYS A 1 200 ? -2.396  9.603   -18.980 1.00 15.00 ? 200 LYS A CG  1 
ATOM   1540 C CD  . LYS A 1 200 ? -3.645  10.467  -18.909 1.00 15.00 ? 200 LYS A CD  1 
ATOM   1541 C CE  . LYS A 1 200 ? -4.817  9.829   -19.681 1.00 15.00 ? 200 LYS A CE  1 
ATOM   1542 N NZ  . LYS A 1 200 ? -6.022  10.736  -19.790 1.00 15.00 ? 200 LYS A NZ  1 
ATOM   1543 N N   . ASN A 1 201 ? 2.513   10.008  -18.422 1.00 15.00 ? 201 ASN A N   1 
ATOM   1544 C CA  . ASN A 1 201 ? 3.741   10.541  -17.855 1.00 15.00 ? 201 ASN A CA  1 
ATOM   1545 C C   . ASN A 1 201 ? 3.757   10.506  -16.337 1.00 15.00 ? 201 ASN A C   1 
ATOM   1546 O O   . ASN A 1 201 ? 3.355   11.472  -15.698 1.00 15.00 ? 201 ASN A O   1 
ATOM   1547 C CB  . ASN A 1 201 ? 3.984   11.986  -18.309 1.00 15.00 ? 201 ASN A CB  1 
ATOM   1548 C CG  . ASN A 1 201 ? 3.974   12.151  -19.827 1.00 15.00 ? 201 ASN A CG  1 
ATOM   1549 O OD1 . ASN A 1 201 ? 3.598   13.214  -20.333 1.00 15.00 ? 201 ASN A OD1 1 
ATOM   1550 N ND2 . ASN A 1 201 ? 4.393   11.115  -20.559 1.00 15.00 ? 201 ASN A ND2 1 
ATOM   1551 N N   . ASN A 1 202 ? 4.151   9.365   -15.774 1.00 15.00 ? 202 ASN A N   1 
ATOM   1552 C CA  . ASN A 1 202 ? 4.285   9.170   -14.328 1.00 15.00 ? 202 ASN A CA  1 
ATOM   1553 C C   . ASN A 1 202 ? 3.325   9.998   -13.448 1.00 15.00 ? 202 ASN A C   1 
ATOM   1554 O O   . ASN A 1 202 ? 3.743   10.723  -12.529 1.00 15.00 ? 202 ASN A O   1 
ATOM   1555 C CB  . ASN A 1 202 ? 5.748   9.421   -13.955 1.00 15.00 ? 202 ASN A CB  1 
ATOM   1556 C CG  . ASN A 1 202 ? 6.086   8.988   -12.560 1.00 15.00 ? 202 ASN A CG  1 
ATOM   1557 O OD1 . ASN A 1 202 ? 5.589   7.976   -12.068 1.00 15.00 ? 202 ASN A OD1 1 
ATOM   1558 N ND2 . ASN A 1 202 ? 6.957   9.737   -11.917 1.00 15.00 ? 202 ASN A ND2 1 
ATOM   1559 N N   . ALA A 1 203 ? 2.034   9.862   -13.689 1.00 15.00 ? 203 ALA A N   1 
ATOM   1560 C CA  . ALA A 1 203 ? 0.982   10.611  -13.002 1.00 15.00 ? 203 ALA A CA  1 
ATOM   1561 C C   . ALA A 1 203 ? 1.185   10.519  -11.482 1.00 15.00 ? 203 ALA A C   1 
ATOM   1562 O O   . ALA A 1 203 ? 1.269   9.464   -10.867 1.00 15.00 ? 203 ALA A O   1 
ATOM   1563 C CB  . ALA A 1 203 ? -0.395  10.030  -13.310 1.00 15.00 ? 203 ALA A CB  1 
ATOM   1564 N N   . CYS A 1 204 ? 1.233   11.704  -10.839 1.00 15.00 ? 204 CYS A N   1 
ATOM   1565 C CA  . CYS A 1 204 ? 1.350   11.789  -9.389  1.00 15.00 ? 204 CYS A CA  1 
ATOM   1566 C C   . CYS A 1 204 ? 2.590   11.128  -8.802  1.00 15.00 ? 204 CYS A C   1 
ATOM   1567 O O   . CYS A 1 204 ? 2.695   10.976  -7.578  1.00 15.00 ? 204 CYS A O   1 
ATOM   1568 C CB  . CYS A 1 204 ? 0.102   11.194  -8.743  1.00 15.00 ? 204 CYS A CB  1 
ATOM   1569 S SG  . CYS A 1 204 ? -1.438  12.064  -9.199  1.00 15.00 ? 204 CYS A SG  1 
ATOM   1570 N N   . GLY A 1 205 ? 3.541   10.752  -9.658  1.00 15.00 ? 205 GLY A N   1 
ATOM   1571 C CA  . GLY A 1 205 ? 4.743   10.097  -9.183  1.00 15.00 ? 205 GLY A CA  1 
ATOM   1572 C C   . GLY A 1 205 ? 4.419   8.767   -8.526  1.00 15.00 ? 205 GLY A C   1 
ATOM   1573 O O   . GLY A 1 205 ? 5.038   8.375   -7.534  1.00 15.00 ? 205 GLY A O   1 
ATOM   1574 N N   . ILE A 1 206 ? 3.426   8.064   -9.062  1.00 15.00 ? 206 ILE A N   1 
ATOM   1575 C CA  . ILE A 1 206 ? 3.039   6.768   -8.520  1.00 15.00 ? 206 ILE A CA  1 
ATOM   1576 C C   . ILE A 1 206 ? 4.214   5.785   -8.518  1.00 15.00 ? 206 ILE A C   1 
ATOM   1577 O O   . ILE A 1 206 ? 4.320   4.924   -7.635  1.00 15.00 ? 206 ILE A O   1 
ATOM   1578 C CB  . ILE A 1 206 ? 1.857   6.146   -9.299  1.00 15.00 ? 206 ILE A CB  1 
ATOM   1579 C CG1 . ILE A 1 206 ? 1.543   4.757   -8.747  1.00 15.00 ? 206 ILE A CG1 1 
ATOM   1580 C CG2 . ILE A 1 206 ? 2.181   6.060   -10.785 1.00 15.00 ? 206 ILE A CG2 1 
ATOM   1581 C CD1 . ILE A 1 206 ? 0.211   4.216   -9.164  1.00 15.00 ? 206 ILE A CD1 1 
ATOM   1582 N N   . ALA A 1 207 ? 5.124   5.935   -9.477  1.00 15.00 ? 207 ALA A N   1 
ATOM   1583 C CA  . ALA A 1 207 ? 6.271   5.049   -9.565  1.00 15.00 ? 207 ALA A CA  1 
ATOM   1584 C C   . ALA A 1 207 ? 7.576   5.653   -9.061  1.00 15.00 ? 207 ALA A C   1 
ATOM   1585 O O   . ALA A 1 207 ? 8.630   5.358   -9.595  1.00 15.00 ? 207 ALA A O   1 
ATOM   1586 C CB  . ALA A 1 207 ? 6.435   4.544   -10.994 1.00 15.00 ? 207 ALA A CB  1 
ATOM   1587 N N   . ASN A 1 208 ? 7.554   6.431   -7.984  1.00 15.00 ? 208 ASN A N   1 
ATOM   1588 C CA  . ASN A 1 208 ? 8.783   7.041   -7.467  1.00 15.00 ? 208 ASN A CA  1 
ATOM   1589 C C   . ASN A 1 208 ? 9.240   6.543   -6.114  1.00 15.00 ? 208 ASN A C   1 
ATOM   1590 O O   . ASN A 1 208 ? 10.336  6.878   -5.661  1.00 15.00 ? 208 ASN A O   1 
ATOM   1591 C CB  . ASN A 1 208 ? 8.649   8.555   -7.408  1.00 15.00 ? 208 ASN A CB  1 
ATOM   1592 C CG  . ASN A 1 208 ? 8.885   9.198   -8.740  1.00 15.00 ? 208 ASN A CG  1 
ATOM   1593 O OD1 . ASN A 1 208 ? 8.109   9.007   -9.670  1.00 15.00 ? 208 ASN A OD1 1 
ATOM   1594 N ND2 . ASN A 1 208 ? 9.988   9.933   -8.862  1.00 15.00 ? 208 ASN A ND2 1 
ATOM   1595 N N   . LEU A 1 209 ? 8.384   5.797   -5.427  1.00 15.00 ? 209 LEU A N   1 
ATOM   1596 C CA  . LEU A 1 209 ? 8.725   5.257   -4.125  1.00 15.00 ? 209 LEU A CA  1 
ATOM   1597 C C   . LEU A 1 209 ? 7.996   3.940   -3.979  1.00 15.00 ? 209 LEU A C   1 
ATOM   1598 O O   . LEU A 1 209 ? 7.363   3.684   -2.957  1.00 15.00 ? 209 LEU A O   1 
ATOM   1599 C CB  . LEU A 1 209 ? 8.308   6.214   -3.014  1.00 15.00 ? 209 LEU A CB  1 
ATOM   1600 C CG  . LEU A 1 209 ? 9.099   6.064   -1.713  1.00 15.00 ? 209 LEU A CG  1 
ATOM   1601 C CD1 . LEU A 1 209 ? 10.556  6.437   -1.965  1.00 15.00 ? 209 LEU A CD1 1 
ATOM   1602 C CD2 . LEU A 1 209 ? 8.524   6.944   -0.636  1.00 15.00 ? 209 LEU A CD2 1 
ATOM   1603 N N   . ALA A 1 210 ? 8.059   3.154   -5.039  1.00 15.00 ? 210 ALA A N   1 
ATOM   1604 C CA  . ALA A 1 210 ? 7.432   1.833   -5.041  1.00 15.00 ? 210 ALA A CA  1 
ATOM   1605 C C   . ALA A 1 210 ? 8.416   0.787   -4.496  1.00 15.00 ? 210 ALA A C   1 
ATOM   1606 O O   . ALA A 1 210 ? 9.630   1.013   -4.577  1.00 15.00 ? 210 ALA A O   1 
ATOM   1607 C CB  . ALA A 1 210 ? 7.060   1.405   -6.458  1.00 15.00 ? 210 ALA A CB  1 
ATOM   1608 N N   . SER A 1 211 ? 7.893   -0.250  -3.902  1.00 15.00 ? 211 SER A N   1 
ATOM   1609 C CA  . SER A 1 211 ? 8.718   -1.317  -3.340  1.00 15.00 ? 211 SER A CA  1 
ATOM   1610 C C   . SER A 1 211 ? 7.826   -2.490  -3.029  1.00 15.00 ? 211 SER A C   1 
ATOM   1611 O O   . SER A 1 211 ? 6.610   -2.359  -2.998  1.00 15.00 ? 211 SER A O   1 
ATOM   1612 C CB  . SER A 1 211 ? 9.405   -0.859  -2.048  1.00 15.00 ? 211 SER A CB  1 
ATOM   1613 O OG  . SER A 1 211 ? 8.463   -0.540  -1.035  1.00 15.00 ? 211 SER A OG  1 
ATOM   1614 N N   . PHE A 1 212 ? 8.416   -3.658  -2.838  1.00 15.00 ? 212 PHE A N   1 
ATOM   1615 C CA  . PHE A 1 212 ? 7.643   -4.836  -2.494  1.00 15.00 ? 212 PHE A CA  1 
ATOM   1616 C C   . PHE A 1 212 ? 8.487   -5.709  -1.599  1.00 15.00 ? 212 PHE A C   1 
ATOM   1617 O O   . PHE A 1 212 ? 9.706   -5.704  -1.691  1.00 15.00 ? 212 PHE A O   1 
ATOM   1618 C CB  . PHE A 1 212 ? 7.142   -5.584  -3.747  1.00 15.00 ? 212 PHE A CB  1 
ATOM   1619 C CG  . PHE A 1 212 ? 8.238   -6.100  -4.661  1.00 15.00 ? 212 PHE A CG  1 
ATOM   1620 C CD1 . PHE A 1 212 ? 8.891   -7.319  -4.392  1.00 15.00 ? 212 PHE A CD1 1 
ATOM   1621 C CD2 . PHE A 1 212 ? 8.572   -5.411  -5.823  1.00 15.00 ? 212 PHE A CD2 1 
ATOM   1622 C CE1 . PHE A 1 212 ? 9.842   -7.837  -5.264  1.00 15.00 ? 212 PHE A CE1 1 
ATOM   1623 C CE2 . PHE A 1 212 ? 9.528   -5.930  -6.704  1.00 15.00 ? 212 PHE A CE2 1 
ATOM   1624 C CZ  . PHE A 1 212 ? 10.160  -7.142  -6.421  1.00 15.00 ? 212 PHE A CZ  1 
ATOM   1625 N N   . PRO A 1 213 ? 7.863   -6.347  -0.614  1.00 15.00 ? 213 PRO A N   1 
ATOM   1626 C CA  . PRO A 1 213 ? 8.639   -7.207  0.280   1.00 15.00 ? 213 PRO A CA  1 
ATOM   1627 C C   . PRO A 1 213 ? 8.915   -8.540  -0.395  1.00 15.00 ? 213 PRO A C   1 
ATOM   1628 O O   . PRO A 1 213 ? 8.178   -8.965  -1.281  1.00 15.00 ? 213 PRO A O   1 
ATOM   1629 C CB  . PRO A 1 213 ? 7.698   -7.389  1.465   1.00 15.00 ? 213 PRO A CB  1 
ATOM   1630 C CG  . PRO A 1 213 ? 6.356   -7.404  0.811   1.00 15.00 ? 213 PRO A CG  1 
ATOM   1631 C CD  . PRO A 1 213 ? 6.454   -6.274  -0.196  1.00 15.00 ? 213 PRO A CD  1 
ATOM   1632 N N   . LYS A 1 214 ? 9.995   -9.192  -0.007  1.00 15.00 ? 214 LYS A N   1 
ATOM   1633 C CA  . LYS A 1 214 ? 10.311  -10.483 -0.575  1.00 15.00 ? 214 LYS A CA  1 
ATOM   1634 C C   . LYS A 1 214 ? 9.862   -11.484 0.471   1.00 15.00 ? 214 LYS A C   1 
ATOM   1635 O O   . LYS A 1 214 ? 10.090  -11.285 1.656   1.00 15.00 ? 214 LYS A O   1 
ATOM   1636 C CB  . LYS A 1 214 ? 11.821  -10.592 -0.815  1.00 15.00 ? 214 LYS A CB  1 
ATOM   1637 C CG  . LYS A 1 214 ? 12.243  -10.550 -2.300  1.00 15.00 ? 214 LYS A CG  1 
ATOM   1638 C CD  . LYS A 1 214 ? 13.502  -9.710  -2.510  1.00 15.00 ? 214 LYS A CD  1 
ATOM   1639 C CE  . LYS A 1 214 ? 14.644  -10.159 -1.618  1.00 15.00 ? 214 LYS A CE  1 
ATOM   1640 N NZ  . LYS A 1 214 ? 15.803  -9.228  -1.716  1.00 15.00 ? 214 LYS A NZ  1 
ATOM   1641 N N   . MET A 1 215 ? 9.148   -12.522 0.071   1.00 15.00 ? 215 MET A N   1 
ATOM   1642 C CA  . MET A 1 215 ? 8.725   -13.514 1.044   1.00 15.00 ? 215 MET A CA  1 
ATOM   1643 C C   . MET A 1 215 ? 9.071   -14.943 0.615   1.00 15.00 ? 215 MET A C   1 
ATOM   1644 O O   . MET A 1 215 ? 9.183   -15.196 -0.608  1.00 15.00 ? 215 MET A O   1 
ATOM   1645 C CB  . MET A 1 215 ? 7.232   -13.380 1.351   1.00 15.00 ? 215 MET A CB  1 
ATOM   1646 C CG  . MET A 1 215 ? 6.917   -13.567 2.835   1.00 15.00 ? 215 MET A CG  1 
ATOM   1647 S SD  . MET A 1 215 ? 5.176   -13.447 3.260   1.00 15.00 ? 215 MET A SD  1 
ATOM   1648 C CE  . MET A 1 215 ? 4.673   -15.129 3.159   1.00 15.00 ? 215 MET A CE  1 
ATOM   1649 O OXT . MET A 1 215 ? 9.281   -15.781 1.524   1.00 15.00 ? 215 MET A OXT 1 
HETATM 1650 C C1  . SDK B 2 .   ? -10.544 10.339  6.325   1.00 15.00 ? 300 SDK A C1  1 
HETATM 1651 C C2  . SDK B 2 .   ? -9.847  9.464   7.170   1.00 15.00 ? 300 SDK A C2  1 
HETATM 1652 C C3  . SDK B 2 .   ? -8.624  9.849   7.720   1.00 15.00 ? 300 SDK A C3  1 
HETATM 1653 C C4  . SDK B 2 .   ? -8.085  11.097  7.435   1.00 15.00 ? 300 SDK A C4  1 
HETATM 1654 C C5  . SDK B 2 .   ? -8.791  11.961  6.596   1.00 15.00 ? 300 SDK A C5  1 
HETATM 1655 C C6  . SDK B 2 .   ? -10.015 11.587  6.039   1.00 15.00 ? 300 SDK A C6  1 
HETATM 1656 C C7  . SDK B 2 .   ? -6.742  11.498  7.990   1.00 15.00 ? 300 SDK A C7  1 
HETATM 1657 O O8  . SDK B 2 .   ? -5.616  10.790  7.439   1.00 15.00 ? 300 SDK A O8  1 
HETATM 1658 C C9  . SDK B 2 .   ? -4.578  11.591  6.942   1.00 15.00 ? 300 SDK A C9  1 
HETATM 1659 O O10 . SDK B 2 .   ? -4.043  12.444  7.659   1.00 15.00 ? 300 SDK A O10 1 
HETATM 1660 C C11 . SDK B 2 .   ? -3.230  12.126  4.909   1.00 15.00 ? 300 SDK A C11 1 
HETATM 1661 C C12 . SDK B 2 .   ? -2.998  13.529  5.486   1.00 15.00 ? 300 SDK A C12 1 
HETATM 1662 C C13 . SDK B 2 .   ? -3.766  14.691  4.850   1.00 15.00 ? 300 SDK A C13 1 
HETATM 1663 C C14 . SDK B 2 .   ? -3.034  15.989  5.150   1.00 15.00 ? 300 SDK A C14 1 
HETATM 1664 C C15 . SDK B 2 .   ? -3.957  14.507  3.332   1.00 15.00 ? 300 SDK A C15 1 
HETATM 1665 C C16 . SDK B 2 .   ? -1.883  11.498  4.545   1.00 15.00 ? 300 SDK A C16 1 
HETATM 1666 O O17 . SDK B 2 .   ? -1.518  11.484  3.363   1.00 15.00 ? 300 SDK A O17 1 
HETATM 1667 N N18 . SDK B 2 .   ? -1.112  11.001  5.514   1.00 15.00 ? 300 SDK A N18 1 
HETATM 1668 C C19 . SDK B 2 .   ? 0.213   10.406  5.275   1.00 15.00 ? 300 SDK A C19 1 
HETATM 1669 N N20 . SDK B 2 .   ? -4.253  11.375  5.663   1.00 15.00 ? 300 SDK A N20 1 
HETATM 1670 C C21 . SDK B 2 .   ? 0.333   8.966   5.722   1.00 15.00 ? 300 SDK A C21 1 
HETATM 1671 O O22 . SDK B 2 .   ? -0.500  8.726   6.591   1.00 15.00 ? 300 SDK A O22 1 
HETATM 1672 C C23 . SDK B 2 .   ? 10.006  11.988  0.028   1.00 15.00 ? 300 SDK A C23 1 
HETATM 1673 C C24 . SDK B 2 .   ? 8.792   11.385  0.346   1.00 15.00 ? 300 SDK A C24 1 
HETATM 1674 C C25 . SDK B 2 .   ? 8.227   11.604  1.591   1.00 15.00 ? 300 SDK A C25 1 
HETATM 1675 C C26 . SDK B 2 .   ? 8.851   12.422  2.539   1.00 15.00 ? 300 SDK A C26 1 
HETATM 1676 C C27 . SDK B 2 .   ? 10.065  13.016  2.214   1.00 15.00 ? 300 SDK A C27 1 
HETATM 1677 C C28 . SDK B 2 .   ? 10.648  12.807  0.967   1.00 15.00 ? 300 SDK A C28 1 
HETATM 1678 C C29 . SDK B 2 .   ? 8.214   12.677  3.880   1.00 15.00 ? 300 SDK A C29 1 
HETATM 1679 O O30 . SDK B 2 .   ? 6.795   12.888  3.978   1.00 15.00 ? 300 SDK A O30 1 
HETATM 1680 C C31 . SDK B 2 .   ? 5.879   11.859  3.656   1.00 15.00 ? 300 SDK A C31 1 
HETATM 1681 O O32 . SDK B 2 .   ? 5.244   11.862  2.599   1.00 15.00 ? 300 SDK A O32 1 
HETATM 1682 C C33 . SDK B 2 .   ? 4.795   9.769   4.277   1.00 15.00 ? 300 SDK A C33 1 
HETATM 1683 C C34 . SDK B 2 .   ? 5.537   8.483   3.921   1.00 15.00 ? 300 SDK A C34 1 
HETATM 1684 C C35 . SDK B 2 .   ? 5.797   8.216   2.450   1.00 15.00 ? 300 SDK A C35 1 
HETATM 1685 C C36 . SDK B 2 .   ? 4.849   9.038   1.575   1.00 15.00 ? 300 SDK A C36 1 
HETATM 1686 C C37 . SDK B 2 .   ? 7.231   8.584   2.173   1.00 15.00 ? 300 SDK A C37 1 
HETATM 1687 C C38 . SDK B 2 .   ? 3.895   9.511   5.471   1.00 15.00 ? 300 SDK A C38 1 
HETATM 1688 O O39 . SDK B 2 .   ? 4.280   9.783   6.604   1.00 15.00 ? 300 SDK A O39 1 
HETATM 1689 N N40 . SDK B 2 .   ? 2.701   8.982   5.214   1.00 15.00 ? 300 SDK A N40 1 
HETATM 1690 C C41 . SDK B 2 .   ? 1.700   8.669   6.234   1.00 15.00 ? 300 SDK A C41 1 
HETATM 1691 N N42 . SDK B 2 .   ? 5.732   10.868  4.535   1.00 15.00 ? 300 SDK A N42 1 
HETATM 1692 O O   . HOH C 3 .   ? -2.806  -16.335 12.900  1.00 15.00 ? 301 HOH A O   1 
HETATM 1693 O O   . HOH C 3 .   ? 12.376  -14.750 6.812   1.00 15.00 ? 302 HOH A O   1 
HETATM 1694 O O   . HOH C 3 .   ? -7.444  0.311   3.014   1.00 15.00 ? 303 HOH A O   1 
HETATM 1695 O O   . HOH C 3 .   ? -3.285  1.059   1.374   1.00 15.00 ? 304 HOH A O   1 
HETATM 1696 O O   . HOH C 3 .   ? -0.500  10.426  17.441  1.00 15.00 ? 305 HOH A O   1 
HETATM 1697 O O   . HOH C 3 .   ? 0.024   4.476   24.783  1.00 15.00 ? 306 HOH A O   1 
HETATM 1698 O O   . HOH C 3 .   ? -3.317  -6.721  -0.641  1.00 15.00 ? 307 HOH A O   1 
HETATM 1699 O O   . HOH C 3 .   ? 15.498  2.563   3.187   1.00 15.00 ? 308 HOH A O   1 
HETATM 1700 O O   . HOH C 3 .   ? -2.389  11.014  15.371  1.00 15.00 ? 309 HOH A O   1 
HETATM 1701 O O   . HOH C 3 .   ? 8.639   2.378   -0.771  1.00 15.00 ? 310 HOH A O   1 
HETATM 1702 O O   . HOH C 3 .   ? -3.617  8.166   25.305  1.00 15.00 ? 311 HOH A O   1 
HETATM 1703 O O   . HOH C 3 .   ? 5.286   5.768   18.440  1.00 15.00 ? 312 HOH A O   1 
HETATM 1704 O O   . HOH C 3 .   ? -3.387  5.951   -21.272 1.00 15.00 ? 313 HOH A O   1 
HETATM 1705 O O   . HOH C 3 .   ? 1.863   -0.938  -21.448 1.00 15.00 ? 314 HOH A O   1 
HETATM 1706 O O   . HOH C 3 .   ? -11.178 -4.529  0.031   1.00 15.00 ? 315 HOH A O   1 
HETATM 1707 O O   . HOH C 3 .   ? 4.415   5.862   -18.473 1.00 15.00 ? 316 HOH A O   1 
HETATM 1708 O O   . HOH C 3 .   ? 16.964  3.567   -0.382  1.00 15.00 ? 317 HOH A O   1 
HETATM 1709 O O   . HOH C 3 .   ? 1.218   9.343   -22.351 1.00 15.00 ? 318 HOH A O   1 
HETATM 1710 O O   . HOH C 3 .   ? -2.552  3.855   2.323   1.00 15.00 ? 319 HOH A O   1 
HETATM 1711 O O   . HOH C 3 .   ? 9.304   3.471   1.527   1.00 15.00 ? 320 HOH A O   1 
HETATM 1712 O O   . HOH C 3 .   ? -9.609  -4.293  14.643  1.00 15.00 ? 321 HOH A O   1 
HETATM 1713 O O   . HOH C 3 .   ? -1.620  -12.280 8.027   1.00 15.00 ? 322 HOH A O   1 
HETATM 1714 O O   . HOH C 3 .   ? -0.486  -17.605 8.779   1.00 15.00 ? 323 HOH A O   1 
HETATM 1715 O O   . HOH C 3 .   ? -15.150 11.599  -9.040  1.00 15.00 ? 324 HOH A O   1 
HETATM 1716 O O   . HOH C 3 .   ? -3.387  11.021  -11.756 1.00 15.00 ? 325 HOH A O   1 
HETATM 1717 O O   . HOH C 3 .   ? -0.629  -1.627  -21.544 1.00 15.00 ? 326 HOH A O   1 
HETATM 1718 O O   . HOH C 3 .   ? -14.026 8.826   13.320  1.00 15.00 ? 327 HOH A O   1 
HETATM 1719 O O   . HOH C 3 .   ? -13.939 -4.721  -6.353  1.00 15.00 ? 328 HOH A O   1 
HETATM 1720 O O   . HOH C 3 .   ? -12.078 5.079   12.539  1.00 15.00 ? 329 HOH A O   1 
HETATM 1721 O O   . HOH C 3 .   ? 1.410   -8.296  -1.980  1.00 15.00 ? 330 HOH A O   1 
HETATM 1722 O O   . HOH C 3 .   ? -6.641  -18.676 -9.562  1.00 15.00 ? 331 HOH A O   1 
HETATM 1723 O O   . HOH C 3 .   ? 1.460   -7.184  23.294  1.00 15.00 ? 332 HOH A O   1 
HETATM 1724 O O   . HOH C 3 .   ? 8.289   1.475   22.600  1.00 15.00 ? 333 HOH A O   1 
HETATM 1725 O O   . HOH C 3 .   ? 7.531   -0.302  24.721  1.00 15.00 ? 334 HOH A O   1 
HETATM 1726 O O   . HOH C 3 .   ? 11.462  3.512   -6.148  1.00 15.00 ? 335 HOH A O   1 
HETATM 1727 O O   . HOH C 3 .   ? -14.052 10.629  -1.929  1.00 15.00 ? 336 HOH A O   1 
HETATM 1728 O O   . HOH C 3 .   ? 0.027   14.412  -12.863 1.00 15.00 ? 337 HOH A O   1 
HETATM 1729 O O   . HOH C 3 .   ? -12.581 15.036  -12.854 1.00 15.00 ? 338 HOH A O   1 
HETATM 1730 O O   . HOH C 3 .   ? 2.044   1.054   -18.028 1.00 15.00 ? 339 HOH A O   1 
HETATM 1731 O O   . HOH C 3 .   ? -10.403 -10.138 -1.707  1.00 15.00 ? 340 HOH A O   1 
HETATM 1732 O O   . HOH C 3 .   ? -10.161 4.642   1.502   1.00 15.00 ? 341 HOH A O   1 
HETATM 1733 O O   . HOH C 3 .   ? -17.792 4.797   -2.099  1.00 15.00 ? 342 HOH A O   1 
HETATM 1734 O O   . HOH C 3 .   ? -13.188 1.602   7.305   1.00 15.00 ? 343 HOH A O   1 
HETATM 1735 O O   . HOH C 3 .   ? -15.478 4.227   7.640   1.00 15.00 ? 344 HOH A O   1 
HETATM 1736 O O   . HOH C 3 .   ? -6.958  8.438   15.056  1.00 15.00 ? 345 HOH A O   1 
HETATM 1737 O O   . HOH C 3 .   ? -5.036  -5.796  1.598   1.00 15.00 ? 346 HOH A O   1 
HETATM 1738 O O   . HOH C 3 .   ? 13.507  -7.220  -11.146 1.00 15.00 ? 347 HOH A O   1 
HETATM 1739 O O   . HOH C 3 .   ? 9.279   -5.613  18.214  1.00 15.00 ? 348 HOH A O   1 
HETATM 1740 O O   . HOH C 3 .   ? 11.763  0.610   20.008  1.00 15.00 ? 349 HOH A O   1 
HETATM 1741 O O   . HOH C 3 .   ? 17.464  -3.777  16.545  1.00 15.00 ? 350 HOH A O   1 
HETATM 1742 O O   . HOH C 3 .   ? 13.208  3.208   0.189   1.00 15.00 ? 351 HOH A O   1 
HETATM 1743 O O   . HOH C 3 .   ? 20.771  -3.031  -7.337  1.00 15.00 ? 352 HOH A O   1 
HETATM 1744 O O   . HOH C 3 .   ? 18.140  -0.181  10.623  1.00 15.00 ? 353 HOH A O   1 
HETATM 1745 O O   . HOH C 3 .   ? 13.124  -0.699  14.505  1.00 15.00 ? 354 HOH A O   1 
HETATM 1746 O O   . HOH C 3 .   ? 15.524  -11.724 8.308   1.00 15.00 ? 355 HOH A O   1 
HETATM 1747 O O   . HOH C 3 .   ? 16.126  -5.768  0.660   1.00 15.00 ? 356 HOH A O   1 
HETATM 1748 O O   . HOH C 3 .   ? -0.853  -23.096 6.005   1.00 15.00 ? 357 HOH A O   1 
HETATM 1749 O O   . HOH C 3 .   ? 3.768   9.332   23.429  1.00 15.00 ? 358 HOH A O   1 
HETATM 1750 O O   . HOH C 3 .   ? 12.268  4.015   19.371  1.00 15.00 ? 359 HOH A O   1 
HETATM 1751 O O   . HOH C 3 .   ? 4.241   13.405  7.230   1.00 15.00 ? 360 HOH A O   1 
HETATM 1752 O O   . HOH C 3 .   ? -2.747  15.020  -4.923  1.00 15.00 ? 361 HOH A O   1 
HETATM 1753 O O   . HOH C 3 .   ? 0.558   19.212  -5.160  1.00 15.00 ? 362 HOH A O   1 
HETATM 1754 O O   . HOH C 3 .   ? 7.907   5.286   -16.746 1.00 15.00 ? 363 HOH A O   1 
HETATM 1755 O O   . HOH C 3 .   ? 8.092   21.496  -4.339  1.00 15.00 ? 364 HOH A O   1 
HETATM 1756 O O   . HOH C 3 .   ? 0.282   15.200  -20.692 1.00 15.00 ? 365 HOH A O   1 
# 
